data_1HZT
# 
_entry.id   1HZT 
# 
_audit_conform.dict_name       mmcif_pdbx.dic 
_audit_conform.dict_version    5.387 
_audit_conform.dict_location   http://mmcif.pdb.org/dictionaries/ascii/mmcif_pdbx.dic 
# 
loop_
_database_2.database_id 
_database_2.database_code 
_database_2.pdbx_database_accession 
_database_2.pdbx_DOI 
PDB   1HZT         pdb_00001hzt 10.2210/pdb1hzt/pdb 
RCSB  RCSB012728   ?            ?                   
WWPDB D_1000012728 ?            ?                   
# 
loop_
_pdbx_audit_revision_history.ordinal 
_pdbx_audit_revision_history.data_content_type 
_pdbx_audit_revision_history.major_revision 
_pdbx_audit_revision_history.minor_revision 
_pdbx_audit_revision_history.revision_date 
1 'Structure model' 1 0 2001-07-26 
2 'Structure model' 1 1 2008-04-27 
3 'Structure model' 1 2 2011-07-13 
4 'Structure model' 1 3 2024-03-13 
# 
_pdbx_audit_revision_details.ordinal             1 
_pdbx_audit_revision_details.revision_ordinal    1 
_pdbx_audit_revision_details.data_content_type   'Structure model' 
_pdbx_audit_revision_details.provider            repository 
_pdbx_audit_revision_details.type                'Initial release' 
_pdbx_audit_revision_details.description         ? 
_pdbx_audit_revision_details.details             ? 
# 
loop_
_pdbx_audit_revision_group.ordinal 
_pdbx_audit_revision_group.revision_ordinal 
_pdbx_audit_revision_group.data_content_type 
_pdbx_audit_revision_group.group 
1 2 'Structure model' 'Version format compliance' 
2 3 'Structure model' 'Version format compliance' 
3 4 'Structure model' 'Data collection'           
4 4 'Structure model' 'Database references'       
# 
loop_
_pdbx_audit_revision_category.ordinal 
_pdbx_audit_revision_category.revision_ordinal 
_pdbx_audit_revision_category.data_content_type 
_pdbx_audit_revision_category.category 
1 4 'Structure model' chem_comp_atom     
2 4 'Structure model' chem_comp_bond     
3 4 'Structure model' database_2         
4 4 'Structure model' struct_ref_seq_dif 
# 
loop_
_pdbx_audit_revision_item.ordinal 
_pdbx_audit_revision_item.revision_ordinal 
_pdbx_audit_revision_item.data_content_type 
_pdbx_audit_revision_item.item 
1 4 'Structure model' '_database_2.pdbx_DOI'                
2 4 'Structure model' '_database_2.pdbx_database_accession' 
3 4 'Structure model' '_struct_ref_seq_dif.details'         
# 
_pdbx_database_status.status_code                     REL 
_pdbx_database_status.entry_id                        1HZT 
_pdbx_database_status.recvd_initial_deposition_date   2001-01-26 
_pdbx_database_status.deposit_site                    RCSB 
_pdbx_database_status.process_site                    PDBJ 
_pdbx_database_status.SG_entry                        . 
_pdbx_database_status.pdb_format_compatible           Y 
_pdbx_database_status.status_code_mr                  ? 
_pdbx_database_status.status_code_sf                  ? 
_pdbx_database_status.status_code_cs                  ? 
_pdbx_database_status.status_code_nmr_data            ? 
_pdbx_database_status.methods_development_category    ? 
# 
_pdbx_database_related.db_name        PDB 
_pdbx_database_related.db_id          1HX3 
_pdbx_database_related.details        '1HX3 contains metal-bound isopentenyl diphosphate delta-isomerase' 
_pdbx_database_related.content_type   unspecified 
# 
loop_
_audit_author.name 
_audit_author.pdbx_ordinal 
'Durbecq, V.'        1  
'Sainz, G.'          2  
'Oudjama, Y.'        3  
'Clantin, B.'        4  
'Bompard-Gilles, C.' 5  
'Tricot, C.'         6  
'Caillet, J.'        7  
'Stalon, V.'         8  
'Droogmans, L.'      9  
'Villeret, V.'       10 
# 
_citation.id                        primary 
_citation.title                     'Crystal structure of isopentenyl diphosphate:dimethylallyl diphosphate isomerase.' 
_citation.journal_abbrev            'Embo J.' 
_citation.journal_volume            20 
_citation.page_first                1530 
_citation.page_last                 1537 
_citation.year                      2001 
_citation.journal_id_ASTM           EMJODG 
_citation.country                   UK 
_citation.journal_id_ISSN           0261-4189 
_citation.journal_id_CSD            0897 
_citation.book_publisher            ? 
_citation.pdbx_database_id_PubMed   11285217 
_citation.pdbx_database_id_DOI      10.1093/emboj/20.7.1530 
# 
loop_
_citation_author.citation_id 
_citation_author.name 
_citation_author.ordinal 
_citation_author.identifier_ORCID 
primary 'Durbecq, V.'        1  ? 
primary 'Sainz, G.'          2  ? 
primary 'Oudjama, Y.'        3  ? 
primary 'Clantin, B.'        4  ? 
primary 'Bompard-Gilles, C.' 5  ? 
primary 'Tricot, C.'         6  ? 
primary 'Caillet, J.'        7  ? 
primary 'Stalon, V.'         8  ? 
primary 'Droogmans, L.'      9  ? 
primary 'Villeret, V.'       10 ? 
# 
loop_
_entity.id 
_entity.type 
_entity.src_method 
_entity.pdbx_description 
_entity.formula_weight 
_entity.pdbx_number_of_molecules 
_entity.pdbx_ec 
_entity.pdbx_mutation 
_entity.pdbx_fragment 
_entity.details 
1 polymer man 'ISOPENTENYL DIPHOSPHATE DELTA-ISOMERASE' 21602.385 1   5.3.3.2 ? ? ? 
2 water   nat water                                     18.015    165 ?       ? ? ? 
# 
_entity_name_com.entity_id   1 
_entity_name_com.name        'DIMETHYLALLYL DIPHOSPHATE ISOMERASE' 
# 
_entity_poly.entity_id                      1 
_entity_poly.type                           'polypeptide(L)' 
_entity_poly.nstd_linkage                   no 
_entity_poly.nstd_monomer                   no 
_entity_poly.pdbx_seq_one_letter_code       
;MQTEHVILLNAQGVPTGTLEKYAAHTADTRLHLAFSSWLFNAKGQLLVTRRALSKKAWPGVWTNSVCGHPQLGESNEDAV
IRRCRYELGVEITPPESIYPDFRYRATDPSGIVENEVCPVFAARTTSALQINDDEVMDYQWCDLADVLHGIDATPWAFSP
WMVMQATNREARKRLSAFTQLKLEHHHHHH
;
_entity_poly.pdbx_seq_one_letter_code_can   
;MQTEHVILLNAQGVPTGTLEKYAAHTADTRLHLAFSSWLFNAKGQLLVTRRALSKKAWPGVWTNSVCGHPQLGESNEDAV
IRRCRYELGVEITPPESIYPDFRYRATDPSGIVENEVCPVFAARTTSALQINDDEVMDYQWCDLADVLHGIDATPWAFSP
WMVMQATNREARKRLSAFTQLKLEHHHHHH
;
_entity_poly.pdbx_strand_id                 A 
_entity_poly.pdbx_target_identifier         ? 
# 
_pdbx_entity_nonpoly.entity_id   2 
_pdbx_entity_nonpoly.name        water 
_pdbx_entity_nonpoly.comp_id     HOH 
# 
loop_
_entity_poly_seq.entity_id 
_entity_poly_seq.num 
_entity_poly_seq.mon_id 
_entity_poly_seq.hetero 
1 1   MET n 
1 2   GLN n 
1 3   THR n 
1 4   GLU n 
1 5   HIS n 
1 6   VAL n 
1 7   ILE n 
1 8   LEU n 
1 9   LEU n 
1 10  ASN n 
1 11  ALA n 
1 12  GLN n 
1 13  GLY n 
1 14  VAL n 
1 15  PRO n 
1 16  THR n 
1 17  GLY n 
1 18  THR n 
1 19  LEU n 
1 20  GLU n 
1 21  LYS n 
1 22  TYR n 
1 23  ALA n 
1 24  ALA n 
1 25  HIS n 
1 26  THR n 
1 27  ALA n 
1 28  ASP n 
1 29  THR n 
1 30  ARG n 
1 31  LEU n 
1 32  HIS n 
1 33  LEU n 
1 34  ALA n 
1 35  PHE n 
1 36  SER n 
1 37  SER n 
1 38  TRP n 
1 39  LEU n 
1 40  PHE n 
1 41  ASN n 
1 42  ALA n 
1 43  LYS n 
1 44  GLY n 
1 45  GLN n 
1 46  LEU n 
1 47  LEU n 
1 48  VAL n 
1 49  THR n 
1 50  ARG n 
1 51  ARG n 
1 52  ALA n 
1 53  LEU n 
1 54  SER n 
1 55  LYS n 
1 56  LYS n 
1 57  ALA n 
1 58  TRP n 
1 59  PRO n 
1 60  GLY n 
1 61  VAL n 
1 62  TRP n 
1 63  THR n 
1 64  ASN n 
1 65  SER n 
1 66  VAL n 
1 67  CYS n 
1 68  GLY n 
1 69  HIS n 
1 70  PRO n 
1 71  GLN n 
1 72  LEU n 
1 73  GLY n 
1 74  GLU n 
1 75  SER n 
1 76  ASN n 
1 77  GLU n 
1 78  ASP n 
1 79  ALA n 
1 80  VAL n 
1 81  ILE n 
1 82  ARG n 
1 83  ARG n 
1 84  CYS n 
1 85  ARG n 
1 86  TYR n 
1 87  GLU n 
1 88  LEU n 
1 89  GLY n 
1 90  VAL n 
1 91  GLU n 
1 92  ILE n 
1 93  THR n 
1 94  PRO n 
1 95  PRO n 
1 96  GLU n 
1 97  SER n 
1 98  ILE n 
1 99  TYR n 
1 100 PRO n 
1 101 ASP n 
1 102 PHE n 
1 103 ARG n 
1 104 TYR n 
1 105 ARG n 
1 106 ALA n 
1 107 THR n 
1 108 ASP n 
1 109 PRO n 
1 110 SER n 
1 111 GLY n 
1 112 ILE n 
1 113 VAL n 
1 114 GLU n 
1 115 ASN n 
1 116 GLU n 
1 117 VAL n 
1 118 CYS n 
1 119 PRO n 
1 120 VAL n 
1 121 PHE n 
1 122 ALA n 
1 123 ALA n 
1 124 ARG n 
1 125 THR n 
1 126 THR n 
1 127 SER n 
1 128 ALA n 
1 129 LEU n 
1 130 GLN n 
1 131 ILE n 
1 132 ASN n 
1 133 ASP n 
1 134 ASP n 
1 135 GLU n 
1 136 VAL n 
1 137 MET n 
1 138 ASP n 
1 139 TYR n 
1 140 GLN n 
1 141 TRP n 
1 142 CYS n 
1 143 ASP n 
1 144 LEU n 
1 145 ALA n 
1 146 ASP n 
1 147 VAL n 
1 148 LEU n 
1 149 HIS n 
1 150 GLY n 
1 151 ILE n 
1 152 ASP n 
1 153 ALA n 
1 154 THR n 
1 155 PRO n 
1 156 TRP n 
1 157 ALA n 
1 158 PHE n 
1 159 SER n 
1 160 PRO n 
1 161 TRP n 
1 162 MET n 
1 163 VAL n 
1 164 MET n 
1 165 GLN n 
1 166 ALA n 
1 167 THR n 
1 168 ASN n 
1 169 ARG n 
1 170 GLU n 
1 171 ALA n 
1 172 ARG n 
1 173 LYS n 
1 174 ARG n 
1 175 LEU n 
1 176 SER n 
1 177 ALA n 
1 178 PHE n 
1 179 THR n 
1 180 GLN n 
1 181 LEU n 
1 182 LYS n 
1 183 LEU n 
1 184 GLU n 
1 185 HIS n 
1 186 HIS n 
1 187 HIS n 
1 188 HIS n 
1 189 HIS n 
1 190 HIS n 
# 
_entity_src_gen.entity_id                          1 
_entity_src_gen.pdbx_src_id                        1 
_entity_src_gen.pdbx_alt_source_flag               sample 
_entity_src_gen.pdbx_seq_type                      ? 
_entity_src_gen.pdbx_beg_seq_num                   ? 
_entity_src_gen.pdbx_end_seq_num                   ? 
_entity_src_gen.gene_src_common_name               ? 
_entity_src_gen.gene_src_genus                     Escherichia 
_entity_src_gen.pdbx_gene_src_gene                 IDI 
_entity_src_gen.gene_src_species                   ? 
_entity_src_gen.gene_src_strain                    ? 
_entity_src_gen.gene_src_tissue                    ? 
_entity_src_gen.gene_src_tissue_fraction           ? 
_entity_src_gen.gene_src_details                   ? 
_entity_src_gen.pdbx_gene_src_fragment             ? 
_entity_src_gen.pdbx_gene_src_scientific_name      'Escherichia coli' 
_entity_src_gen.pdbx_gene_src_ncbi_taxonomy_id     562 
_entity_src_gen.pdbx_gene_src_variant              ? 
_entity_src_gen.pdbx_gene_src_cell_line            ? 
_entity_src_gen.pdbx_gene_src_atcc                 ? 
_entity_src_gen.pdbx_gene_src_organ                ? 
_entity_src_gen.pdbx_gene_src_organelle            ? 
_entity_src_gen.pdbx_gene_src_cell                 ? 
_entity_src_gen.pdbx_gene_src_cellular_location    ? 
_entity_src_gen.host_org_common_name               ? 
_entity_src_gen.pdbx_host_org_scientific_name      'Escherichia coli BL21' 
_entity_src_gen.pdbx_host_org_ncbi_taxonomy_id     511693 
_entity_src_gen.host_org_genus                     Escherichia 
_entity_src_gen.pdbx_host_org_gene                 ? 
_entity_src_gen.pdbx_host_org_organ                ? 
_entity_src_gen.host_org_species                   'Escherichia coli' 
_entity_src_gen.pdbx_host_org_tissue               ? 
_entity_src_gen.pdbx_host_org_tissue_fraction      ? 
_entity_src_gen.pdbx_host_org_strain               BL21 
_entity_src_gen.pdbx_host_org_variant              ? 
_entity_src_gen.pdbx_host_org_cell_line            ? 
_entity_src_gen.pdbx_host_org_atcc                 ? 
_entity_src_gen.pdbx_host_org_culture_collection   ? 
_entity_src_gen.pdbx_host_org_cell                 ? 
_entity_src_gen.pdbx_host_org_organelle            ? 
_entity_src_gen.pdbx_host_org_cellular_location    ? 
_entity_src_gen.pdbx_host_org_vector_type          PLASMID 
_entity_src_gen.pdbx_host_org_vector               PET30B 
_entity_src_gen.host_org_details                   ? 
_entity_src_gen.expression_system_id               ? 
_entity_src_gen.plasmid_name                       PYL20 
_entity_src_gen.plasmid_details                    ? 
_entity_src_gen.pdbx_description                   ? 
# 
loop_
_chem_comp.id 
_chem_comp.type 
_chem_comp.mon_nstd_flag 
_chem_comp.name 
_chem_comp.pdbx_synonyms 
_chem_comp.formula 
_chem_comp.formula_weight 
ALA 'L-peptide linking' y ALANINE         ? 'C3 H7 N O2'     89.093  
ARG 'L-peptide linking' y ARGININE        ? 'C6 H15 N4 O2 1' 175.209 
ASN 'L-peptide linking' y ASPARAGINE      ? 'C4 H8 N2 O3'    132.118 
ASP 'L-peptide linking' y 'ASPARTIC ACID' ? 'C4 H7 N O4'     133.103 
CYS 'L-peptide linking' y CYSTEINE        ? 'C3 H7 N O2 S'   121.158 
GLN 'L-peptide linking' y GLUTAMINE       ? 'C5 H10 N2 O3'   146.144 
GLU 'L-peptide linking' y 'GLUTAMIC ACID' ? 'C5 H9 N O4'     147.129 
GLY 'peptide linking'   y GLYCINE         ? 'C2 H5 N O2'     75.067  
HIS 'L-peptide linking' y HISTIDINE       ? 'C6 H10 N3 O2 1' 156.162 
HOH non-polymer         . WATER           ? 'H2 O'           18.015  
ILE 'L-peptide linking' y ISOLEUCINE      ? 'C6 H13 N O2'    131.173 
LEU 'L-peptide linking' y LEUCINE         ? 'C6 H13 N O2'    131.173 
LYS 'L-peptide linking' y LYSINE          ? 'C6 H15 N2 O2 1' 147.195 
MET 'L-peptide linking' y METHIONINE      ? 'C5 H11 N O2 S'  149.211 
PHE 'L-peptide linking' y PHENYLALANINE   ? 'C9 H11 N O2'    165.189 
PRO 'L-peptide linking' y PROLINE         ? 'C5 H9 N O2'     115.130 
SER 'L-peptide linking' y SERINE          ? 'C3 H7 N O3'     105.093 
THR 'L-peptide linking' y THREONINE       ? 'C4 H9 N O3'     119.119 
TRP 'L-peptide linking' y TRYPTOPHAN      ? 'C11 H12 N2 O2'  204.225 
TYR 'L-peptide linking' y TYROSINE        ? 'C9 H11 N O3'    181.189 
VAL 'L-peptide linking' y VALINE          ? 'C5 H11 N O2'    117.146 
# 
loop_
_pdbx_poly_seq_scheme.asym_id 
_pdbx_poly_seq_scheme.entity_id 
_pdbx_poly_seq_scheme.seq_id 
_pdbx_poly_seq_scheme.mon_id 
_pdbx_poly_seq_scheme.ndb_seq_num 
_pdbx_poly_seq_scheme.pdb_seq_num 
_pdbx_poly_seq_scheme.auth_seq_num 
_pdbx_poly_seq_scheme.pdb_mon_id 
_pdbx_poly_seq_scheme.auth_mon_id 
_pdbx_poly_seq_scheme.pdb_strand_id 
_pdbx_poly_seq_scheme.pdb_ins_code 
_pdbx_poly_seq_scheme.hetero 
A 1 1   MET 1   1   ?   ?   ?   A . n 
A 1 2   GLN 2   2   ?   ?   ?   A . n 
A 1 3   THR 3   3   ?   ?   ?   A . n 
A 1 4   GLU 4   4   ?   ?   ?   A . n 
A 1 5   HIS 5   5   ?   ?   ?   A . n 
A 1 6   VAL 6   6   ?   ?   ?   A . n 
A 1 7   ILE 7   7   ?   ?   ?   A . n 
A 1 8   LEU 8   8   ?   ?   ?   A . n 
A 1 9   LEU 9   9   ?   ?   ?   A . n 
A 1 10  ASN 10  10  ?   ?   ?   A . n 
A 1 11  ALA 11  11  ?   ?   ?   A . n 
A 1 12  GLN 12  12  ?   ?   ?   A . n 
A 1 13  GLY 13  13  ?   ?   ?   A . n 
A 1 14  VAL 14  14  ?   ?   ?   A . n 
A 1 15  PRO 15  15  ?   ?   ?   A . n 
A 1 16  THR 16  16  ?   ?   ?   A . n 
A 1 17  GLY 17  17  ?   ?   ?   A . n 
A 1 18  THR 18  18  ?   ?   ?   A . n 
A 1 19  LEU 19  19  ?   ?   ?   A . n 
A 1 20  GLU 20  20  ?   ?   ?   A . n 
A 1 21  LYS 21  21  ?   ?   ?   A . n 
A 1 22  TYR 22  22  ?   ?   ?   A . n 
A 1 23  ALA 23  23  ?   ?   ?   A . n 
A 1 24  ALA 24  24  ?   ?   ?   A . n 
A 1 25  HIS 25  25  ?   ?   ?   A . n 
A 1 26  THR 26  26  ?   ?   ?   A . n 
A 1 27  ALA 27  27  ?   ?   ?   A . n 
A 1 28  ASP 28  28  ?   ?   ?   A . n 
A 1 29  THR 29  29  ?   ?   ?   A . n 
A 1 30  ARG 30  30  ?   ?   ?   A . n 
A 1 31  LEU 31  31  31  LEU LEU A . n 
A 1 32  HIS 32  32  32  HIS HIS A . n 
A 1 33  LEU 33  33  33  LEU LEU A . n 
A 1 34  ALA 34  34  34  ALA ALA A . n 
A 1 35  PHE 35  35  35  PHE PHE A . n 
A 1 36  SER 36  36  36  SER SER A . n 
A 1 37  SER 37  37  37  SER SER A . n 
A 1 38  TRP 38  38  38  TRP TRP A . n 
A 1 39  LEU 39  39  39  LEU LEU A . n 
A 1 40  PHE 40  40  40  PHE PHE A . n 
A 1 41  ASN 41  41  41  ASN ASN A . n 
A 1 42  ALA 42  42  42  ALA ALA A . n 
A 1 43  LYS 43  43  43  LYS LYS A . n 
A 1 44  GLY 44  44  44  GLY GLY A . n 
A 1 45  GLN 45  45  45  GLN GLN A . n 
A 1 46  LEU 46  46  46  LEU LEU A . n 
A 1 47  LEU 47  47  47  LEU LEU A . n 
A 1 48  VAL 48  48  48  VAL VAL A . n 
A 1 49  THR 49  49  49  THR THR A . n 
A 1 50  ARG 50  50  50  ARG ARG A . n 
A 1 51  ARG 51  51  51  ARG ARG A . n 
A 1 52  ALA 52  52  52  ALA ALA A . n 
A 1 53  LEU 53  53  53  LEU LEU A . n 
A 1 54  SER 54  54  54  SER SER A . n 
A 1 55  LYS 55  55  55  LYS LYS A . n 
A 1 56  LYS 56  56  56  LYS LYS A . n 
A 1 57  ALA 57  57  57  ALA ALA A . n 
A 1 58  TRP 58  58  58  TRP TRP A . n 
A 1 59  PRO 59  59  59  PRO PRO A . n 
A 1 60  GLY 60  60  60  GLY GLY A . n 
A 1 61  VAL 61  61  61  VAL VAL A . n 
A 1 62  TRP 62  62  62  TRP TRP A . n 
A 1 63  THR 63  63  63  THR THR A . n 
A 1 64  ASN 64  64  64  ASN ASN A . n 
A 1 65  SER 65  65  65  SER SER A . n 
A 1 66  VAL 66  66  66  VAL VAL A . n 
A 1 67  CYS 67  67  67  CYS CYS A . n 
A 1 68  GLY 68  68  68  GLY GLY A . n 
A 1 69  HIS 69  69  69  HIS HIS A . n 
A 1 70  PRO 70  70  70  PRO PRO A . n 
A 1 71  GLN 71  71  71  GLN GLN A . n 
A 1 72  LEU 72  72  72  LEU LEU A . n 
A 1 73  GLY 73  73  73  GLY GLY A . n 
A 1 74  GLU 74  74  74  GLU GLU A . n 
A 1 75  SER 75  75  75  SER SER A . n 
A 1 76  ASN 76  76  76  ASN ASN A . n 
A 1 77  GLU 77  77  77  GLU GLU A . n 
A 1 78  ASP 78  78  78  ASP ASP A . n 
A 1 79  ALA 79  79  79  ALA ALA A . n 
A 1 80  VAL 80  80  80  VAL VAL A . n 
A 1 81  ILE 81  81  81  ILE ILE A . n 
A 1 82  ARG 82  82  82  ARG ARG A . n 
A 1 83  ARG 83  83  83  ARG ARG A . n 
A 1 84  CYS 84  84  84  CYS CYS A . n 
A 1 85  ARG 85  85  85  ARG ARG A . n 
A 1 86  TYR 86  86  86  TYR TYR A . n 
A 1 87  GLU 87  87  87  GLU GLU A . n 
A 1 88  LEU 88  88  88  LEU LEU A . n 
A 1 89  GLY 89  89  89  GLY GLY A . n 
A 1 90  VAL 90  90  90  VAL VAL A . n 
A 1 91  GLU 91  91  91  GLU GLU A . n 
A 1 92  ILE 92  92  92  ILE ILE A . n 
A 1 93  THR 93  93  93  THR THR A . n 
A 1 94  PRO 94  94  94  PRO PRO A . n 
A 1 95  PRO 95  95  95  PRO PRO A . n 
A 1 96  GLU 96  96  96  GLU GLU A . n 
A 1 97  SER 97  97  97  SER SER A . n 
A 1 98  ILE 98  98  98  ILE ILE A . n 
A 1 99  TYR 99  99  99  TYR TYR A . n 
A 1 100 PRO 100 100 100 PRO PRO A . n 
A 1 101 ASP 101 101 101 ASP ASP A . n 
A 1 102 PHE 102 102 102 PHE PHE A . n 
A 1 103 ARG 103 103 103 ARG ARG A . n 
A 1 104 TYR 104 104 104 TYR TYR A . n 
A 1 105 ARG 105 105 105 ARG ARG A . n 
A 1 106 ALA 106 106 106 ALA ALA A . n 
A 1 107 THR 107 107 107 THR THR A . n 
A 1 108 ASP 108 108 108 ASP ASP A . n 
A 1 109 PRO 109 109 109 PRO PRO A . n 
A 1 110 SER 110 110 110 SER SER A . n 
A 1 111 GLY 111 111 111 GLY GLY A . n 
A 1 112 ILE 112 112 112 ILE ILE A . n 
A 1 113 VAL 113 113 113 VAL VAL A . n 
A 1 114 GLU 114 114 114 GLU GLU A . n 
A 1 115 ASN 115 115 115 ASN ASN A . n 
A 1 116 GLU 116 116 116 GLU GLU A . n 
A 1 117 VAL 117 117 117 VAL VAL A . n 
A 1 118 CYS 118 118 118 CYS CYS A . n 
A 1 119 PRO 119 119 119 PRO PRO A . n 
A 1 120 VAL 120 120 120 VAL VAL A . n 
A 1 121 PHE 121 121 121 PHE PHE A . n 
A 1 122 ALA 122 122 122 ALA ALA A . n 
A 1 123 ALA 123 123 123 ALA ALA A . n 
A 1 124 ARG 124 124 124 ARG ARG A . n 
A 1 125 THR 125 125 125 THR THR A . n 
A 1 126 THR 126 126 126 THR THR A . n 
A 1 127 SER 127 127 127 SER SER A . n 
A 1 128 ALA 128 128 128 ALA ALA A . n 
A 1 129 LEU 129 129 129 LEU LEU A . n 
A 1 130 GLN 130 130 130 GLN GLN A . n 
A 1 131 ILE 131 131 131 ILE ILE A . n 
A 1 132 ASN 132 132 132 ASN ASN A . n 
A 1 133 ASP 133 133 133 ASP ASP A . n 
A 1 134 ASP 134 134 134 ASP ASP A . n 
A 1 135 GLU 135 135 135 GLU GLU A . n 
A 1 136 VAL 136 136 136 VAL VAL A . n 
A 1 137 MET 137 137 137 MET MET A . n 
A 1 138 ASP 138 138 138 ASP ASP A . n 
A 1 139 TYR 139 139 139 TYR TYR A . n 
A 1 140 GLN 140 140 140 GLN GLN A . n 
A 1 141 TRP 141 141 141 TRP TRP A . n 
A 1 142 CYS 142 142 142 CYS CYS A . n 
A 1 143 ASP 143 143 143 ASP ASP A . n 
A 1 144 LEU 144 144 144 LEU LEU A . n 
A 1 145 ALA 145 145 145 ALA ALA A . n 
A 1 146 ASP 146 146 146 ASP ASP A . n 
A 1 147 VAL 147 147 147 VAL VAL A . n 
A 1 148 LEU 148 148 148 LEU LEU A . n 
A 1 149 HIS 149 149 149 HIS HIS A . n 
A 1 150 GLY 150 150 150 GLY GLY A . n 
A 1 151 ILE 151 151 151 ILE ILE A . n 
A 1 152 ASP 152 152 152 ASP ASP A . n 
A 1 153 ALA 153 153 153 ALA ALA A . n 
A 1 154 THR 154 154 154 THR THR A . n 
A 1 155 PRO 155 155 155 PRO PRO A . n 
A 1 156 TRP 156 156 156 TRP TRP A . n 
A 1 157 ALA 157 157 157 ALA ALA A . n 
A 1 158 PHE 158 158 158 PHE PHE A . n 
A 1 159 SER 159 159 159 SER SER A . n 
A 1 160 PRO 160 160 160 PRO PRO A . n 
A 1 161 TRP 161 161 161 TRP TRP A . n 
A 1 162 MET 162 162 162 MET MET A . n 
A 1 163 VAL 163 163 163 VAL VAL A . n 
A 1 164 MET 164 164 164 MET MET A . n 
A 1 165 GLN 165 165 165 GLN GLN A . n 
A 1 166 ALA 166 166 166 ALA ALA A . n 
A 1 167 THR 167 167 167 THR THR A . n 
A 1 168 ASN 168 168 168 ASN ASN A . n 
A 1 169 ARG 169 169 169 ARG ARG A . n 
A 1 170 GLU 170 170 170 GLU GLU A . n 
A 1 171 ALA 171 171 171 ALA ALA A . n 
A 1 172 ARG 172 172 172 ARG ARG A . n 
A 1 173 LYS 173 173 173 LYS LYS A . n 
A 1 174 ARG 174 174 174 ARG ARG A . n 
A 1 175 LEU 175 175 175 LEU LEU A . n 
A 1 176 SER 176 176 176 SER SER A . n 
A 1 177 ALA 177 177 177 ALA ALA A . n 
A 1 178 PHE 178 178 178 PHE PHE A . n 
A 1 179 THR 179 179 179 THR THR A . n 
A 1 180 GLN 180 180 180 GLN GLN A . n 
A 1 181 LEU 181 181 181 LEU LEU A . n 
A 1 182 LYS 182 182 182 LYS LYS A . n 
A 1 183 LEU 183 183 183 LEU LEU A . n 
A 1 184 GLU 184 184 ?   ?   ?   A . n 
A 1 185 HIS 185 185 ?   ?   ?   A . n 
A 1 186 HIS 186 186 ?   ?   ?   A . n 
A 1 187 HIS 187 187 ?   ?   ?   A . n 
A 1 188 HIS 188 188 ?   ?   ?   A . n 
A 1 189 HIS 189 189 ?   ?   ?   A . n 
A 1 190 HIS 190 190 ?   ?   ?   A . n 
# 
loop_
_pdbx_nonpoly_scheme.asym_id 
_pdbx_nonpoly_scheme.entity_id 
_pdbx_nonpoly_scheme.mon_id 
_pdbx_nonpoly_scheme.ndb_seq_num 
_pdbx_nonpoly_scheme.pdb_seq_num 
_pdbx_nonpoly_scheme.auth_seq_num 
_pdbx_nonpoly_scheme.pdb_mon_id 
_pdbx_nonpoly_scheme.auth_mon_id 
_pdbx_nonpoly_scheme.pdb_strand_id 
_pdbx_nonpoly_scheme.pdb_ins_code 
B 2 HOH 1   191 1   HOH TIP A . 
B 2 HOH 2   192 2   HOH TIP A . 
B 2 HOH 3   193 3   HOH TIP A . 
B 2 HOH 4   194 4   HOH TIP A . 
B 2 HOH 5   195 5   HOH TIP A . 
B 2 HOH 6   196 6   HOH TIP A . 
B 2 HOH 7   197 7   HOH TIP A . 
B 2 HOH 8   198 8   HOH TIP A . 
B 2 HOH 9   199 9   HOH TIP A . 
B 2 HOH 10  200 10  HOH TIP A . 
B 2 HOH 11  201 11  HOH TIP A . 
B 2 HOH 12  202 12  HOH TIP A . 
B 2 HOH 13  203 13  HOH TIP A . 
B 2 HOH 14  204 14  HOH TIP A . 
B 2 HOH 15  205 15  HOH TIP A . 
B 2 HOH 16  206 16  HOH TIP A . 
B 2 HOH 17  207 17  HOH TIP A . 
B 2 HOH 18  208 18  HOH TIP A . 
B 2 HOH 19  209 19  HOH TIP A . 
B 2 HOH 20  210 20  HOH TIP A . 
B 2 HOH 21  211 21  HOH TIP A . 
B 2 HOH 22  212 22  HOH TIP A . 
B 2 HOH 23  213 23  HOH TIP A . 
B 2 HOH 24  214 24  HOH TIP A . 
B 2 HOH 25  215 25  HOH TIP A . 
B 2 HOH 26  216 26  HOH TIP A . 
B 2 HOH 27  217 27  HOH TIP A . 
B 2 HOH 28  218 28  HOH TIP A . 
B 2 HOH 29  219 29  HOH TIP A . 
B 2 HOH 30  220 30  HOH TIP A . 
B 2 HOH 31  221 31  HOH TIP A . 
B 2 HOH 32  222 32  HOH TIP A . 
B 2 HOH 33  223 33  HOH TIP A . 
B 2 HOH 34  224 34  HOH TIP A . 
B 2 HOH 35  225 35  HOH TIP A . 
B 2 HOH 36  226 36  HOH TIP A . 
B 2 HOH 37  227 37  HOH TIP A . 
B 2 HOH 38  228 38  HOH TIP A . 
B 2 HOH 39  229 39  HOH TIP A . 
B 2 HOH 40  230 40  HOH TIP A . 
B 2 HOH 41  231 41  HOH TIP A . 
B 2 HOH 42  232 42  HOH TIP A . 
B 2 HOH 43  233 43  HOH TIP A . 
B 2 HOH 44  234 44  HOH TIP A . 
B 2 HOH 45  235 45  HOH TIP A . 
B 2 HOH 46  236 47  HOH TIP A . 
B 2 HOH 47  237 48  HOH TIP A . 
B 2 HOH 48  238 49  HOH TIP A . 
B 2 HOH 49  239 50  HOH TIP A . 
B 2 HOH 50  240 51  HOH TIP A . 
B 2 HOH 51  241 52  HOH TIP A . 
B 2 HOH 52  242 53  HOH TIP A . 
B 2 HOH 53  243 54  HOH TIP A . 
B 2 HOH 54  244 55  HOH TIP A . 
B 2 HOH 55  245 56  HOH TIP A . 
B 2 HOH 56  246 57  HOH TIP A . 
B 2 HOH 57  247 58  HOH TIP A . 
B 2 HOH 58  248 59  HOH TIP A . 
B 2 HOH 59  249 60  HOH TIP A . 
B 2 HOH 60  250 61  HOH TIP A . 
B 2 HOH 61  251 62  HOH TIP A . 
B 2 HOH 62  252 63  HOH TIP A . 
B 2 HOH 63  253 64  HOH TIP A . 
B 2 HOH 64  254 65  HOH TIP A . 
B 2 HOH 65  255 66  HOH TIP A . 
B 2 HOH 66  256 67  HOH TIP A . 
B 2 HOH 67  257 68  HOH TIP A . 
B 2 HOH 68  258 69  HOH TIP A . 
B 2 HOH 69  259 70  HOH TIP A . 
B 2 HOH 70  260 71  HOH TIP A . 
B 2 HOH 71  261 72  HOH TIP A . 
B 2 HOH 72  262 73  HOH TIP A . 
B 2 HOH 73  263 74  HOH TIP A . 
B 2 HOH 74  264 75  HOH TIP A . 
B 2 HOH 75  265 76  HOH TIP A . 
B 2 HOH 76  266 77  HOH TIP A . 
B 2 HOH 77  267 78  HOH TIP A . 
B 2 HOH 78  268 79  HOH TIP A . 
B 2 HOH 79  269 80  HOH TIP A . 
B 2 HOH 80  270 81  HOH TIP A . 
B 2 HOH 81  271 82  HOH TIP A . 
B 2 HOH 82  272 83  HOH TIP A . 
B 2 HOH 83  273 84  HOH TIP A . 
B 2 HOH 84  274 85  HOH TIP A . 
B 2 HOH 85  275 86  HOH TIP A . 
B 2 HOH 86  276 87  HOH TIP A . 
B 2 HOH 87  277 88  HOH TIP A . 
B 2 HOH 88  278 89  HOH TIP A . 
B 2 HOH 89  279 90  HOH TIP A . 
B 2 HOH 90  280 91  HOH TIP A . 
B 2 HOH 91  281 92  HOH TIP A . 
B 2 HOH 92  282 93  HOH TIP A . 
B 2 HOH 93  283 94  HOH TIP A . 
B 2 HOH 94  284 95  HOH TIP A . 
B 2 HOH 95  285 96  HOH TIP A . 
B 2 HOH 96  286 97  HOH TIP A . 
B 2 HOH 97  287 99  HOH TIP A . 
B 2 HOH 98  288 100 HOH TIP A . 
B 2 HOH 99  289 101 HOH TIP A . 
B 2 HOH 100 290 102 HOH TIP A . 
B 2 HOH 101 291 103 HOH TIP A . 
B 2 HOH 102 292 104 HOH TIP A . 
B 2 HOH 103 293 105 HOH TIP A . 
B 2 HOH 104 294 106 HOH TIP A . 
B 2 HOH 105 295 108 HOH TIP A . 
B 2 HOH 106 296 109 HOH TIP A . 
B 2 HOH 107 297 110 HOH TIP A . 
B 2 HOH 108 298 111 HOH TIP A . 
B 2 HOH 109 299 112 HOH TIP A . 
B 2 HOH 110 300 113 HOH TIP A . 
B 2 HOH 111 301 114 HOH TIP A . 
B 2 HOH 112 302 115 HOH TIP A . 
B 2 HOH 113 303 116 HOH TIP A . 
B 2 HOH 114 304 117 HOH TIP A . 
B 2 HOH 115 305 118 HOH TIP A . 
B 2 HOH 116 306 119 HOH TIP A . 
B 2 HOH 117 307 120 HOH TIP A . 
B 2 HOH 118 308 121 HOH TIP A . 
B 2 HOH 119 309 123 HOH TIP A . 
B 2 HOH 120 310 124 HOH TIP A . 
B 2 HOH 121 311 125 HOH TIP A . 
B 2 HOH 122 312 126 HOH TIP A . 
B 2 HOH 123 313 127 HOH TIP A . 
B 2 HOH 124 314 128 HOH TIP A . 
B 2 HOH 125 315 129 HOH TIP A . 
B 2 HOH 126 316 130 HOH TIP A . 
B 2 HOH 127 317 131 HOH TIP A . 
B 2 HOH 128 318 132 HOH TIP A . 
B 2 HOH 129 319 133 HOH TIP A . 
B 2 HOH 130 320 134 HOH TIP A . 
B 2 HOH 131 321 135 HOH TIP A . 
B 2 HOH 132 322 136 HOH TIP A . 
B 2 HOH 133 323 137 HOH TIP A . 
B 2 HOH 134 324 138 HOH TIP A . 
B 2 HOH 135 325 139 HOH TIP A . 
B 2 HOH 136 326 140 HOH TIP A . 
B 2 HOH 137 327 141 HOH TIP A . 
B 2 HOH 138 328 142 HOH TIP A . 
B 2 HOH 139 329 143 HOH TIP A . 
B 2 HOH 140 330 144 HOH TIP A . 
B 2 HOH 141 331 145 HOH TIP A . 
B 2 HOH 142 332 146 HOH TIP A . 
B 2 HOH 143 333 147 HOH TIP A . 
B 2 HOH 144 334 148 HOH TIP A . 
B 2 HOH 145 335 149 HOH TIP A . 
B 2 HOH 146 336 150 HOH TIP A . 
B 2 HOH 147 337 151 HOH TIP A . 
B 2 HOH 148 338 152 HOH TIP A . 
B 2 HOH 149 339 153 HOH TIP A . 
B 2 HOH 150 340 154 HOH TIP A . 
B 2 HOH 151 341 155 HOH TIP A . 
B 2 HOH 152 342 156 HOH TIP A . 
B 2 HOH 153 343 157 HOH TIP A . 
B 2 HOH 154 344 158 HOH TIP A . 
B 2 HOH 155 345 160 HOH TIP A . 
B 2 HOH 156 346 161 HOH TIP A . 
B 2 HOH 157 347 162 HOH TIP A . 
B 2 HOH 158 348 164 HOH TIP A . 
B 2 HOH 159 349 165 HOH TIP A . 
B 2 HOH 160 350 166 HOH TIP A . 
B 2 HOH 161 351 167 HOH TIP A . 
B 2 HOH 162 352 168 HOH TIP A . 
B 2 HOH 163 353 169 HOH TIP A . 
B 2 HOH 164 354 170 HOH TIP A . 
B 2 HOH 165 355 171 HOH TIP A . 
# 
loop_
_pdbx_unobs_or_zero_occ_atoms.id 
_pdbx_unobs_or_zero_occ_atoms.PDB_model_num 
_pdbx_unobs_or_zero_occ_atoms.polymer_flag 
_pdbx_unobs_or_zero_occ_atoms.occupancy_flag 
_pdbx_unobs_or_zero_occ_atoms.auth_asym_id 
_pdbx_unobs_or_zero_occ_atoms.auth_comp_id 
_pdbx_unobs_or_zero_occ_atoms.auth_seq_id 
_pdbx_unobs_or_zero_occ_atoms.PDB_ins_code 
_pdbx_unobs_or_zero_occ_atoms.auth_atom_id 
_pdbx_unobs_or_zero_occ_atoms.label_alt_id 
_pdbx_unobs_or_zero_occ_atoms.label_asym_id 
_pdbx_unobs_or_zero_occ_atoms.label_comp_id 
_pdbx_unobs_or_zero_occ_atoms.label_seq_id 
_pdbx_unobs_or_zero_occ_atoms.label_atom_id 
1  1 Y 0 A LEU 31  ? C   ? A LEU 31  C   
2  1 Y 0 A LEU 31  ? O   ? A LEU 31  O   
3  1 Y 0 A LEU 31  ? CG  ? A LEU 31  CG  
4  1 Y 0 A LEU 31  ? CD1 ? A LEU 31  CD1 
5  1 Y 0 A LEU 31  ? CD2 ? A LEU 31  CD2 
6  1 Y 0 A HIS 32  ? CB  ? A HIS 32  CB  
7  1 Y 0 A HIS 32  ? CG  ? A HIS 32  CG  
8  1 Y 0 A HIS 32  ? ND1 ? A HIS 32  ND1 
9  1 Y 0 A HIS 32  ? CD2 ? A HIS 32  CD2 
10 1 Y 0 A HIS 32  ? CE1 ? A HIS 32  CE1 
11 1 Y 0 A HIS 32  ? NE2 ? A HIS 32  NE2 
12 1 Y 0 A LEU 33  ? CD2 ? A LEU 33  CD2 
13 1 Y 0 A LYS 43  ? CE  ? A LYS 43  CE  
14 1 Y 0 A LYS 43  ? NZ  ? A LYS 43  NZ  
15 1 Y 0 A LYS 55  ? NZ  ? A LYS 55  NZ  
16 1 Y 0 A LYS 56  ? CB  ? A LYS 56  CB  
17 1 Y 0 A LYS 56  ? CG  ? A LYS 56  CG  
18 1 Y 0 A LYS 56  ? CD  ? A LYS 56  CD  
19 1 Y 0 A LYS 56  ? CE  ? A LYS 56  CE  
20 1 Y 0 A LYS 56  ? NZ  ? A LYS 56  NZ  
21 1 Y 0 A PRO 59  ? CG  ? A PRO 59  CG  
22 1 Y 0 A VAL 66  ? CG2 ? A VAL 66  CG2 
23 1 Y 0 A LEU 72  ? CG  ? A LEU 72  CG  
24 1 Y 0 A LEU 72  ? CD1 ? A LEU 72  CD1 
25 1 Y 0 A LEU 72  ? CD2 ? A LEU 72  CD2 
26 1 Y 0 A GLU 77  ? CG  ? A GLU 77  CG  
27 1 Y 0 A ARG 103 ? CG  ? A ARG 103 CG  
28 1 Y 0 A ARG 103 ? CD  ? A ARG 103 CD  
29 1 Y 0 A ARG 103 ? CZ  ? A ARG 103 CZ  
30 1 Y 0 A ARG 103 ? NH1 ? A ARG 103 NH1 
31 1 Y 0 A ARG 103 ? NH2 ? A ARG 103 NH2 
32 1 Y 0 A TYR 104 ? CB  ? A TYR 104 CB  
33 1 Y 0 A TYR 104 ? CE2 ? A TYR 104 CE2 
34 1 Y 0 A TYR 104 ? CZ  ? A TYR 104 CZ  
35 1 Y 0 A TYR 104 ? OH  ? A TYR 104 OH  
36 1 Y 0 A ARG 105 ? CG  ? A ARG 105 CG  
37 1 Y 0 A ARG 105 ? CD  ? A ARG 105 CD  
38 1 Y 0 A ARG 105 ? NE  ? A ARG 105 NE  
39 1 Y 0 A ARG 105 ? CZ  ? A ARG 105 CZ  
40 1 Y 0 A ARG 105 ? NH1 ? A ARG 105 NH1 
41 1 Y 0 A ARG 105 ? NH2 ? A ARG 105 NH2 
42 1 Y 0 A ALA 106 ? CB  ? A ALA 106 CB  
43 1 Y 0 A VAL 113 ? CA  ? A VAL 113 CA  
44 1 Y 0 A VAL 113 ? CB  ? A VAL 113 CB  
45 1 Y 0 A VAL 113 ? CG1 ? A VAL 113 CG1 
46 1 Y 0 A VAL 113 ? CG2 ? A VAL 113 CG2 
47 1 Y 0 A GLU 114 ? CB  ? A GLU 114 CB  
48 1 Y 0 A GLU 114 ? CG  ? A GLU 114 CG  
49 1 Y 0 A GLU 114 ? CD  ? A GLU 114 CD  
50 1 Y 0 A GLU 114 ? OE1 ? A GLU 114 OE1 
51 1 Y 0 A GLU 114 ? OE2 ? A GLU 114 OE2 
52 1 Y 0 A ASN 115 ? ND2 ? A ASN 115 ND2 
53 1 Y 0 A GLU 116 ? CG  ? A GLU 116 CG  
54 1 Y 0 A GLU 116 ? CD  ? A GLU 116 CD  
55 1 Y 0 A GLU 116 ? OE1 ? A GLU 116 OE1 
56 1 Y 0 A GLU 116 ? OE2 ? A GLU 116 OE2 
57 1 Y 0 A VAL 117 ? CG1 ? A VAL 117 CG1 
58 1 Y 0 A VAL 117 ? CG2 ? A VAL 117 CG2 
59 1 Y 0 A MET 164 ? CE  ? A MET 164 CE  
60 1 Y 0 A ARG 169 ? CD  ? A ARG 169 CD  
61 1 Y 0 A ARG 169 ? NE  ? A ARG 169 NE  
62 1 Y 0 A ARG 169 ? CZ  ? A ARG 169 CZ  
63 1 Y 0 A ARG 169 ? NH1 ? A ARG 169 NH1 
64 1 Y 0 A ARG 169 ? NH2 ? A ARG 169 NH2 
65 1 Y 0 A GLU 170 ? OE2 ? A GLU 170 OE2 
66 1 Y 0 A LYS 173 ? CE  ? A LYS 173 CE  
67 1 Y 0 A LYS 173 ? NZ  ? A LYS 173 NZ  
68 1 Y 0 A LEU 181 ? CD1 ? A LEU 181 CD1 
69 1 Y 0 A LEU 181 ? CD2 ? A LEU 181 CD2 
70 1 Y 0 A LYS 182 ? CE  ? A LYS 182 CE  
71 1 Y 0 A LYS 182 ? NZ  ? A LYS 182 NZ  
# 
loop_
_software.name 
_software.classification 
_software.version 
_software.citation_id 
_software.pdbx_ordinal 
SOLVE     phasing          .   ? 1 
MLPHARE   phasing          .   ? 2 
WARP      'model building' .   ? 3 
CNS       refinement       1.0 ? 4 
DENZO     'data reduction' .   ? 5 
SCALEPACK 'data scaling'   .   ? 6 
ARP/wARP  'model building' .   ? 7 
# 
_cell.entry_id           1HZT 
_cell.length_a           71.400 
_cell.length_b           71.400 
_cell.length_c           61.850 
_cell.angle_alpha        90.00 
_cell.angle_beta         90.00 
_cell.angle_gamma        120.00 
_cell.Z_PDB              6 
_cell.pdbx_unique_axis   ? 
# 
_symmetry.entry_id                         1HZT 
_symmetry.space_group_name_H-M             'P 32 2 1' 
_symmetry.pdbx_full_space_group_name_H-M   ? 
_symmetry.cell_setting                     ? 
_symmetry.Int_Tables_number                154 
# 
_exptl.entry_id          1HZT 
_exptl.method            'X-RAY DIFFRACTION' 
_exptl.crystals_number   1 
# 
_exptl_crystal.id                    1 
_exptl_crystal.density_meas          ? 
_exptl_crystal.density_Matthews      2.11 
_exptl_crystal.density_percent_sol   41.59 
_exptl_crystal.description           ? 
# 
_exptl_crystal_grow.crystal_id      1 
_exptl_crystal_grow.method          'VAPOR DIFFUSION, HANGING DROP' 
_exptl_crystal_grow.temp            293 
_exptl_crystal_grow.temp_details    ? 
_exptl_crystal_grow.pH              5.5 
_exptl_crystal_grow.pdbx_details    
'PEG2000 monomethylether, Tris, maleate, ammonium sulfate, glycerol, pH 5.5, VAPOR DIFFUSION, HANGING DROP, temperature 293K' 
_exptl_crystal_grow.pdbx_pH_range   . 
# 
loop_
_diffrn.id 
_diffrn.ambient_temp 
_diffrn.ambient_temp_details 
_diffrn.crystal_id 
1 100 ? 1 
2 ?   ? 1 
# 
loop_
_diffrn_detector.diffrn_id 
_diffrn_detector.detector 
_diffrn_detector.type 
_diffrn_detector.pdbx_collection_date 
_diffrn_detector.details 
1 CCD MARRESEARCH      2000-01-01 ? 
2 CCD 'ADSC QUANTUM 4' 2000-01-01 ? 
# 
_diffrn_radiation.diffrn_id                        1 
_diffrn_radiation.wavelength_id                    1 
_diffrn_radiation.pdbx_monochromatic_or_laue_m_l   M 
_diffrn_radiation.monochromator                    ? 
_diffrn_radiation.pdbx_diffrn_protocol             MAD 
_diffrn_radiation.pdbx_scattering_type             x-ray 
# 
loop_
_diffrn_radiation_wavelength.id 
_diffrn_radiation_wavelength.wavelength 
_diffrn_radiation_wavelength.wt 
1 0.97858 1.0 
2 0.97873 1.0 
3 0.93260 1.0 
# 
loop_
_diffrn_source.diffrn_id 
_diffrn_source.source 
_diffrn_source.type 
_diffrn_source.pdbx_synchrotron_site 
_diffrn_source.pdbx_synchrotron_beamline 
_diffrn_source.pdbx_wavelength 
_diffrn_source.pdbx_wavelength_list 
1 SYNCHROTRON 'ESRF BEAMLINE BM14'   ESRF BM14   ? '0.97858, 0.97873' 
2 SYNCHROTRON 'ESRF BEAMLINE ID14-2' ESRF ID14-2 ? 0.93260            
# 
_reflns.entry_id                     1HZT 
_reflns.observed_criterion_sigma_I   ? 
_reflns.observed_criterion_sigma_F   ? 
_reflns.d_resolution_low             ? 
_reflns.d_resolution_high            ? 
_reflns.number_obs                   ? 
_reflns.number_all                   ? 
_reflns.percent_possible_obs         ? 
_reflns.pdbx_Rmerge_I_obs            ? 
_reflns.pdbx_Rsym_value              ? 
_reflns.pdbx_netI_over_sigmaI        ? 
_reflns.B_iso_Wilson_estimate        20.1 
_reflns.pdbx_redundancy              ? 
_reflns.R_free_details               ? 
_reflns.limit_h_max                  ? 
_reflns.limit_h_min                  ? 
_reflns.limit_k_max                  ? 
_reflns.limit_k_min                  ? 
_reflns.limit_l_max                  ? 
_reflns.limit_l_min                  ? 
_reflns.observed_criterion_F_max     ? 
_reflns.observed_criterion_F_min     ? 
_reflns.pdbx_diffrn_id               1 
_reflns.pdbx_ordinal                 1 
# 
_refine.entry_id                                 1HZT 
_refine.ls_number_reflns_obs                     31943 
_refine.ls_number_reflns_all                     ? 
_refine.pdbx_ls_sigma_I                          ? 
_refine.pdbx_ls_sigma_F                          0.0 
_refine.pdbx_data_cutoff_high_absF               1072282.73 
_refine.pdbx_data_cutoff_low_absF                0.00 
_refine.ls_d_res_low                             23.37 
_refine.ls_d_res_high                            1.45 
_refine.ls_percent_reflns_obs                    97.9 
_refine.ls_R_factor_obs                          0.1920000 
_refine.ls_R_factor_all                          ? 
_refine.ls_R_factor_R_work                       0.1920000 
_refine.ls_R_factor_R_free                       0.2240000 
_refine.ls_R_factor_R_free_error                 0.006 
_refine.ls_R_factor_R_free_error_details         ? 
_refine.ls_percent_reflns_R_free                 5.1 
_refine.ls_number_reflns_R_free                  1617 
_refine.ls_number_parameters                     ? 
_refine.ls_number_restraints                     ? 
_refine.occupancy_min                            ? 
_refine.occupancy_max                            ? 
_refine.B_iso_mean                               23.2 
_refine.aniso_B[1][1]                            1.98 
_refine.aniso_B[2][2]                            1.98 
_refine.aniso_B[3][3]                            -3.96 
_refine.aniso_B[1][2]                            0.98 
_refine.aniso_B[1][3]                            0.00 
_refine.aniso_B[2][3]                            0.00 
_refine.solvent_model_details                    'FLAT MODEL' 
_refine.solvent_model_param_ksol                 0.355 
_refine.solvent_model_param_bsol                 86.90 
_refine.pdbx_ls_cross_valid_method               THROUGHOUT 
_refine.details                                  ? 
_refine.pdbx_starting_model                      ? 
_refine.pdbx_method_to_determine_struct          'AB INITIO PHASING' 
_refine.pdbx_isotropic_thermal_model             RESTRAINED 
_refine.pdbx_stereochemistry_target_values       ? 
_refine.pdbx_stereochem_target_val_spec_case     ? 
_refine.pdbx_R_Free_selection_details            RANDOM 
_refine.pdbx_overall_ESU_R_Free                  ? 
_refine.overall_SU_B                             ? 
_refine.ls_redundancy_reflns_obs                 ? 
_refine.B_iso_min                                ? 
_refine.B_iso_max                                ? 
_refine.correlation_coeff_Fo_to_Fc               ? 
_refine.correlation_coeff_Fo_to_Fc_free          ? 
_refine.overall_SU_R_Cruickshank_DPI             ? 
_refine.overall_SU_R_free                        ? 
_refine.overall_SU_ML                            ? 
_refine.pdbx_overall_ESU_R                       ? 
_refine.pdbx_data_cutoff_high_rms_absF           ? 
_refine.pdbx_refine_id                           'X-RAY DIFFRACTION' 
_refine.pdbx_diffrn_id                           1 
_refine.pdbx_TLS_residual_ADP_flag               ? 
_refine.pdbx_solvent_vdw_probe_radii             ? 
_refine.pdbx_solvent_ion_probe_radii             ? 
_refine.pdbx_solvent_shrinkage_radii             ? 
_refine.pdbx_overall_phase_error                 ? 
_refine.pdbx_overall_SU_R_free_Cruickshank_DPI   ? 
_refine.pdbx_overall_SU_R_Blow_DPI               ? 
_refine.pdbx_overall_SU_R_free_Blow_DPI          ? 
# 
_refine_analyze.entry_id                        1HZT 
_refine_analyze.Luzzati_coordinate_error_obs    0.18 
_refine_analyze.Luzzati_sigma_a_obs             0.13 
_refine_analyze.Luzzati_d_res_low_obs           5.00 
_refine_analyze.Luzzati_coordinate_error_free   0.19 
_refine_analyze.Luzzati_sigma_a_free            0.13 
_refine_analyze.Luzzati_d_res_low_free          ? 
_refine_analyze.number_disordered_residues      ? 
_refine_analyze.occupancy_sum_hydrogen          ? 
_refine_analyze.occupancy_sum_non_hydrogen      ? 
_refine_analyze.pdbx_Luzzati_d_res_high_obs     ? 
_refine_analyze.pdbx_refine_id                  'X-RAY DIFFRACTION' 
# 
_refine_hist.pdbx_refine_id                   'X-RAY DIFFRACTION' 
_refine_hist.cycle_id                         LAST 
_refine_hist.pdbx_number_atoms_protein        1223 
_refine_hist.pdbx_number_atoms_nucleic_acid   0 
_refine_hist.pdbx_number_atoms_ligand         0 
_refine_hist.number_atoms_solvent             165 
_refine_hist.number_atoms_total               1388 
_refine_hist.d_res_high                       1.45 
_refine_hist.d_res_low                        23.37 
# 
loop_
_refine_ls_restr.type 
_refine_ls_restr.dev_ideal 
_refine_ls_restr.dev_ideal_target 
_refine_ls_restr.weight 
_refine_ls_restr.number 
_refine_ls_restr.pdbx_refine_id 
_refine_ls_restr.pdbx_restraint_function 
c_bond_d                0.006 ? ? ? 'X-RAY DIFFRACTION' ? 
c_bond_d_na             ?     ? ? ? 'X-RAY DIFFRACTION' ? 
c_bond_d_prot           ?     ? ? ? 'X-RAY DIFFRACTION' ? 
c_angle_d               ?     ? ? ? 'X-RAY DIFFRACTION' ? 
c_angle_d_na            ?     ? ? ? 'X-RAY DIFFRACTION' ? 
c_angle_d_prot          ?     ? ? ? 'X-RAY DIFFRACTION' ? 
c_angle_deg             1.4   ? ? ? 'X-RAY DIFFRACTION' ? 
c_angle_deg_na          ?     ? ? ? 'X-RAY DIFFRACTION' ? 
c_angle_deg_prot        ?     ? ? ? 'X-RAY DIFFRACTION' ? 
c_dihedral_angle_d      23.1  ? ? ? 'X-RAY DIFFRACTION' ? 
c_dihedral_angle_d_na   ?     ? ? ? 'X-RAY DIFFRACTION' ? 
c_dihedral_angle_d_prot ?     ? ? ? 'X-RAY DIFFRACTION' ? 
c_improper_angle_d      0.64  ? ? ? 'X-RAY DIFFRACTION' ? 
c_improper_angle_d_na   ?     ? ? ? 'X-RAY DIFFRACTION' ? 
c_improper_angle_d_prot ?     ? ? ? 'X-RAY DIFFRACTION' ? 
c_mcbond_it             ?     ? ? ? 'X-RAY DIFFRACTION' ? 
c_mcangle_it            ?     ? ? ? 'X-RAY DIFFRACTION' ? 
c_scbond_it             ?     ? ? ? 'X-RAY DIFFRACTION' ? 
c_scangle_it            ?     ? ? ? 'X-RAY DIFFRACTION' ? 
# 
_refine_ls_shell.pdbx_total_number_of_bins_used   6 
_refine_ls_shell.d_res_high                       1.45 
_refine_ls_shell.d_res_low                        1.54 
_refine_ls_shell.number_reflns_R_work             5001 
_refine_ls_shell.R_factor_R_work                  0.2690000 
_refine_ls_shell.percent_reflns_obs               97.6 
_refine_ls_shell.R_factor_R_free                  0.2670000 
_refine_ls_shell.R_factor_R_free_error            0.016 
_refine_ls_shell.percent_reflns_R_free            5.2 
_refine_ls_shell.number_reflns_R_free             274 
_refine_ls_shell.number_reflns_obs                ? 
_refine_ls_shell.redundancy_reflns_obs            ? 
_refine_ls_shell.number_reflns_all                ? 
_refine_ls_shell.pdbx_refine_id                   'X-RAY DIFFRACTION' 
_refine_ls_shell.R_factor_all                     ? 
# 
loop_
_pdbx_xplor_file.serial_no 
_pdbx_xplor_file.param_file 
_pdbx_xplor_file.topol_file 
_pdbx_xplor_file.pdbx_refine_id 
1 PROTEIN_REP.PARAM PROTEIN.TOP 'X-RAY DIFFRACTION' 
2 WATER_REP.PARAM   ?           'X-RAY DIFFRACTION' 
# 
_struct.entry_id                  1HZT 
_struct.title                     'CRYSTAL STRUCTURE OF METAL-FREE ISOPENTENYL DIPHOSPHATE:DIMETHYLALLYL DIPHOSPHATE ISOMERASE' 
_struct.pdbx_model_details        ? 
_struct.pdbx_CASP_flag            ? 
_struct.pdbx_model_type_details   ? 
# 
_struct_keywords.entry_id        1HZT 
_struct_keywords.pdbx_keywords   ISOMERASE 
_struct_keywords.text            'isopentenyl, dimethylallyl, isoprenoids, isomerase' 
# 
loop_
_struct_asym.id 
_struct_asym.pdbx_blank_PDB_chainid_flag 
_struct_asym.pdbx_modified 
_struct_asym.entity_id 
_struct_asym.details 
A N N 1 ? 
B N N 2 ? 
# 
_struct_ref.id                         1 
_struct_ref.db_name                    UNP 
_struct_ref.db_code                    IDI_ECOLI 
_struct_ref.entity_id                  1 
_struct_ref.pdbx_seq_one_letter_code   
;MQTEHVILLNAQGVPTGTLEKYAAHTADTRLHLAFSSWLFNAKGQLLVTRRALSKKAWPGVWTNSVCGHPQLGESNEDAV
IRRCRYELGVEITPPESIYPDFRYRATDPSGIVENEVCPVFAARTTSALQINDDEVMDYQWCDLADVLHGIDATPWAFSP
WMVMQATNREARKRLSAFTQLK
;
_struct_ref.pdbx_align_begin           1 
_struct_ref.pdbx_db_accession          Q46822 
_struct_ref.pdbx_db_isoform            ? 
# 
_struct_ref_seq.align_id                      1 
_struct_ref_seq.ref_id                        1 
_struct_ref_seq.pdbx_PDB_id_code              1HZT 
_struct_ref_seq.pdbx_strand_id                A 
_struct_ref_seq.seq_align_beg                 1 
_struct_ref_seq.pdbx_seq_align_beg_ins_code   ? 
_struct_ref_seq.seq_align_end                 182 
_struct_ref_seq.pdbx_seq_align_end_ins_code   ? 
_struct_ref_seq.pdbx_db_accession             Q46822 
_struct_ref_seq.db_align_beg                  1 
_struct_ref_seq.pdbx_db_align_beg_ins_code    ? 
_struct_ref_seq.db_align_end                  182 
_struct_ref_seq.pdbx_db_align_end_ins_code    ? 
_struct_ref_seq.pdbx_auth_seq_align_beg       1 
_struct_ref_seq.pdbx_auth_seq_align_end       182 
# 
loop_
_struct_ref_seq_dif.align_id 
_struct_ref_seq_dif.pdbx_pdb_id_code 
_struct_ref_seq_dif.mon_id 
_struct_ref_seq_dif.pdbx_pdb_strand_id 
_struct_ref_seq_dif.seq_num 
_struct_ref_seq_dif.pdbx_pdb_ins_code 
_struct_ref_seq_dif.pdbx_seq_db_name 
_struct_ref_seq_dif.pdbx_seq_db_accession_code 
_struct_ref_seq_dif.db_mon_id 
_struct_ref_seq_dif.pdbx_seq_db_seq_num 
_struct_ref_seq_dif.details 
_struct_ref_seq_dif.pdbx_auth_seq_num 
_struct_ref_seq_dif.pdbx_ordinal 
1 1HZT LEU A 183 ? UNP Q46822 ? ? 'cloning artifact' 183 1 
1 1HZT GLU A 184 ? UNP Q46822 ? ? 'cloning artifact' 184 2 
1 1HZT HIS A 185 ? UNP Q46822 ? ? 'expression tag'   185 3 
1 1HZT HIS A 186 ? UNP Q46822 ? ? 'expression tag'   186 4 
1 1HZT HIS A 187 ? UNP Q46822 ? ? 'expression tag'   187 5 
1 1HZT HIS A 188 ? UNP Q46822 ? ? 'expression tag'   188 6 
1 1HZT HIS A 189 ? UNP Q46822 ? ? 'expression tag'   189 7 
1 1HZT HIS A 190 ? UNP Q46822 ? ? 'expression tag'   190 8 
# 
_pdbx_struct_assembly.id                   1 
_pdbx_struct_assembly.details              author_defined_assembly 
_pdbx_struct_assembly.method_details       ? 
_pdbx_struct_assembly.oligomeric_details   monomeric 
_pdbx_struct_assembly.oligomeric_count     1 
# 
_pdbx_struct_assembly_gen.assembly_id       1 
_pdbx_struct_assembly_gen.oper_expression   1 
_pdbx_struct_assembly_gen.asym_id_list      A,B 
# 
_pdbx_struct_oper_list.id                   1 
_pdbx_struct_oper_list.type                 'identity operation' 
_pdbx_struct_oper_list.name                 1_555 
_pdbx_struct_oper_list.symmetry_operation   x,y,z 
_pdbx_struct_oper_list.matrix[1][1]         1.0000000000 
_pdbx_struct_oper_list.matrix[1][2]         0.0000000000 
_pdbx_struct_oper_list.matrix[1][3]         0.0000000000 
_pdbx_struct_oper_list.vector[1]            0.0000000000 
_pdbx_struct_oper_list.matrix[2][1]         0.0000000000 
_pdbx_struct_oper_list.matrix[2][2]         1.0000000000 
_pdbx_struct_oper_list.matrix[2][3]         0.0000000000 
_pdbx_struct_oper_list.vector[2]            0.0000000000 
_pdbx_struct_oper_list.matrix[3][1]         0.0000000000 
_pdbx_struct_oper_list.matrix[3][2]         0.0000000000 
_pdbx_struct_oper_list.matrix[3][3]         1.0000000000 
_pdbx_struct_oper_list.vector[3]            0.0000000000 
# 
_struct_biol.id                    1 
_struct_biol.pdbx_parent_biol_id   ? 
_struct_biol.details               ? 
# 
loop_
_struct_conf.conf_type_id 
_struct_conf.id 
_struct_conf.pdbx_PDB_helix_id 
_struct_conf.beg_label_comp_id 
_struct_conf.beg_label_asym_id 
_struct_conf.beg_label_seq_id 
_struct_conf.pdbx_beg_PDB_ins_code 
_struct_conf.end_label_comp_id 
_struct_conf.end_label_asym_id 
_struct_conf.end_label_seq_id 
_struct_conf.pdbx_end_PDB_ins_code 
_struct_conf.beg_auth_comp_id 
_struct_conf.beg_auth_asym_id 
_struct_conf.beg_auth_seq_id 
_struct_conf.end_auth_comp_id 
_struct_conf.end_auth_asym_id 
_struct_conf.end_auth_seq_id 
_struct_conf.pdbx_PDB_helix_class 
_struct_conf.details 
_struct_conf.pdbx_PDB_helix_length 
HELX_P HELX_P1 1 SER A 75  ? GLY A 89  ? SER A 75  GLY A 89  1 ? 15 
HELX_P HELX_P2 2 ASP A 143 ? THR A 154 ? ASP A 143 THR A 154 1 ? 12 
HELX_P HELX_P3 3 PRO A 155 ? ALA A 157 ? PRO A 155 ALA A 157 5 ? 3  
HELX_P HELX_P4 4 SER A 159 ? ASN A 168 ? SER A 159 ASN A 168 1 ? 10 
HELX_P HELX_P5 5 ASN A 168 ? PHE A 178 ? ASN A 168 PHE A 178 1 ? 11 
# 
_struct_conf_type.id          HELX_P 
_struct_conf_type.criteria    ? 
_struct_conf_type.reference   ? 
# 
loop_
_struct_sheet.id 
_struct_sheet.type 
_struct_sheet.number_strands 
_struct_sheet.details 
A ? 3 ? 
B ? 4 ? 
C ? 3 ? 
# 
loop_
_struct_sheet_order.sheet_id 
_struct_sheet_order.range_id_1 
_struct_sheet_order.range_id_2 
_struct_sheet_order.offset 
_struct_sheet_order.sense 
A 1 2 ? parallel      
A 2 3 ? anti-parallel 
B 1 2 ? anti-parallel 
B 2 3 ? parallel      
B 3 4 ? anti-parallel 
C 1 2 ? anti-parallel 
C 2 3 ? anti-parallel 
# 
loop_
_struct_sheet_range.sheet_id 
_struct_sheet_range.id 
_struct_sheet_range.beg_label_comp_id 
_struct_sheet_range.beg_label_asym_id 
_struct_sheet_range.beg_label_seq_id 
_struct_sheet_range.pdbx_beg_PDB_ins_code 
_struct_sheet_range.end_label_comp_id 
_struct_sheet_range.end_label_asym_id 
_struct_sheet_range.end_label_seq_id 
_struct_sheet_range.pdbx_end_PDB_ins_code 
_struct_sheet_range.beg_auth_comp_id 
_struct_sheet_range.beg_auth_asym_id 
_struct_sheet_range.beg_auth_seq_id 
_struct_sheet_range.end_auth_comp_id 
_struct_sheet_range.end_auth_asym_id 
_struct_sheet_range.end_auth_seq_id 
A 1 HIS A 32  ? LEU A 33  ? HIS A 32  LEU A 33  
A 2 VAL A 113 ? VAL A 117 ? VAL A 113 VAL A 117 
A 3 ARG A 103 ? THR A 107 ? ARG A 103 THR A 107 
B 1 VAL A 66  ? GLY A 68  ? VAL A 66  GLY A 68  
B 2 PHE A 35  ? PHE A 40  ? PHE A 35  PHE A 40  
B 3 VAL A 120 ? ARG A 124 ? VAL A 120 ARG A 124 
B 4 GLU A 96  ? TYR A 99  ? GLU A 96  TYR A 99  
C 1 TRP A 62  ? ASN A 64  ? TRP A 62  ASN A 64  
C 2 LEU A 46  ? ARG A 51  ? LEU A 46  ARG A 51  
C 3 VAL A 136 ? CYS A 142 ? VAL A 136 CYS A 142 
# 
loop_
_pdbx_struct_sheet_hbond.sheet_id 
_pdbx_struct_sheet_hbond.range_id_1 
_pdbx_struct_sheet_hbond.range_id_2 
_pdbx_struct_sheet_hbond.range_1_label_atom_id 
_pdbx_struct_sheet_hbond.range_1_label_comp_id 
_pdbx_struct_sheet_hbond.range_1_label_asym_id 
_pdbx_struct_sheet_hbond.range_1_label_seq_id 
_pdbx_struct_sheet_hbond.range_1_PDB_ins_code 
_pdbx_struct_sheet_hbond.range_1_auth_atom_id 
_pdbx_struct_sheet_hbond.range_1_auth_comp_id 
_pdbx_struct_sheet_hbond.range_1_auth_asym_id 
_pdbx_struct_sheet_hbond.range_1_auth_seq_id 
_pdbx_struct_sheet_hbond.range_2_label_atom_id 
_pdbx_struct_sheet_hbond.range_2_label_comp_id 
_pdbx_struct_sheet_hbond.range_2_label_asym_id 
_pdbx_struct_sheet_hbond.range_2_label_seq_id 
_pdbx_struct_sheet_hbond.range_2_PDB_ins_code 
_pdbx_struct_sheet_hbond.range_2_auth_atom_id 
_pdbx_struct_sheet_hbond.range_2_auth_comp_id 
_pdbx_struct_sheet_hbond.range_2_auth_asym_id 
_pdbx_struct_sheet_hbond.range_2_auth_seq_id 
A 1 2 N HIS A 32  ? N HIS A 32  O ASN A 115 ? O ASN A 115 
A 2 3 N GLU A 116 ? N GLU A 116 O TYR A 104 ? O TYR A 104 
B 1 2 O GLY A 68  ? O GLY A 68  N PHE A 35  ? N PHE A 35  
B 2 3 O SER A 36  ? O SER A 36  N PHE A 121 ? N PHE A 121 
B 3 4 O ALA A 122 ? O ALA A 122 N GLU A 96  ? N GLU A 96  
C 1 2 N THR A 63  ? N THR A 63  O THR A 49  ? O THR A 49  
C 2 3 O ARG A 50  ? O ARG A 50  N MET A 137 ? N MET A 137 
# 
loop_
_pdbx_validate_torsion.id 
_pdbx_validate_torsion.PDB_model_num 
_pdbx_validate_torsion.auth_comp_id 
_pdbx_validate_torsion.auth_asym_id 
_pdbx_validate_torsion.auth_seq_id 
_pdbx_validate_torsion.PDB_ins_code 
_pdbx_validate_torsion.label_alt_id 
_pdbx_validate_torsion.phi 
_pdbx_validate_torsion.psi 
1 1 LEU A 72 ? ? -23.08  -63.79 
2 1 TYR A 99 ? ? -162.57 72.53  
# 
loop_
_pdbx_unobs_or_zero_occ_residues.id 
_pdbx_unobs_or_zero_occ_residues.PDB_model_num 
_pdbx_unobs_or_zero_occ_residues.polymer_flag 
_pdbx_unobs_or_zero_occ_residues.occupancy_flag 
_pdbx_unobs_or_zero_occ_residues.auth_asym_id 
_pdbx_unobs_or_zero_occ_residues.auth_comp_id 
_pdbx_unobs_or_zero_occ_residues.auth_seq_id 
_pdbx_unobs_or_zero_occ_residues.PDB_ins_code 
_pdbx_unobs_or_zero_occ_residues.label_asym_id 
_pdbx_unobs_or_zero_occ_residues.label_comp_id 
_pdbx_unobs_or_zero_occ_residues.label_seq_id 
1  1 Y 1 A MET 1   ? A MET 1   
2  1 Y 1 A GLN 2   ? A GLN 2   
3  1 Y 1 A THR 3   ? A THR 3   
4  1 Y 1 A GLU 4   ? A GLU 4   
5  1 Y 1 A HIS 5   ? A HIS 5   
6  1 Y 1 A VAL 6   ? A VAL 6   
7  1 Y 1 A ILE 7   ? A ILE 7   
8  1 Y 1 A LEU 8   ? A LEU 8   
9  1 Y 1 A LEU 9   ? A LEU 9   
10 1 Y 1 A ASN 10  ? A ASN 10  
11 1 Y 1 A ALA 11  ? A ALA 11  
12 1 Y 1 A GLN 12  ? A GLN 12  
13 1 Y 1 A GLY 13  ? A GLY 13  
14 1 Y 1 A VAL 14  ? A VAL 14  
15 1 Y 1 A PRO 15  ? A PRO 15  
16 1 Y 1 A THR 16  ? A THR 16  
17 1 Y 1 A GLY 17  ? A GLY 17  
18 1 Y 1 A THR 18  ? A THR 18  
19 1 Y 1 A LEU 19  ? A LEU 19  
20 1 Y 1 A GLU 20  ? A GLU 20  
21 1 Y 1 A LYS 21  ? A LYS 21  
22 1 Y 1 A TYR 22  ? A TYR 22  
23 1 Y 1 A ALA 23  ? A ALA 23  
24 1 Y 1 A ALA 24  ? A ALA 24  
25 1 Y 1 A HIS 25  ? A HIS 25  
26 1 Y 1 A THR 26  ? A THR 26  
27 1 Y 1 A ALA 27  ? A ALA 27  
28 1 Y 1 A ASP 28  ? A ASP 28  
29 1 Y 1 A THR 29  ? A THR 29  
30 1 Y 1 A ARG 30  ? A ARG 30  
31 1 Y 1 A GLU 184 ? A GLU 184 
32 1 Y 1 A HIS 185 ? A HIS 185 
33 1 Y 1 A HIS 186 ? A HIS 186 
34 1 Y 1 A HIS 187 ? A HIS 187 
35 1 Y 1 A HIS 188 ? A HIS 188 
36 1 Y 1 A HIS 189 ? A HIS 189 
37 1 Y 1 A HIS 190 ? A HIS 190 
# 
loop_
_chem_comp_atom.comp_id 
_chem_comp_atom.atom_id 
_chem_comp_atom.type_symbol 
_chem_comp_atom.pdbx_aromatic_flag 
_chem_comp_atom.pdbx_stereo_config 
_chem_comp_atom.pdbx_ordinal 
ALA N    N N N 1   
ALA CA   C N S 2   
ALA C    C N N 3   
ALA O    O N N 4   
ALA CB   C N N 5   
ALA OXT  O N N 6   
ALA H    H N N 7   
ALA H2   H N N 8   
ALA HA   H N N 9   
ALA HB1  H N N 10  
ALA HB2  H N N 11  
ALA HB3  H N N 12  
ALA HXT  H N N 13  
ARG N    N N N 14  
ARG CA   C N S 15  
ARG C    C N N 16  
ARG O    O N N 17  
ARG CB   C N N 18  
ARG CG   C N N 19  
ARG CD   C N N 20  
ARG NE   N N N 21  
ARG CZ   C N N 22  
ARG NH1  N N N 23  
ARG NH2  N N N 24  
ARG OXT  O N N 25  
ARG H    H N N 26  
ARG H2   H N N 27  
ARG HA   H N N 28  
ARG HB2  H N N 29  
ARG HB3  H N N 30  
ARG HG2  H N N 31  
ARG HG3  H N N 32  
ARG HD2  H N N 33  
ARG HD3  H N N 34  
ARG HE   H N N 35  
ARG HH11 H N N 36  
ARG HH12 H N N 37  
ARG HH21 H N N 38  
ARG HH22 H N N 39  
ARG HXT  H N N 40  
ASN N    N N N 41  
ASN CA   C N S 42  
ASN C    C N N 43  
ASN O    O N N 44  
ASN CB   C N N 45  
ASN CG   C N N 46  
ASN OD1  O N N 47  
ASN ND2  N N N 48  
ASN OXT  O N N 49  
ASN H    H N N 50  
ASN H2   H N N 51  
ASN HA   H N N 52  
ASN HB2  H N N 53  
ASN HB3  H N N 54  
ASN HD21 H N N 55  
ASN HD22 H N N 56  
ASN HXT  H N N 57  
ASP N    N N N 58  
ASP CA   C N S 59  
ASP C    C N N 60  
ASP O    O N N 61  
ASP CB   C N N 62  
ASP CG   C N N 63  
ASP OD1  O N N 64  
ASP OD2  O N N 65  
ASP OXT  O N N 66  
ASP H    H N N 67  
ASP H2   H N N 68  
ASP HA   H N N 69  
ASP HB2  H N N 70  
ASP HB3  H N N 71  
ASP HD2  H N N 72  
ASP HXT  H N N 73  
CYS N    N N N 74  
CYS CA   C N R 75  
CYS C    C N N 76  
CYS O    O N N 77  
CYS CB   C N N 78  
CYS SG   S N N 79  
CYS OXT  O N N 80  
CYS H    H N N 81  
CYS H2   H N N 82  
CYS HA   H N N 83  
CYS HB2  H N N 84  
CYS HB3  H N N 85  
CYS HG   H N N 86  
CYS HXT  H N N 87  
GLN N    N N N 88  
GLN CA   C N S 89  
GLN C    C N N 90  
GLN O    O N N 91  
GLN CB   C N N 92  
GLN CG   C N N 93  
GLN CD   C N N 94  
GLN OE1  O N N 95  
GLN NE2  N N N 96  
GLN OXT  O N N 97  
GLN H    H N N 98  
GLN H2   H N N 99  
GLN HA   H N N 100 
GLN HB2  H N N 101 
GLN HB3  H N N 102 
GLN HG2  H N N 103 
GLN HG3  H N N 104 
GLN HE21 H N N 105 
GLN HE22 H N N 106 
GLN HXT  H N N 107 
GLU N    N N N 108 
GLU CA   C N S 109 
GLU C    C N N 110 
GLU O    O N N 111 
GLU CB   C N N 112 
GLU CG   C N N 113 
GLU CD   C N N 114 
GLU OE1  O N N 115 
GLU OE2  O N N 116 
GLU OXT  O N N 117 
GLU H    H N N 118 
GLU H2   H N N 119 
GLU HA   H N N 120 
GLU HB2  H N N 121 
GLU HB3  H N N 122 
GLU HG2  H N N 123 
GLU HG3  H N N 124 
GLU HE2  H N N 125 
GLU HXT  H N N 126 
GLY N    N N N 127 
GLY CA   C N N 128 
GLY C    C N N 129 
GLY O    O N N 130 
GLY OXT  O N N 131 
GLY H    H N N 132 
GLY H2   H N N 133 
GLY HA2  H N N 134 
GLY HA3  H N N 135 
GLY HXT  H N N 136 
HIS N    N N N 137 
HIS CA   C N S 138 
HIS C    C N N 139 
HIS O    O N N 140 
HIS CB   C N N 141 
HIS CG   C Y N 142 
HIS ND1  N Y N 143 
HIS CD2  C Y N 144 
HIS CE1  C Y N 145 
HIS NE2  N Y N 146 
HIS OXT  O N N 147 
HIS H    H N N 148 
HIS H2   H N N 149 
HIS HA   H N N 150 
HIS HB2  H N N 151 
HIS HB3  H N N 152 
HIS HD1  H N N 153 
HIS HD2  H N N 154 
HIS HE1  H N N 155 
HIS HE2  H N N 156 
HIS HXT  H N N 157 
HOH O    O N N 158 
HOH H1   H N N 159 
HOH H2   H N N 160 
ILE N    N N N 161 
ILE CA   C N S 162 
ILE C    C N N 163 
ILE O    O N N 164 
ILE CB   C N S 165 
ILE CG1  C N N 166 
ILE CG2  C N N 167 
ILE CD1  C N N 168 
ILE OXT  O N N 169 
ILE H    H N N 170 
ILE H2   H N N 171 
ILE HA   H N N 172 
ILE HB   H N N 173 
ILE HG12 H N N 174 
ILE HG13 H N N 175 
ILE HG21 H N N 176 
ILE HG22 H N N 177 
ILE HG23 H N N 178 
ILE HD11 H N N 179 
ILE HD12 H N N 180 
ILE HD13 H N N 181 
ILE HXT  H N N 182 
LEU N    N N N 183 
LEU CA   C N S 184 
LEU C    C N N 185 
LEU O    O N N 186 
LEU CB   C N N 187 
LEU CG   C N N 188 
LEU CD1  C N N 189 
LEU CD2  C N N 190 
LEU OXT  O N N 191 
LEU H    H N N 192 
LEU H2   H N N 193 
LEU HA   H N N 194 
LEU HB2  H N N 195 
LEU HB3  H N N 196 
LEU HG   H N N 197 
LEU HD11 H N N 198 
LEU HD12 H N N 199 
LEU HD13 H N N 200 
LEU HD21 H N N 201 
LEU HD22 H N N 202 
LEU HD23 H N N 203 
LEU HXT  H N N 204 
LYS N    N N N 205 
LYS CA   C N S 206 
LYS C    C N N 207 
LYS O    O N N 208 
LYS CB   C N N 209 
LYS CG   C N N 210 
LYS CD   C N N 211 
LYS CE   C N N 212 
LYS NZ   N N N 213 
LYS OXT  O N N 214 
LYS H    H N N 215 
LYS H2   H N N 216 
LYS HA   H N N 217 
LYS HB2  H N N 218 
LYS HB3  H N N 219 
LYS HG2  H N N 220 
LYS HG3  H N N 221 
LYS HD2  H N N 222 
LYS HD3  H N N 223 
LYS HE2  H N N 224 
LYS HE3  H N N 225 
LYS HZ1  H N N 226 
LYS HZ2  H N N 227 
LYS HZ3  H N N 228 
LYS HXT  H N N 229 
MET N    N N N 230 
MET CA   C N S 231 
MET C    C N N 232 
MET O    O N N 233 
MET CB   C N N 234 
MET CG   C N N 235 
MET SD   S N N 236 
MET CE   C N N 237 
MET OXT  O N N 238 
MET H    H N N 239 
MET H2   H N N 240 
MET HA   H N N 241 
MET HB2  H N N 242 
MET HB3  H N N 243 
MET HG2  H N N 244 
MET HG3  H N N 245 
MET HE1  H N N 246 
MET HE2  H N N 247 
MET HE3  H N N 248 
MET HXT  H N N 249 
PHE N    N N N 250 
PHE CA   C N S 251 
PHE C    C N N 252 
PHE O    O N N 253 
PHE CB   C N N 254 
PHE CG   C Y N 255 
PHE CD1  C Y N 256 
PHE CD2  C Y N 257 
PHE CE1  C Y N 258 
PHE CE2  C Y N 259 
PHE CZ   C Y N 260 
PHE OXT  O N N 261 
PHE H    H N N 262 
PHE H2   H N N 263 
PHE HA   H N N 264 
PHE HB2  H N N 265 
PHE HB3  H N N 266 
PHE HD1  H N N 267 
PHE HD2  H N N 268 
PHE HE1  H N N 269 
PHE HE2  H N N 270 
PHE HZ   H N N 271 
PHE HXT  H N N 272 
PRO N    N N N 273 
PRO CA   C N S 274 
PRO C    C N N 275 
PRO O    O N N 276 
PRO CB   C N N 277 
PRO CG   C N N 278 
PRO CD   C N N 279 
PRO OXT  O N N 280 
PRO H    H N N 281 
PRO HA   H N N 282 
PRO HB2  H N N 283 
PRO HB3  H N N 284 
PRO HG2  H N N 285 
PRO HG3  H N N 286 
PRO HD2  H N N 287 
PRO HD3  H N N 288 
PRO HXT  H N N 289 
SER N    N N N 290 
SER CA   C N S 291 
SER C    C N N 292 
SER O    O N N 293 
SER CB   C N N 294 
SER OG   O N N 295 
SER OXT  O N N 296 
SER H    H N N 297 
SER H2   H N N 298 
SER HA   H N N 299 
SER HB2  H N N 300 
SER HB3  H N N 301 
SER HG   H N N 302 
SER HXT  H N N 303 
THR N    N N N 304 
THR CA   C N S 305 
THR C    C N N 306 
THR O    O N N 307 
THR CB   C N R 308 
THR OG1  O N N 309 
THR CG2  C N N 310 
THR OXT  O N N 311 
THR H    H N N 312 
THR H2   H N N 313 
THR HA   H N N 314 
THR HB   H N N 315 
THR HG1  H N N 316 
THR HG21 H N N 317 
THR HG22 H N N 318 
THR HG23 H N N 319 
THR HXT  H N N 320 
TRP N    N N N 321 
TRP CA   C N S 322 
TRP C    C N N 323 
TRP O    O N N 324 
TRP CB   C N N 325 
TRP CG   C Y N 326 
TRP CD1  C Y N 327 
TRP CD2  C Y N 328 
TRP NE1  N Y N 329 
TRP CE2  C Y N 330 
TRP CE3  C Y N 331 
TRP CZ2  C Y N 332 
TRP CZ3  C Y N 333 
TRP CH2  C Y N 334 
TRP OXT  O N N 335 
TRP H    H N N 336 
TRP H2   H N N 337 
TRP HA   H N N 338 
TRP HB2  H N N 339 
TRP HB3  H N N 340 
TRP HD1  H N N 341 
TRP HE1  H N N 342 
TRP HE3  H N N 343 
TRP HZ2  H N N 344 
TRP HZ3  H N N 345 
TRP HH2  H N N 346 
TRP HXT  H N N 347 
TYR N    N N N 348 
TYR CA   C N S 349 
TYR C    C N N 350 
TYR O    O N N 351 
TYR CB   C N N 352 
TYR CG   C Y N 353 
TYR CD1  C Y N 354 
TYR CD2  C Y N 355 
TYR CE1  C Y N 356 
TYR CE2  C Y N 357 
TYR CZ   C Y N 358 
TYR OH   O N N 359 
TYR OXT  O N N 360 
TYR H    H N N 361 
TYR H2   H N N 362 
TYR HA   H N N 363 
TYR HB2  H N N 364 
TYR HB3  H N N 365 
TYR HD1  H N N 366 
TYR HD2  H N N 367 
TYR HE1  H N N 368 
TYR HE2  H N N 369 
TYR HH   H N N 370 
TYR HXT  H N N 371 
VAL N    N N N 372 
VAL CA   C N S 373 
VAL C    C N N 374 
VAL O    O N N 375 
VAL CB   C N N 376 
VAL CG1  C N N 377 
VAL CG2  C N N 378 
VAL OXT  O N N 379 
VAL H    H N N 380 
VAL H2   H N N 381 
VAL HA   H N N 382 
VAL HB   H N N 383 
VAL HG11 H N N 384 
VAL HG12 H N N 385 
VAL HG13 H N N 386 
VAL HG21 H N N 387 
VAL HG22 H N N 388 
VAL HG23 H N N 389 
VAL HXT  H N N 390 
# 
loop_
_chem_comp_bond.comp_id 
_chem_comp_bond.atom_id_1 
_chem_comp_bond.atom_id_2 
_chem_comp_bond.value_order 
_chem_comp_bond.pdbx_aromatic_flag 
_chem_comp_bond.pdbx_stereo_config 
_chem_comp_bond.pdbx_ordinal 
ALA N   CA   sing N N 1   
ALA N   H    sing N N 2   
ALA N   H2   sing N N 3   
ALA CA  C    sing N N 4   
ALA CA  CB   sing N N 5   
ALA CA  HA   sing N N 6   
ALA C   O    doub N N 7   
ALA C   OXT  sing N N 8   
ALA CB  HB1  sing N N 9   
ALA CB  HB2  sing N N 10  
ALA CB  HB3  sing N N 11  
ALA OXT HXT  sing N N 12  
ARG N   CA   sing N N 13  
ARG N   H    sing N N 14  
ARG N   H2   sing N N 15  
ARG CA  C    sing N N 16  
ARG CA  CB   sing N N 17  
ARG CA  HA   sing N N 18  
ARG C   O    doub N N 19  
ARG C   OXT  sing N N 20  
ARG CB  CG   sing N N 21  
ARG CB  HB2  sing N N 22  
ARG CB  HB3  sing N N 23  
ARG CG  CD   sing N N 24  
ARG CG  HG2  sing N N 25  
ARG CG  HG3  sing N N 26  
ARG CD  NE   sing N N 27  
ARG CD  HD2  sing N N 28  
ARG CD  HD3  sing N N 29  
ARG NE  CZ   sing N N 30  
ARG NE  HE   sing N N 31  
ARG CZ  NH1  sing N N 32  
ARG CZ  NH2  doub N N 33  
ARG NH1 HH11 sing N N 34  
ARG NH1 HH12 sing N N 35  
ARG NH2 HH21 sing N N 36  
ARG NH2 HH22 sing N N 37  
ARG OXT HXT  sing N N 38  
ASN N   CA   sing N N 39  
ASN N   H    sing N N 40  
ASN N   H2   sing N N 41  
ASN CA  C    sing N N 42  
ASN CA  CB   sing N N 43  
ASN CA  HA   sing N N 44  
ASN C   O    doub N N 45  
ASN C   OXT  sing N N 46  
ASN CB  CG   sing N N 47  
ASN CB  HB2  sing N N 48  
ASN CB  HB3  sing N N 49  
ASN CG  OD1  doub N N 50  
ASN CG  ND2  sing N N 51  
ASN ND2 HD21 sing N N 52  
ASN ND2 HD22 sing N N 53  
ASN OXT HXT  sing N N 54  
ASP N   CA   sing N N 55  
ASP N   H    sing N N 56  
ASP N   H2   sing N N 57  
ASP CA  C    sing N N 58  
ASP CA  CB   sing N N 59  
ASP CA  HA   sing N N 60  
ASP C   O    doub N N 61  
ASP C   OXT  sing N N 62  
ASP CB  CG   sing N N 63  
ASP CB  HB2  sing N N 64  
ASP CB  HB3  sing N N 65  
ASP CG  OD1  doub N N 66  
ASP CG  OD2  sing N N 67  
ASP OD2 HD2  sing N N 68  
ASP OXT HXT  sing N N 69  
CYS N   CA   sing N N 70  
CYS N   H    sing N N 71  
CYS N   H2   sing N N 72  
CYS CA  C    sing N N 73  
CYS CA  CB   sing N N 74  
CYS CA  HA   sing N N 75  
CYS C   O    doub N N 76  
CYS C   OXT  sing N N 77  
CYS CB  SG   sing N N 78  
CYS CB  HB2  sing N N 79  
CYS CB  HB3  sing N N 80  
CYS SG  HG   sing N N 81  
CYS OXT HXT  sing N N 82  
GLN N   CA   sing N N 83  
GLN N   H    sing N N 84  
GLN N   H2   sing N N 85  
GLN CA  C    sing N N 86  
GLN CA  CB   sing N N 87  
GLN CA  HA   sing N N 88  
GLN C   O    doub N N 89  
GLN C   OXT  sing N N 90  
GLN CB  CG   sing N N 91  
GLN CB  HB2  sing N N 92  
GLN CB  HB3  sing N N 93  
GLN CG  CD   sing N N 94  
GLN CG  HG2  sing N N 95  
GLN CG  HG3  sing N N 96  
GLN CD  OE1  doub N N 97  
GLN CD  NE2  sing N N 98  
GLN NE2 HE21 sing N N 99  
GLN NE2 HE22 sing N N 100 
GLN OXT HXT  sing N N 101 
GLU N   CA   sing N N 102 
GLU N   H    sing N N 103 
GLU N   H2   sing N N 104 
GLU CA  C    sing N N 105 
GLU CA  CB   sing N N 106 
GLU CA  HA   sing N N 107 
GLU C   O    doub N N 108 
GLU C   OXT  sing N N 109 
GLU CB  CG   sing N N 110 
GLU CB  HB2  sing N N 111 
GLU CB  HB3  sing N N 112 
GLU CG  CD   sing N N 113 
GLU CG  HG2  sing N N 114 
GLU CG  HG3  sing N N 115 
GLU CD  OE1  doub N N 116 
GLU CD  OE2  sing N N 117 
GLU OE2 HE2  sing N N 118 
GLU OXT HXT  sing N N 119 
GLY N   CA   sing N N 120 
GLY N   H    sing N N 121 
GLY N   H2   sing N N 122 
GLY CA  C    sing N N 123 
GLY CA  HA2  sing N N 124 
GLY CA  HA3  sing N N 125 
GLY C   O    doub N N 126 
GLY C   OXT  sing N N 127 
GLY OXT HXT  sing N N 128 
HIS N   CA   sing N N 129 
HIS N   H    sing N N 130 
HIS N   H2   sing N N 131 
HIS CA  C    sing N N 132 
HIS CA  CB   sing N N 133 
HIS CA  HA   sing N N 134 
HIS C   O    doub N N 135 
HIS C   OXT  sing N N 136 
HIS CB  CG   sing N N 137 
HIS CB  HB2  sing N N 138 
HIS CB  HB3  sing N N 139 
HIS CG  ND1  sing Y N 140 
HIS CG  CD2  doub Y N 141 
HIS ND1 CE1  doub Y N 142 
HIS ND1 HD1  sing N N 143 
HIS CD2 NE2  sing Y N 144 
HIS CD2 HD2  sing N N 145 
HIS CE1 NE2  sing Y N 146 
HIS CE1 HE1  sing N N 147 
HIS NE2 HE2  sing N N 148 
HIS OXT HXT  sing N N 149 
HOH O   H1   sing N N 150 
HOH O   H2   sing N N 151 
ILE N   CA   sing N N 152 
ILE N   H    sing N N 153 
ILE N   H2   sing N N 154 
ILE CA  C    sing N N 155 
ILE CA  CB   sing N N 156 
ILE CA  HA   sing N N 157 
ILE C   O    doub N N 158 
ILE C   OXT  sing N N 159 
ILE CB  CG1  sing N N 160 
ILE CB  CG2  sing N N 161 
ILE CB  HB   sing N N 162 
ILE CG1 CD1  sing N N 163 
ILE CG1 HG12 sing N N 164 
ILE CG1 HG13 sing N N 165 
ILE CG2 HG21 sing N N 166 
ILE CG2 HG22 sing N N 167 
ILE CG2 HG23 sing N N 168 
ILE CD1 HD11 sing N N 169 
ILE CD1 HD12 sing N N 170 
ILE CD1 HD13 sing N N 171 
ILE OXT HXT  sing N N 172 
LEU N   CA   sing N N 173 
LEU N   H    sing N N 174 
LEU N   H2   sing N N 175 
LEU CA  C    sing N N 176 
LEU CA  CB   sing N N 177 
LEU CA  HA   sing N N 178 
LEU C   O    doub N N 179 
LEU C   OXT  sing N N 180 
LEU CB  CG   sing N N 181 
LEU CB  HB2  sing N N 182 
LEU CB  HB3  sing N N 183 
LEU CG  CD1  sing N N 184 
LEU CG  CD2  sing N N 185 
LEU CG  HG   sing N N 186 
LEU CD1 HD11 sing N N 187 
LEU CD1 HD12 sing N N 188 
LEU CD1 HD13 sing N N 189 
LEU CD2 HD21 sing N N 190 
LEU CD2 HD22 sing N N 191 
LEU CD2 HD23 sing N N 192 
LEU OXT HXT  sing N N 193 
LYS N   CA   sing N N 194 
LYS N   H    sing N N 195 
LYS N   H2   sing N N 196 
LYS CA  C    sing N N 197 
LYS CA  CB   sing N N 198 
LYS CA  HA   sing N N 199 
LYS C   O    doub N N 200 
LYS C   OXT  sing N N 201 
LYS CB  CG   sing N N 202 
LYS CB  HB2  sing N N 203 
LYS CB  HB3  sing N N 204 
LYS CG  CD   sing N N 205 
LYS CG  HG2  sing N N 206 
LYS CG  HG3  sing N N 207 
LYS CD  CE   sing N N 208 
LYS CD  HD2  sing N N 209 
LYS CD  HD3  sing N N 210 
LYS CE  NZ   sing N N 211 
LYS CE  HE2  sing N N 212 
LYS CE  HE3  sing N N 213 
LYS NZ  HZ1  sing N N 214 
LYS NZ  HZ2  sing N N 215 
LYS NZ  HZ3  sing N N 216 
LYS OXT HXT  sing N N 217 
MET N   CA   sing N N 218 
MET N   H    sing N N 219 
MET N   H2   sing N N 220 
MET CA  C    sing N N 221 
MET CA  CB   sing N N 222 
MET CA  HA   sing N N 223 
MET C   O    doub N N 224 
MET C   OXT  sing N N 225 
MET CB  CG   sing N N 226 
MET CB  HB2  sing N N 227 
MET CB  HB3  sing N N 228 
MET CG  SD   sing N N 229 
MET CG  HG2  sing N N 230 
MET CG  HG3  sing N N 231 
MET SD  CE   sing N N 232 
MET CE  HE1  sing N N 233 
MET CE  HE2  sing N N 234 
MET CE  HE3  sing N N 235 
MET OXT HXT  sing N N 236 
PHE N   CA   sing N N 237 
PHE N   H    sing N N 238 
PHE N   H2   sing N N 239 
PHE CA  C    sing N N 240 
PHE CA  CB   sing N N 241 
PHE CA  HA   sing N N 242 
PHE C   O    doub N N 243 
PHE C   OXT  sing N N 244 
PHE CB  CG   sing N N 245 
PHE CB  HB2  sing N N 246 
PHE CB  HB3  sing N N 247 
PHE CG  CD1  doub Y N 248 
PHE CG  CD2  sing Y N 249 
PHE CD1 CE1  sing Y N 250 
PHE CD1 HD1  sing N N 251 
PHE CD2 CE2  doub Y N 252 
PHE CD2 HD2  sing N N 253 
PHE CE1 CZ   doub Y N 254 
PHE CE1 HE1  sing N N 255 
PHE CE2 CZ   sing Y N 256 
PHE CE2 HE2  sing N N 257 
PHE CZ  HZ   sing N N 258 
PHE OXT HXT  sing N N 259 
PRO N   CA   sing N N 260 
PRO N   CD   sing N N 261 
PRO N   H    sing N N 262 
PRO CA  C    sing N N 263 
PRO CA  CB   sing N N 264 
PRO CA  HA   sing N N 265 
PRO C   O    doub N N 266 
PRO C   OXT  sing N N 267 
PRO CB  CG   sing N N 268 
PRO CB  HB2  sing N N 269 
PRO CB  HB3  sing N N 270 
PRO CG  CD   sing N N 271 
PRO CG  HG2  sing N N 272 
PRO CG  HG3  sing N N 273 
PRO CD  HD2  sing N N 274 
PRO CD  HD3  sing N N 275 
PRO OXT HXT  sing N N 276 
SER N   CA   sing N N 277 
SER N   H    sing N N 278 
SER N   H2   sing N N 279 
SER CA  C    sing N N 280 
SER CA  CB   sing N N 281 
SER CA  HA   sing N N 282 
SER C   O    doub N N 283 
SER C   OXT  sing N N 284 
SER CB  OG   sing N N 285 
SER CB  HB2  sing N N 286 
SER CB  HB3  sing N N 287 
SER OG  HG   sing N N 288 
SER OXT HXT  sing N N 289 
THR N   CA   sing N N 290 
THR N   H    sing N N 291 
THR N   H2   sing N N 292 
THR CA  C    sing N N 293 
THR CA  CB   sing N N 294 
THR CA  HA   sing N N 295 
THR C   O    doub N N 296 
THR C   OXT  sing N N 297 
THR CB  OG1  sing N N 298 
THR CB  CG2  sing N N 299 
THR CB  HB   sing N N 300 
THR OG1 HG1  sing N N 301 
THR CG2 HG21 sing N N 302 
THR CG2 HG22 sing N N 303 
THR CG2 HG23 sing N N 304 
THR OXT HXT  sing N N 305 
TRP N   CA   sing N N 306 
TRP N   H    sing N N 307 
TRP N   H2   sing N N 308 
TRP CA  C    sing N N 309 
TRP CA  CB   sing N N 310 
TRP CA  HA   sing N N 311 
TRP C   O    doub N N 312 
TRP C   OXT  sing N N 313 
TRP CB  CG   sing N N 314 
TRP CB  HB2  sing N N 315 
TRP CB  HB3  sing N N 316 
TRP CG  CD1  doub Y N 317 
TRP CG  CD2  sing Y N 318 
TRP CD1 NE1  sing Y N 319 
TRP CD1 HD1  sing N N 320 
TRP CD2 CE2  doub Y N 321 
TRP CD2 CE3  sing Y N 322 
TRP NE1 CE2  sing Y N 323 
TRP NE1 HE1  sing N N 324 
TRP CE2 CZ2  sing Y N 325 
TRP CE3 CZ3  doub Y N 326 
TRP CE3 HE3  sing N N 327 
TRP CZ2 CH2  doub Y N 328 
TRP CZ2 HZ2  sing N N 329 
TRP CZ3 CH2  sing Y N 330 
TRP CZ3 HZ3  sing N N 331 
TRP CH2 HH2  sing N N 332 
TRP OXT HXT  sing N N 333 
TYR N   CA   sing N N 334 
TYR N   H    sing N N 335 
TYR N   H2   sing N N 336 
TYR CA  C    sing N N 337 
TYR CA  CB   sing N N 338 
TYR CA  HA   sing N N 339 
TYR C   O    doub N N 340 
TYR C   OXT  sing N N 341 
TYR CB  CG   sing N N 342 
TYR CB  HB2  sing N N 343 
TYR CB  HB3  sing N N 344 
TYR CG  CD1  doub Y N 345 
TYR CG  CD2  sing Y N 346 
TYR CD1 CE1  sing Y N 347 
TYR CD1 HD1  sing N N 348 
TYR CD2 CE2  doub Y N 349 
TYR CD2 HD2  sing N N 350 
TYR CE1 CZ   doub Y N 351 
TYR CE1 HE1  sing N N 352 
TYR CE2 CZ   sing Y N 353 
TYR CE2 HE2  sing N N 354 
TYR CZ  OH   sing N N 355 
TYR OH  HH   sing N N 356 
TYR OXT HXT  sing N N 357 
VAL N   CA   sing N N 358 
VAL N   H    sing N N 359 
VAL N   H2   sing N N 360 
VAL CA  C    sing N N 361 
VAL CA  CB   sing N N 362 
VAL CA  HA   sing N N 363 
VAL C   O    doub N N 364 
VAL C   OXT  sing N N 365 
VAL CB  CG1  sing N N 366 
VAL CB  CG2  sing N N 367 
VAL CB  HB   sing N N 368 
VAL CG1 HG11 sing N N 369 
VAL CG1 HG12 sing N N 370 
VAL CG1 HG13 sing N N 371 
VAL CG2 HG21 sing N N 372 
VAL CG2 HG22 sing N N 373 
VAL CG2 HG23 sing N N 374 
VAL OXT HXT  sing N N 375 
# 
_atom_sites.entry_id                    1HZT 
_atom_sites.fract_transf_matrix[1][1]   0.00064858 
_atom_sites.fract_transf_matrix[1][2]   0.00609141 
_atom_sites.fract_transf_matrix[1][3]   0.01496748 
_atom_sites.fract_transf_matrix[2][1]   -0.00450372 
_atom_sites.fract_transf_matrix[2][2]   0.01529444 
_atom_sites.fract_transf_matrix[2][3]   0.00270741 
_atom_sites.fract_transf_matrix[3][1]   -0.01516313 
_atom_sites.fract_transf_matrix[3][2]   -0.00493705 
_atom_sites.fract_transf_matrix[3][3]   0.00266632 
_atom_sites.fract_transf_vector[1]      0.881407 
_atom_sites.fract_transf_vector[2]      0.391840 
_atom_sites.fract_transf_vector[3]      0.122709 
# 
loop_
_atom_type.symbol 
C 
N 
O 
S 
# 
loop_
_atom_site.group_PDB 
_atom_site.id 
_atom_site.type_symbol 
_atom_site.label_atom_id 
_atom_site.label_alt_id 
_atom_site.label_comp_id 
_atom_site.label_asym_id 
_atom_site.label_entity_id 
_atom_site.label_seq_id 
_atom_site.pdbx_PDB_ins_code 
_atom_site.Cartn_x 
_atom_site.Cartn_y 
_atom_site.Cartn_z 
_atom_site.occupancy 
_atom_site.B_iso_or_equiv 
_atom_site.pdbx_formal_charge 
_atom_site.auth_seq_id 
_atom_site.auth_comp_id 
_atom_site.auth_asym_id 
_atom_site.auth_atom_id 
_atom_site.pdbx_PDB_model_num 
ATOM   1    N N   . LEU A 1 31  ? 16.234  1.504   13.446  1.00 40.27 ? 31  LEU A N   1 
ATOM   2    C CA  . LEU A 1 31  ? 15.467  1.832   12.212  1.00 39.16 ? 31  LEU A CA  1 
ATOM   3    C C   . LEU A 1 31  ? 15.505  0.666   11.228  0.00 44.38 ? 31  LEU A C   1 
ATOM   4    O O   . LEU A 1 31  ? 16.507  -0.042  11.132  0.00 45.35 ? 31  LEU A O   1 
ATOM   5    C CB  . LEU A 1 31  ? 16.051  3.083   11.547  1.00 39.25 ? 31  LEU A CB  1 
ATOM   6    C CG  . LEU A 1 31  ? 16.175  4.341   12.410  0.00 48.55 ? 31  LEU A CG  1 
ATOM   7    C CD1 . LEU A 1 31  ? 16.826  5.449   11.598  0.00 48.71 ? 31  LEU A CD1 1 
ATOM   8    C CD2 . LEU A 1 31  ? 14.803  4.773   12.901  0.00 53.08 ? 31  LEU A CD2 1 
ATOM   9    N N   . HIS A 1 32  ? 14.408  0.469   10.502  1.00 34.25 ? 32  HIS A N   1 
ATOM   10   C CA  . HIS A 1 32  ? 14.320  -0.610  9.523   1.00 32.38 ? 32  HIS A CA  1 
ATOM   11   C C   . HIS A 1 32  ? 13.885  -0.064  8.168   1.00 31.96 ? 32  HIS A C   1 
ATOM   12   O O   . HIS A 1 32  ? 13.186  0.946   8.095   1.00 32.56 ? 32  HIS A O   1 
ATOM   13   C CB  . HIS A 1 32  ? 13.327  -1.674  9.995   0.00 38.64 ? 32  HIS A CB  1 
ATOM   14   C CG  . HIS A 1 32  ? 13.806  -2.471  11.168  0.00 42.70 ? 32  HIS A CG  1 
ATOM   15   N ND1 . HIS A 1 32  ? 14.932  -3.264  11.117  0.00 43.96 ? 32  HIS A ND1 1 
ATOM   16   C CD2 . HIS A 1 32  ? 13.314  -2.597  12.423  0.00 44.59 ? 32  HIS A CD2 1 
ATOM   17   C CE1 . HIS A 1 32  ? 15.112  -3.846  12.289  0.00 44.61 ? 32  HIS A CE1 1 
ATOM   18   N NE2 . HIS A 1 32  ? 14.143  -3.458  13.100  0.00 44.84 ? 32  HIS A NE2 1 
ATOM   19   N N   . LEU A 1 33  ? 14.310  -0.729  7.099   1.00 31.00 ? 33  LEU A N   1 
ATOM   20   C CA  . LEU A 1 33  ? 13.955  -0.306  5.749   1.00 29.54 ? 33  LEU A CA  1 
ATOM   21   C C   . LEU A 1 33  ? 12.689  -1.012  5.281   1.00 27.61 ? 33  LEU A C   1 
ATOM   22   O O   . LEU A 1 33  ? 12.536  -2.218  5.463   1.00 27.33 ? 33  LEU A O   1 
ATOM   23   C CB  . LEU A 1 33  ? 15.100  -0.607  4.779   1.00 30.59 ? 33  LEU A CB  1 
ATOM   24   C CG  . LEU A 1 33  ? 16.419  0.126   5.029   1.00 31.37 ? 33  LEU A CG  1 
ATOM   25   C CD1 . LEU A 1 33  ? 17.454  -0.338  4.017   1.00 32.31 ? 33  LEU A CD1 1 
ATOM   26   C CD2 . LEU A 1 33  ? 16.206  1.628   4.924   0.00 34.15 ? 33  LEU A CD2 1 
ATOM   27   N N   . ALA A 1 34  ? 11.783  -0.252  4.676   1.00 24.56 ? 34  ALA A N   1 
ATOM   28   C CA  . ALA A 1 34  ? 10.529  -0.808  4.188   1.00 23.22 ? 34  ALA A CA  1 
ATOM   29   C C   . ALA A 1 34  ? 10.017  0.016   3.018   1.00 21.00 ? 34  ALA A C   1 
ATOM   30   O O   . ALA A 1 34  ? 10.678  0.946   2.566   1.00 20.58 ? 34  ALA A O   1 
ATOM   31   C CB  . ALA A 1 34  ? 9.495   -0.822  5.310   1.00 23.19 ? 34  ALA A CB  1 
ATOM   32   N N   . PHE A 1 35  ? 8.834   -0.334  2.528   1.00 19.36 ? 35  PHE A N   1 
ATOM   33   C CA  . PHE A 1 35  ? 8.229   0.391   1.422   1.00 17.99 ? 35  PHE A CA  1 
ATOM   34   C C   . PHE A 1 35  ? 6.729   0.160   1.476   1.00 17.17 ? 35  PHE A C   1 
ATOM   35   O O   . PHE A 1 35  ? 6.260   -0.777  2.113   1.00 17.42 ? 35  PHE A O   1 
ATOM   36   C CB  . PHE A 1 35  ? 8.772   -0.120  0.082   1.00 19.19 ? 35  PHE A CB  1 
ATOM   37   C CG  . PHE A 1 35  ? 8.276   -1.490  -0.292  1.00 20.30 ? 35  PHE A CG  1 
ATOM   38   C CD1 . PHE A 1 35  ? 7.004   -1.660  -0.841  1.00 20.81 ? 35  PHE A CD1 1 
ATOM   39   C CD2 . PHE A 1 35  ? 9.059   -2.615  -0.059  1.00 22.75 ? 35  PHE A CD2 1 
ATOM   40   C CE1 . PHE A 1 35  ? 6.521   -2.927  -1.149  1.00 22.44 ? 35  PHE A CE1 1 
ATOM   41   C CE2 . PHE A 1 35  ? 8.585   -3.890  -0.365  1.00 23.15 ? 35  PHE A CE2 1 
ATOM   42   C CZ  . PHE A 1 35  ? 7.313   -4.045  -0.910  1.00 23.41 ? 35  PHE A CZ  1 
ATOM   43   N N   . SER A 1 36  ? 5.986   1.024   0.801   1.00 15.38 ? 36  SER A N   1 
ATOM   44   C CA  . SER A 1 36  ? 4.538   0.902   0.739   1.00 16.47 ? 36  SER A CA  1 
ATOM   45   C C   . SER A 1 36  ? 4.165   1.220   -0.693  1.00 16.12 ? 36  SER A C   1 
ATOM   46   O O   . SER A 1 36  ? 4.817   2.043   -1.332  1.00 16.82 ? 36  SER A O   1 
ATOM   47   C CB  . SER A 1 36  ? 3.858   1.901   1.678   0.50 17.92 ? 36  SER A CB  1 
ATOM   48   O OG  . SER A 1 36  ? 3.967   1.493   3.029   0.50 23.71 ? 36  SER A OG  1 
ATOM   49   N N   . SER A 1 37  ? 3.131   0.568   -1.205  1.00 14.96 ? 37  SER A N   1 
ATOM   50   C CA  . SER A 1 37  ? 2.717   0.842   -2.571  1.00 16.21 ? 37  SER A CA  1 
ATOM   51   C C   . SER A 1 37  ? 1.205   0.911   -2.696  1.00 14.33 ? 37  SER A C   1 
ATOM   52   O O   . SER A 1 37  ? 0.472   0.194   -2.015  1.00 14.69 ? 37  SER A O   1 
ATOM   53   C CB  . SER A 1 37  ? 3.266   -0.222  -3.523  0.50 19.40 ? 37  SER A CB  1 
ATOM   54   O OG  . SER A 1 37  ? 3.071   0.168   -4.872  0.50 25.88 ? 37  SER A OG  1 
ATOM   55   N N   . TRP A 1 38  ? 0.755   1.807   -3.567  1.00 13.06 ? 38  TRP A N   1 
ATOM   56   C CA  . TRP A 1 38  ? -0.661  1.996   -3.840  1.00 12.29 ? 38  TRP A CA  1 
ATOM   57   C C   . TRP A 1 38  ? -0.843  1.585   -5.299  1.00 12.48 ? 38  TRP A C   1 
ATOM   58   O O   . TRP A 1 38  ? -0.225  2.175   -6.184  1.00 13.64 ? 38  TRP A O   1 
ATOM   59   C CB  . TRP A 1 38  ? -1.045  3.465   -3.666  1.00 13.66 ? 38  TRP A CB  1 
ATOM   60   C CG  . TRP A 1 38  ? -0.935  3.964   -2.250  1.00 14.46 ? 38  TRP A CG  1 
ATOM   61   C CD1 . TRP A 1 38  ? 0.205   4.084   -1.506  1.00 15.64 ? 38  TRP A CD1 1 
ATOM   62   C CD2 . TRP A 1 38  ? -2.012  4.417   -1.417  1.00 14.80 ? 38  TRP A CD2 1 
ATOM   63   N NE1 . TRP A 1 38  ? -0.095  4.586   -0.258  1.00 16.49 ? 38  TRP A NE1 1 
ATOM   64   C CE2 . TRP A 1 38  ? -1.448  4.797   -0.178  1.00 15.52 ? 38  TRP A CE2 1 
ATOM   65   C CE3 . TRP A 1 38  ? -3.396  4.536   -1.598  1.00 15.68 ? 38  TRP A CE3 1 
ATOM   66   C CZ2 . TRP A 1 38  ? -2.224  5.291   0.881   1.00 16.27 ? 38  TRP A CZ2 1 
ATOM   67   C CZ3 . TRP A 1 38  ? -4.170  5.025   -0.548  1.00 16.14 ? 38  TRP A CZ3 1 
ATOM   68   C CH2 . TRP A 1 38  ? -3.579  5.396   0.678   1.00 17.08 ? 38  TRP A CH2 1 
ATOM   69   N N   . LEU A 1 39  ? -1.671  0.571   -5.539  1.00 11.28 ? 39  LEU A N   1 
ATOM   70   C CA  . LEU A 1 39  ? -1.902  0.073   -6.895  1.00 11.98 ? 39  LEU A CA  1 
ATOM   71   C C   . LEU A 1 39  ? -3.262  0.462   -7.459  1.00 12.51 ? 39  LEU A C   1 
ATOM   72   O O   . LEU A 1 39  ? -4.283  0.403   -6.769  1.00 12.20 ? 39  LEU A O   1 
ATOM   73   C CB  . LEU A 1 39  ? -1.776  -1.453  -6.925  1.00 12.32 ? 39  LEU A CB  1 
ATOM   74   C CG  . LEU A 1 39  ? -0.445  -2.043  -6.457  1.00 13.61 ? 39  LEU A CG  1 
ATOM   75   C CD1 . LEU A 1 39  ? -0.517  -3.554  -6.544  1.00 13.68 ? 39  LEU A CD1 1 
ATOM   76   C CD2 . LEU A 1 39  ? 0.701   -1.515  -7.318  1.00 15.25 ? 39  LEU A CD2 1 
ATOM   77   N N   . PHE A 1 40  ? -3.260  0.849   -8.732  1.00 12.54 ? 40  PHE A N   1 
ATOM   78   C CA  . PHE A 1 40  ? -4.473  1.249   -9.436  1.00 12.45 ? 40  PHE A CA  1 
ATOM   79   C C   . PHE A 1 40  ? -4.589  0.418   -10.704 1.00 13.74 ? 40  PHE A C   1 
ATOM   80   O O   . PHE A 1 40  ? -3.575  -0.042  -11.236 1.00 15.65 ? 40  PHE A O   1 
ATOM   81   C CB  . PHE A 1 40  ? -4.398  2.723   -9.853  1.00 12.63 ? 40  PHE A CB  1 
ATOM   82   C CG  . PHE A 1 40  ? -4.295  3.686   -8.707  1.00 11.76 ? 40  PHE A CG  1 
ATOM   83   C CD1 . PHE A 1 40  ? -3.102  3.831   -8.004  1.00 12.16 ? 40  PHE A CD1 1 
ATOM   84   C CD2 . PHE A 1 40  ? -5.391  4.465   -8.346  1.00 12.88 ? 40  PHE A CD2 1 
ATOM   85   C CE1 . PHE A 1 40  ? -3.000  4.744   -6.955  1.00 12.43 ? 40  PHE A CE1 1 
ATOM   86   C CE2 . PHE A 1 40  ? -5.300  5.382   -7.297  1.00 12.96 ? 40  PHE A CE2 1 
ATOM   87   C CZ  . PHE A 1 40  ? -4.102  5.520   -6.602  1.00 12.71 ? 40  PHE A CZ  1 
ATOM   88   N N   . ASN A 1 41  ? -5.809  0.205   -11.187 1.00 12.23 ? 41  ASN A N   1 
ATOM   89   C CA  . ASN A 1 41  ? -5.949  -0.532  -12.439 1.00 13.26 ? 41  ASN A CA  1 
ATOM   90   C C   . ASN A 1 41  ? -6.010  0.493   -13.570 1.00 13.32 ? 41  ASN A C   1 
ATOM   91   O O   . ASN A 1 41  ? -5.892  1.694   -13.328 1.00 13.68 ? 41  ASN A O   1 
ATOM   92   C CB  . ASN A 1 41  ? -7.181  -1.460  -12.439 1.00 14.25 ? 41  ASN A CB  1 
ATOM   93   C CG  . ASN A 1 41  ? -8.504  -0.730  -12.240 1.00 13.65 ? 41  ASN A CG  1 
ATOM   94   O OD1 . ASN A 1 41  ? -8.572  0.495   -12.210 1.00 14.21 ? 41  ASN A OD1 1 
ATOM   95   N ND2 . ASN A 1 41  ? -9.573  -1.509  -12.113 1.00 16.47 ? 41  ASN A ND2 1 
ATOM   96   N N   . ALA A 1 42  ? -6.170  0.025   -14.800 1.00 15.87 ? 42  ALA A N   1 
ATOM   97   C CA  . ALA A 1 42  ? -6.220  0.928   -15.948 1.00 17.21 ? 42  ALA A CA  1 
ATOM   98   C C   . ALA A 1 42  ? -7.381  1.916   -15.861 1.00 18.31 ? 42  ALA A C   1 
ATOM   99   O O   . ALA A 1 42  ? -7.275  3.054   -16.331 1.00 19.16 ? 42  ALA A O   1 
ATOM   100  C CB  . ALA A 1 42  ? -6.312  0.116   -17.235 1.00 18.57 ? 42  ALA A CB  1 
ATOM   101  N N   . LYS A 1 43  ? -8.481  1.483   -15.256 1.00 17.15 ? 43  LYS A N   1 
ATOM   102  C CA  . LYS A 1 43  ? -9.662  2.329   -15.114 1.00 17.56 ? 43  LYS A CA  1 
ATOM   103  C C   . LYS A 1 43  ? -9.489  3.428   -14.073 1.00 16.85 ? 43  LYS A C   1 
ATOM   104  O O   . LYS A 1 43  ? -10.318 4.331   -13.972 1.00 19.64 ? 43  LYS A O   1 
ATOM   105  C CB  . LYS A 1 43  ? -10.883 1.479   -14.766 1.00 19.45 ? 43  LYS A CB  1 
ATOM   106  C CG  . LYS A 1 43  ? -11.348 0.573   -15.898 1.00 22.74 ? 43  LYS A CG  1 
ATOM   107  C CD  . LYS A 1 43  ? -12.524 -0.292  -15.467 1.00 24.70 ? 43  LYS A CD  1 
ATOM   108  C CE  . LYS A 1 43  ? -13.035 -1.141  -16.620 0.00 29.88 ? 43  LYS A CE  1 
ATOM   109  N NZ  . LYS A 1 43  ? -13.528 -0.304  -17.749 0.00 32.68 ? 43  LYS A NZ  1 
ATOM   110  N N   . GLY A 1 44  ? -8.416  3.342   -13.292 1.00 14.96 ? 44  GLY A N   1 
ATOM   111  C CA  . GLY A 1 44  ? -8.162  4.359   -12.292 1.00 14.24 ? 44  GLY A CA  1 
ATOM   112  C C   . GLY A 1 44  ? -8.664  4.038   -10.902 1.00 13.58 ? 44  GLY A C   1 
ATOM   113  O O   . GLY A 1 44  ? -8.596  4.894   -10.016 1.00 14.23 ? 44  GLY A O   1 
ATOM   114  N N   . GLN A 1 45  ? -9.173  2.821   -10.714 1.00 13.86 ? 45  GLN A N   1 
ATOM   115  C CA  . GLN A 1 45  ? -9.665  2.383   -9.411  1.00 13.67 ? 45  GLN A CA  1 
ATOM   116  C C   . GLN A 1 45  ? -8.477  2.001   -8.537  1.00 13.27 ? 45  GLN A C   1 
ATOM   117  O O   . GLN A 1 45  ? -7.469  1.491   -9.028  1.00 14.47 ? 45  GLN A O   1 
ATOM   118  C CB  . GLN A 1 45  ? -10.577 1.159   -9.558  1.00 14.73 ? 45  GLN A CB  1 
ATOM   119  C CG  . GLN A 1 45  ? -11.851 1.392   -10.366 1.00 18.50 ? 45  GLN A CG  1 
ATOM   120  C CD  . GLN A 1 45  ? -12.623 0.101   -10.607 1.00 20.10 ? 45  GLN A CD  1 
ATOM   121  O OE1 . GLN A 1 45  ? -12.261 -0.711  -11.466 1.00 21.69 ? 45  GLN A OE1 1 
ATOM   122  N NE2 . GLN A 1 45  ? -13.685 -0.099  -9.839  1.00 21.13 ? 45  GLN A NE2 1 
ATOM   123  N N   . LEU A 1 46  ? -8.610  2.250   -7.240  1.00 14.04 ? 46  LEU A N   1 
ATOM   124  C CA  . LEU A 1 46  ? -7.565  1.925   -6.280  1.00 12.98 ? 46  LEU A CA  1 
ATOM   125  C C   . LEU A 1 46  ? -7.820  0.563   -5.645  1.00 12.72 ? 46  LEU A C   1 
ATOM   126  O O   . LEU A 1 46  ? -8.962  0.217   -5.338  1.00 13.54 ? 46  LEU A O   1 
ATOM   127  C CB  . LEU A 1 46  ? -7.516  2.990   -5.175  1.00 14.58 ? 46  LEU A CB  1 
ATOM   128  C CG  . LEU A 1 46  ? -6.618  2.680   -3.970  1.00 13.94 ? 46  LEU A CG  1 
ATOM   129  C CD1 . LEU A 1 46  ? -5.149  2.701   -4.397  1.00 14.54 ? 46  LEU A CD1 1 
ATOM   130  C CD2 . LEU A 1 46  ? -6.861  3.703   -2.861  1.00 17.47 ? 46  LEU A CD2 1 
ATOM   131  N N   . LEU A 1 47  ? -6.756  -0.212  -5.457  1.00 11.71 ? 47  LEU A N   1 
ATOM   132  C CA  . LEU A 1 47  ? -6.879  -1.522  -4.827  1.00 12.24 ? 47  LEU A CA  1 
ATOM   133  C C   . LEU A 1 47  ? -6.583  -1.399  -3.336  1.00 12.27 ? 47  LEU A C   1 
ATOM   134  O O   . LEU A 1 47  ? -5.468  -1.052  -2.955  1.00 14.09 ? 47  LEU A O   1 
ATOM   135  C CB  . LEU A 1 47  ? -5.887  -2.515  -5.444  1.00 13.39 ? 47  LEU A CB  1 
ATOM   136  C CG  . LEU A 1 47  ? -5.832  -3.900  -4.778  1.00 14.53 ? 47  LEU A CG  1 
ATOM   137  C CD1 . LEU A 1 47  ? -7.203  -4.571  -4.884  1.00 14.61 ? 47  LEU A CD1 1 
ATOM   138  C CD2 . LEU A 1 47  ? -4.763  -4.766  -5.452  1.00 15.34 ? 47  LEU A CD2 1 
ATOM   139  N N   . VAL A 1 48  ? -7.579  -1.660  -2.495  1.00 11.78 ? 48  VAL A N   1 
ATOM   140  C CA  . VAL A 1 48  ? -7.362  -1.616  -1.051  1.00 13.97 ? 48  VAL A CA  1 
ATOM   141  C C   . VAL A 1 48  ? -7.375  -3.075  -0.594  1.00 12.91 ? 48  VAL A C   1 
ATOM   142  O O   . VAL A 1 48  ? -8.128  -3.880  -1.126  1.00 13.01 ? 48  VAL A O   1 
ATOM   143  C CB  . VAL A 1 48  ? -8.473  -0.824  -0.329  0.50 14.97 ? 48  VAL A CB  1 
ATOM   144  C CG1 . VAL A 1 48  ? -8.246  -0.874  1.171   0.50 16.92 ? 48  VAL A CG1 1 
ATOM   145  C CG2 . VAL A 1 48  ? -8.469  0.628   -0.808  0.50 18.53 ? 48  VAL A CG2 1 
ATOM   146  N N   . THR A 1 49  ? -6.541  -3.425  0.380   1.00 12.43 ? 49  THR A N   1 
ATOM   147  C CA  . THR A 1 49  ? -6.486  -4.814  0.820   1.00 12.71 ? 49  THR A CA  1 
ATOM   148  C C   . THR A 1 49  ? -6.638  -4.948  2.319   1.00 12.08 ? 49  THR A C   1 
ATOM   149  O O   . THR A 1 49  ? -6.427  -3.991  3.065   1.00 13.62 ? 49  THR A O   1 
ATOM   150  C CB  . THR A 1 49  ? -5.142  -5.482  0.432   1.00 13.90 ? 49  THR A CB  1 
ATOM   151  O OG1 . THR A 1 49  ? -4.058  -4.768  1.046   1.00 15.57 ? 49  THR A OG1 1 
ATOM   152  C CG2 . THR A 1 49  ? -4.945  -5.474  -1.090  1.00 15.54 ? 49  THR A CG2 1 
ATOM   153  N N   . ARG A 1 50  ? -7.010  -6.145  2.751   1.00 11.99 ? 50  ARG A N   1 
ATOM   154  C CA  . ARG A 1 50  ? -7.160  -6.413  4.174   1.00 12.83 ? 50  ARG A CA  1 
ATOM   155  C C   . ARG A 1 50  ? -6.140  -7.482  4.554   1.00 12.25 ? 50  ARG A C   1 
ATOM   156  O O   . ARG A 1 50  ? -6.125  -8.570  3.978   1.00 14.08 ? 50  ARG A O   1 
ATOM   157  C CB  . ARG A 1 50  ? -8.581  -6.895  4.490   1.00 12.50 ? 50  ARG A CB  1 
ATOM   158  C CG  . ARG A 1 50  ? -8.881  -6.885  5.978   1.00 13.28 ? 50  ARG A CG  1 
ATOM   159  C CD  . ARG A 1 50  ? -10.293 -7.357  6.315   1.00 14.55 ? 50  ARG A CD  1 
ATOM   160  N NE  . ARG A 1 50  ? -10.423 -7.439  7.767   1.00 14.26 ? 50  ARG A NE  1 
ATOM   161  C CZ  . ARG A 1 50  ? -11.219 -8.284  8.416   1.00 15.13 ? 50  ARG A CZ  1 
ATOM   162  N NH1 . ARG A 1 50  ? -11.998 -9.130  7.752   1.00 16.31 ? 50  ARG A NH1 1 
ATOM   163  N NH2 . ARG A 1 50  ? -11.177 -8.334  9.739   1.00 20.02 ? 50  ARG A NH2 1 
ATOM   164  N N   . ARG A 1 51  ? -5.281  -7.154  5.516   1.00 12.64 ? 51  ARG A N   1 
ATOM   165  C CA  . ARG A 1 51  ? -4.239  -8.069  5.969   1.00 14.72 ? 51  ARG A CA  1 
ATOM   166  C C   . ARG A 1 51  ? -4.830  -9.331  6.591   1.00 16.05 ? 51  ARG A C   1 
ATOM   167  O O   . ARG A 1 51  ? -5.817  -9.273  7.320   1.00 16.45 ? 51  ARG A O   1 
ATOM   168  C CB  . ARG A 1 51  ? -3.331  -7.350  6.972   1.00 14.51 ? 51  ARG A CB  1 
ATOM   169  C CG  . ARG A 1 51  ? -2.562  -6.181  6.352   1.00 14.97 ? 51  ARG A CG  1 
ATOM   170  C CD  . ARG A 1 51  ? -1.919  -5.295  7.407   1.00 17.26 ? 51  ARG A CD  1 
ATOM   171  N NE  . ARG A 1 51  ? -0.842  -5.957  8.143   1.00 18.70 ? 51  ARG A NE  1 
ATOM   172  C CZ  . ARG A 1 51  ? 0.398   -6.119  7.686   1.00 21.05 ? 51  ARG A CZ  1 
ATOM   173  N NH1 . ARG A 1 51  ? 0.733   -5.673  6.481   1.00 21.32 ? 51  ARG A NH1 1 
ATOM   174  N NH2 . ARG A 1 51  ? 1.314   -6.714  8.443   1.00 22.19 ? 51  ARG A NH2 1 
ATOM   175  N N   . ALA A 1 52  ? -4.217  -10.474 6.297   1.00 15.73 ? 52  ALA A N   1 
ATOM   176  C CA  . ALA A 1 52  ? -4.695  -11.746 6.824   1.00 16.56 ? 52  ALA A CA  1 
ATOM   177  C C   . ALA A 1 52  ? -4.634  -11.785 8.351   1.00 17.24 ? 52  ALA A C   1 
ATOM   178  O O   . ALA A 1 52  ? -3.819  -11.102 8.970   1.00 18.53 ? 52  ALA A O   1 
ATOM   179  C CB  . ALA A 1 52  ? -3.882  -12.890 6.234   1.00 16.99 ? 52  ALA A CB  1 
ATOM   180  N N   . LEU A 1 53  ? -5.507  -12.593 8.940   1.00 19.59 ? 53  LEU A N   1 
ATOM   181  C CA  . LEU A 1 53  ? -5.587  -12.739 10.393  1.00 21.67 ? 53  LEU A CA  1 
ATOM   182  C C   . LEU A 1 53  ? -4.326  -13.341 10.997  1.00 23.97 ? 53  LEU A C   1 
ATOM   183  O O   . LEU A 1 53  ? -4.065  -13.181 12.190  1.00 24.95 ? 53  LEU A O   1 
ATOM   184  C CB  . LEU A 1 53  ? -6.782  -13.620 10.761  1.00 22.29 ? 53  LEU A CB  1 
ATOM   185  C CG  . LEU A 1 53  ? -8.168  -13.167 10.295  1.00 22.39 ? 53  LEU A CG  1 
ATOM   186  C CD1 . LEU A 1 53  ? -9.197  -14.227 10.662  1.00 23.24 ? 53  LEU A CD1 1 
ATOM   187  C CD2 . LEU A 1 53  ? -8.518  -11.827 10.937  1.00 22.91 ? 53  LEU A CD2 1 
ATOM   188  N N   . SER A 1 54  ? -3.545  -14.031 10.171  1.00 24.78 ? 54  SER A N   1 
ATOM   189  C CA  . SER A 1 54  ? -2.318  -14.673 10.630  1.00 27.11 ? 54  SER A CA  1 
ATOM   190  C C   . SER A 1 54  ? -1.096  -13.759 10.620  1.00 28.68 ? 54  SER A C   1 
ATOM   191  O O   . SER A 1 54  ? -0.022  -14.152 11.080  1.00 29.17 ? 54  SER A O   1 
ATOM   192  C CB  . SER A 1 54  ? -2.030  -15.907 9.778   1.00 27.94 ? 54  SER A CB  1 
ATOM   193  O OG  . SER A 1 54  ? -1.841  -15.548 8.421   1.00 29.33 ? 54  SER A OG  1 
ATOM   194  N N   . LYS A 1 55  ? -1.248  -12.549 10.092  1.00 27.96 ? 55  LYS A N   1 
ATOM   195  C CA  . LYS A 1 55  ? -0.132  -11.611 10.044  1.00 28.06 ? 55  LYS A CA  1 
ATOM   196  C C   . LYS A 1 55  ? 0.321   -11.245 11.450  1.00 28.11 ? 55  LYS A C   1 
ATOM   197  O O   . LYS A 1 55  ? -0.500  -11.059 12.344  1.00 27.36 ? 55  LYS A O   1 
ATOM   198  C CB  . LYS A 1 55  ? -0.524  -10.347 9.280   1.00 28.65 ? 55  LYS A CB  1 
ATOM   199  C CG  . LYS A 1 55  ? -0.749  -10.576 7.791   1.00 28.78 ? 55  LYS A CG  1 
ATOM   200  C CD  . LYS A 1 55  ? 0.500   -11.135 7.123   1.00 30.00 ? 55  LYS A CD  1 
ATOM   201  C CE  . LYS A 1 55  ? 1.673   -10.177 7.246   1.00 30.54 ? 55  LYS A CE  1 
ATOM   202  N NZ  . LYS A 1 55  ? 2.893   -10.704 6.575   0.00 34.05 ? 55  LYS A NZ  1 
ATOM   203  N N   . LYS A 1 56  ? 1.632   -11.143 11.634  1.00 28.56 ? 56  LYS A N   1 
ATOM   204  C CA  . LYS A 1 56  ? 2.203   -10.813 12.933  1.00 28.46 ? 56  LYS A CA  1 
ATOM   205  C C   . LYS A 1 56  ? 1.800   -9.422  13.406  1.00 27.35 ? 56  LYS A C   1 
ATOM   206  O O   . LYS A 1 56  ? 1.420   -9.236  14.560  1.00 28.55 ? 56  LYS A O   1 
ATOM   207  C CB  . LYS A 1 56  ? 3.731   -10.912 12.873  0.00 30.03 ? 56  LYS A CB  1 
ATOM   208  C CG  . LYS A 1 56  ? 4.432   -10.596 14.183  0.00 34.97 ? 56  LYS A CG  1 
ATOM   209  C CD  . LYS A 1 56  ? 4.037   -11.575 15.281  0.00 38.01 ? 56  LYS A CD  1 
ATOM   210  C CE  . LYS A 1 56  ? 4.751   -11.261 16.586  0.00 43.39 ? 56  LYS A CE  1 
ATOM   211  N NZ  . LYS A 1 56  ? 6.231   -11.329 16.439  0.00 40.09 ? 56  LYS A NZ  1 
ATOM   212  N N   . ALA A 1 57  ? 1.890   -8.442  12.513  1.00 25.19 ? 57  ALA A N   1 
ATOM   213  C CA  . ALA A 1 57  ? 1.535   -7.077  12.865  1.00 23.34 ? 57  ALA A CA  1 
ATOM   214  C C   . ALA A 1 57  ? 0.290   -6.620  12.111  1.00 22.58 ? 57  ALA A C   1 
ATOM   215  O O   . ALA A 1 57  ? 0.125   -6.924  10.930  1.00 21.66 ? 57  ALA A O   1 
ATOM   216  C CB  . ALA A 1 57  ? 2.695   -6.146  12.569  1.00 24.34 ? 57  ALA A CB  1 
ATOM   217  N N   . TRP A 1 58  ? -0.573  -5.886  12.809  1.00 20.52 ? 58  TRP A N   1 
ATOM   218  C CA  . TRP A 1 58  ? -1.810  -5.368  12.235  1.00 19.67 ? 58  TRP A CA  1 
ATOM   219  C C   . TRP A 1 58  ? -2.627  -6.398  11.450  1.00 19.56 ? 58  TRP A C   1 
ATOM   220  O O   . TRP A 1 58  ? -3.043  -6.146  10.321  1.00 18.49 ? 58  TRP A O   1 
ATOM   221  C CB  . TRP A 1 58  ? -1.500  -4.153  11.347  1.00 19.89 ? 58  TRP A CB  1 
ATOM   222  C CG  . TRP A 1 58  ? -1.203  -2.890  12.124  1.00 20.47 ? 58  TRP A CG  1 
ATOM   223  C CD1 . TRP A 1 58  ? -2.114  -2.037  12.682  1.00 21.17 ? 58  TRP A CD1 1 
ATOM   224  C CD2 . TRP A 1 58  ? 0.091   -2.360  12.448  1.00 21.47 ? 58  TRP A CD2 1 
ATOM   225  N NE1 . TRP A 1 58  ? -1.469  -1.009  13.332  1.00 22.64 ? 58  TRP A NE1 1 
ATOM   226  C CE2 . TRP A 1 58  ? -0.116  -1.184  13.205  1.00 21.69 ? 58  TRP A CE2 1 
ATOM   227  C CE3 . TRP A 1 58  ? 1.403   -2.766  12.176  1.00 22.17 ? 58  TRP A CE3 1 
ATOM   228  C CZ2 . TRP A 1 58  ? 0.944   -0.408  13.691  1.00 23.34 ? 58  TRP A CZ2 1 
ATOM   229  C CZ3 . TRP A 1 58  ? 2.458   -1.994  12.662  1.00 23.94 ? 58  TRP A CZ3 1 
ATOM   230  C CH2 . TRP A 1 58  ? 2.218   -0.828  13.412  1.00 23.55 ? 58  TRP A CH2 1 
ATOM   231  N N   . PRO A 1 59  ? -2.875  -7.577  12.040  1.00 20.13 ? 59  PRO A N   1 
ATOM   232  C CA  . PRO A 1 59  ? -3.662  -8.576  11.313  1.00 20.77 ? 59  PRO A CA  1 
ATOM   233  C C   . PRO A 1 59  ? -5.119  -8.132  11.167  1.00 18.62 ? 59  PRO A C   1 
ATOM   234  O O   . PRO A 1 59  ? -5.665  -7.467  12.052  1.00 18.31 ? 59  PRO A O   1 
ATOM   235  C CB  . PRO A 1 59  ? -3.526  -9.822  12.187  1.00 24.52 ? 59  PRO A CB  1 
ATOM   236  C CG  . PRO A 1 59  ? -3.424  -9.242  13.565  0.00 26.05 ? 59  PRO A CG  1 
ATOM   237  C CD  . PRO A 1 59  ? -2.461  -8.094  13.358  1.00 23.69 ? 59  PRO A CD  1 
ATOM   238  N N   . GLY A 1 60  ? -5.732  -8.490  10.042  1.00 15.39 ? 60  GLY A N   1 
ATOM   239  C CA  . GLY A 1 60  ? -7.126  -8.150  9.798   1.00 14.91 ? 60  GLY A CA  1 
ATOM   240  C C   . GLY A 1 60  ? -7.442  -6.675  9.611   1.00 14.04 ? 60  GLY A C   1 
ATOM   241  O O   . GLY A 1 60  ? -8.600  -6.271  9.703   1.00 15.13 ? 60  GLY A O   1 
ATOM   242  N N   . VAL A 1 61  ? -6.417  -5.877  9.332   1.00 13.64 ? 61  VAL A N   1 
ATOM   243  C CA  . VAL A 1 61  ? -6.581  -4.436  9.147   1.00 13.65 ? 61  VAL A CA  1 
ATOM   244  C C   . VAL A 1 61  ? -6.620  -4.045  7.673   1.00 13.87 ? 61  VAL A C   1 
ATOM   245  O O   . VAL A 1 61  ? -5.872  -4.587  6.854   1.00 14.23 ? 61  VAL A O   1 
ATOM   246  C CB  . VAL A 1 61  ? -5.419  -3.676  9.844   1.00 15.45 ? 61  VAL A CB  1 
ATOM   247  C CG1 . VAL A 1 61  ? -5.434  -2.204  9.489   1.00 17.60 ? 61  VAL A CG1 1 
ATOM   248  C CG2 . VAL A 1 61  ? -5.530  -3.854  11.349  1.00 15.65 ? 61  VAL A CG2 1 
ATOM   249  N N   . TRP A 1 62  ? -7.515  -3.118  7.341   1.00 13.48 ? 62  TRP A N   1 
ATOM   250  C CA  . TRP A 1 62  ? -7.630  -2.615  5.977   1.00 12.77 ? 62  TRP A CA  1 
ATOM   251  C C   . TRP A 1 62  ? -6.482  -1.639  5.729   1.00 13.24 ? 62  TRP A C   1 
ATOM   252  O O   . TRP A 1 62  ? -6.176  -0.803  6.580   1.00 13.84 ? 62  TRP A O   1 
ATOM   253  C CB  . TRP A 1 62  ? -8.971  -1.920  5.782   1.00 13.15 ? 62  TRP A CB  1 
ATOM   254  C CG  . TRP A 1 62  ? -10.075 -2.881  5.546   1.00 12.91 ? 62  TRP A CG  1 
ATOM   255  C CD1 . TRP A 1 62  ? -11.025 -3.280  6.441   1.00 14.19 ? 62  TRP A CD1 1 
ATOM   256  C CD2 . TRP A 1 62  ? -10.357 -3.567  4.323   1.00 12.40 ? 62  TRP A CD2 1 
ATOM   257  N NE1 . TRP A 1 62  ? -11.890 -4.171  5.845   1.00 13.97 ? 62  TRP A NE1 1 
ATOM   258  C CE2 . TRP A 1 62  ? -11.504 -4.363  4.545   1.00 13.52 ? 62  TRP A CE2 1 
ATOM   259  C CE3 . TRP A 1 62  ? -9.752  -3.583  3.057   1.00 12.87 ? 62  TRP A CE3 1 
ATOM   260  C CZ2 . TRP A 1 62  ? -12.061 -5.168  3.548   1.00 14.12 ? 62  TRP A CZ2 1 
ATOM   261  C CZ3 . TRP A 1 62  ? -10.305 -4.382  2.065   1.00 14.53 ? 62  TRP A CZ3 1 
ATOM   262  C CH2 . TRP A 1 62  ? -11.451 -5.164  2.316   1.00 14.03 ? 62  TRP A CH2 1 
ATOM   263  N N   . THR A 1 63  ? -5.867  -1.719  4.552   1.00 12.65 ? 63  THR A N   1 
ATOM   264  C CA  . THR A 1 63  ? -4.705  -0.887  4.276   1.00 14.23 ? 63  THR A CA  1 
ATOM   265  C C   . THR A 1 63  ? -4.497  -0.663  2.780   1.00 15.04 ? 63  THR A C   1 
ATOM   266  O O   . THR A 1 63  ? -5.311  -1.093  1.964   1.00 15.07 ? 63  THR A O   1 
ATOM   267  C CB  . THR A 1 63  ? -3.455  -1.580  4.883   1.00 14.60 ? 63  THR A CB  1 
ATOM   268  O OG1 . THR A 1 63  ? -2.299  -0.751  4.729   1.00 15.78 ? 63  THR A OG1 1 
ATOM   269  C CG2 . THR A 1 63  ? -3.220  -2.935  4.204   1.00 15.79 ? 63  THR A CG2 1 
ATOM   270  N N   . ASN A 1 64  ? -3.420  0.028   2.422   1.00 15.32 ? 64  ASN A N   1 
ATOM   271  C CA  . ASN A 1 64  ? -3.144  0.251   1.012   1.00 16.39 ? 64  ASN A CA  1 
ATOM   272  C C   . ASN A 1 64  ? -2.671  -1.071  0.412   1.00 16.23 ? 64  ASN A C   1 
ATOM   273  O O   . ASN A 1 64  ? -2.381  -2.031  1.126   1.00 19.24 ? 64  ASN A O   1 
ATOM   274  C CB  . ASN A 1 64  ? -2.109  1.366   0.823   1.00 18.59 ? 64  ASN A CB  1 
ATOM   275  C CG  . ASN A 1 64  ? -0.821  1.091   1.548   1.00 20.61 ? 64  ASN A CG  1 
ATOM   276  O OD1 . ASN A 1 64  ? 0.166   0.657   0.949   1.00 24.22 ? 64  ASN A OD1 1 
ATOM   277  N ND2 . ASN A 1 64  ? -0.819  1.330   2.854   1.00 19.88 ? 64  ASN A ND2 1 
ATOM   278  N N   . SER A 1 65  ? -2.596  -1.103  -0.909  1.00 15.01 ? 65  SER A N   1 
ATOM   279  C CA  . SER A 1 65  ? -2.246  -2.298  -1.662  1.00 15.26 ? 65  SER A CA  1 
ATOM   280  C C   . SER A 1 65  ? -1.197  -3.268  -1.140  1.00 16.30 ? 65  SER A C   1 
ATOM   281  O O   . SER A 1 65  ? -1.495  -4.442  -0.903  1.00 17.78 ? 65  SER A O   1 
ATOM   282  C CB  . SER A 1 65  ? -1.888  -1.886  -3.086  1.00 15.54 ? 65  SER A CB  1 
ATOM   283  O OG  . SER A 1 65  ? -2.860  -0.980  -3.583  1.00 15.51 ? 65  SER A OG  1 
ATOM   284  N N   . VAL A 1 66  ? 0.013   -2.815  -1.006  1.00 16.47 ? 66  VAL A N   1 
ATOM   285  C CA  . VAL A 1 66  ? 1.117   -3.661  -0.537  1.00 19.85 ? 66  VAL A CA  1 
ATOM   286  C C   . VAL A 1 66  ? 2.158   -2.823  0.194   1.00 19.56 ? 66  VAL A C   1 
ATOM   287  O O   . VAL A 1 66  ? 2.210   -1.596  0.050   1.00 19.74 ? 66  VAL A O   1 
ATOM   288  C CB  . VAL A 1 66  ? 1.811   -4.345  -1.720  1.00 22.01 ? 66  VAL A CB  1 
ATOM   289  C CG1 . VAL A 1 66  ? 2.853   -5.380  -1.284  1.00 24.03 ? 66  VAL A CG1 1 
ATOM   290  C CG2 . VAL A 1 66  ? 0.843   -5.094  -2.635  0.00 25.04 ? 66  VAL A CG2 1 
ATOM   291  N N   . CYS A 1 67  ? 2.946   -3.530  0.949   1.00 25.10 ? 67  CYS A N   1 
ATOM   292  C CA  . CYS A 1 67  ? 4.032   -2.964  1.739   1.00 19.78 ? 67  CYS A CA  1 
ATOM   293  C C   . CYS A 1 67  ? 4.934   -4.109  2.163   1.00 18.90 ? 67  CYS A C   1 
ATOM   294  O O   . CYS A 1 67  ? 4.482   -5.243  2.339   1.00 21.21 ? 67  CYS A O   1 
ATOM   295  C CB  . CYS A 1 67  ? 3.466   -2.242  2.967   1.00 21.89 ? 67  CYS A CB  1 
ATOM   296  S SG  . CYS A 1 67  ? 2.683   -3.395  4.197   1.00 29.50 ? 67  CYS A SG  1 
ATOM   297  N N   . GLY A 1 68  ? 6.195   -3.808  2.318   1.00 22.18 ? 68  GLY A N   1 
ATOM   298  C CA  . GLY A 1 68  ? 7.177   -4.820  2.718   1.00 22.92 ? 68  GLY A CA  1 
ATOM   299  C C   . GLY A 1 68  ? 8.534   -4.177  2.952   1.00 21.01 ? 68  GLY A C   1 
ATOM   300  O O   . GLY A 1 68  ? 8.623   -3.018  3.368   1.00 20.12 ? 68  GLY A O   1 
ATOM   301  N N   . HIS A 1 69  ? 9.410   -5.142  2.850   1.00 23.17 ? 69  HIS A N   1 
ATOM   302  C CA  . HIS A 1 69  ? 10.776  -4.766  3.186   1.00 24.77 ? 69  HIS A CA  1 
ATOM   303  C C   . HIS A 1 69  ? 11.705  -5.241  2.083   1.00 25.39 ? 69  HIS A C   1 
ATOM   304  O O   . HIS A 1 69  ? 11.569  -6.353  1.579   1.00 25.46 ? 69  HIS A O   1 
ATOM   305  C CB  . HIS A 1 69  ? 11.197  -5.395  4.518   1.00 27.44 ? 69  HIS A CB  1 
ATOM   306  C CG  . HIS A 1 69  ? 10.316  -5.020  5.669   1.00 30.18 ? 69  HIS A CG  1 
ATOM   307  N ND1 . HIS A 1 69  ? 9.089   -5.608  5.893   1.00 32.20 ? 69  HIS A ND1 1 
ATOM   308  C CD2 . HIS A 1 69  ? 10.484  -4.113  6.661   1.00 31.55 ? 69  HIS A CD2 1 
ATOM   309  C CE1 . HIS A 1 69  ? 8.541   -5.082  6.974   1.00 32.53 ? 69  HIS A CE1 1 
ATOM   310  N NE2 . HIS A 1 69  ? 9.367   -4.173  7.458   1.00 32.89 ? 69  HIS A NE2 1 
ATOM   311  N N   . PRO A 1 70  ? 12.653  -4.390  1.675   1.00 25.24 ? 70  PRO A N   1 
ATOM   312  C CA  . PRO A 1 70  ? 13.579  -4.786  0.618   1.00 26.14 ? 70  PRO A CA  1 
ATOM   313  C C   . PRO A 1 70  ? 14.610  -5.772  1.148   1.00 27.56 ? 70  PRO A C   1 
ATOM   314  O O   . PRO A 1 70  ? 14.838  -5.858  2.357   1.00 28.02 ? 70  PRO A O   1 
ATOM   315  C CB  . PRO A 1 70  ? 14.203  -3.462  0.203   1.00 26.41 ? 70  PRO A CB  1 
ATOM   316  C CG  . PRO A 1 70  ? 14.251  -2.709  1.496   1.00 26.71 ? 70  PRO A CG  1 
ATOM   317  C CD  . PRO A 1 70  ? 12.884  -2.993  2.085   1.00 25.96 ? 70  PRO A CD  1 
ATOM   318  N N   . GLN A 1 71  ? 15.215  -6.530  0.242   1.00 29.09 ? 71  GLN A N   1 
ATOM   319  C CA  . GLN A 1 71  ? 16.240  -7.491  0.624   1.00 31.17 ? 71  GLN A CA  1 
ATOM   320  C C   . GLN A 1 71  ? 17.593  -6.785  0.588   1.00 31.53 ? 71  GLN A C   1 
ATOM   321  O O   . GLN A 1 71  ? 17.768  -5.808  -0.137  1.00 31.03 ? 71  GLN A O   1 
ATOM   322  C CB  . GLN A 1 71  ? 16.208  -8.687  -0.328  1.00 32.52 ? 71  GLN A CB  1 
ATOM   323  C CG  . GLN A 1 71  ? 14.978  -9.570  -0.125  1.00 33.96 ? 71  GLN A CG  1 
ATOM   324  C CD  . GLN A 1 71  ? 14.773  -10.575 -1.238  1.00 35.08 ? 71  GLN A CD  1 
ATOM   325  O OE1 . GLN A 1 71  ? 13.974  -11.501 -1.109  1.00 36.47 ? 71  GLN A OE1 1 
ATOM   326  N NE2 . GLN A 1 71  ? 15.484  -10.392 -2.344  1.00 35.31 ? 71  GLN A NE2 1 
ATOM   327  N N   . LEU A 1 72  ? 18.537  -7.281  1.384   1.00 32.76 ? 72  LEU A N   1 
ATOM   328  C CA  . LEU A 1 72  ? 19.876  -6.701  1.494   1.00 33.07 ? 72  LEU A CA  1 
ATOM   329  C C   . LEU A 1 72  ? 20.383  -5.855  0.325   1.00 32.50 ? 72  LEU A C   1 
ATOM   330  O O   . LEU A 1 72  ? 20.626  -4.659  0.487   1.00 33.77 ? 72  LEU A O   1 
ATOM   331  C CB  . LEU A 1 72  ? 20.893  -7.802  1.810   1.00 33.75 ? 72  LEU A CB  1 
ATOM   332  C CG  . LEU A 1 72  ? 20.771  -8.419  3.207   0.00 34.74 ? 72  LEU A CG  1 
ATOM   333  C CD1 . LEU A 1 72  ? 21.838  -9.486  3.394   0.00 38.19 ? 72  LEU A CD1 1 
ATOM   334  C CD2 . LEU A 1 72  ? 20.915  -7.332  4.265   0.00 39.48 ? 72  LEU A CD2 1 
ATOM   335  N N   . GLY A 1 73  ? 20.553  -6.459  -0.847  1.00 32.39 ? 73  GLY A N   1 
ATOM   336  C CA  . GLY A 1 73  ? 21.049  -5.695  -1.981  1.00 31.69 ? 73  GLY A CA  1 
ATOM   337  C C   . GLY A 1 73  ? 20.032  -5.486  -3.086  1.00 31.35 ? 73  GLY A C   1 
ATOM   338  O O   . GLY A 1 73  ? 20.378  -5.473  -4.269  1.00 32.24 ? 73  GLY A O   1 
ATOM   339  N N   . GLU A 1 74  ? 18.774  -5.306  -2.699  1.00 30.04 ? 74  GLU A N   1 
ATOM   340  C CA  . GLU A 1 74  ? 17.690  -5.110  -3.656  1.00 28.00 ? 74  GLU A CA  1 
ATOM   341  C C   . GLU A 1 74  ? 17.172  -3.675  -3.624  1.00 25.06 ? 74  GLU A C   1 
ATOM   342  O O   . GLU A 1 74  ? 17.120  -3.055  -2.565  1.00 26.92 ? 74  GLU A O   1 
ATOM   343  C CB  . GLU A 1 74  ? 16.556  -6.083  -3.325  1.00 27.94 ? 74  GLU A CB  1 
ATOM   344  C CG  . GLU A 1 74  ? 15.281  -5.886  -4.118  1.00 27.70 ? 74  GLU A CG  1 
ATOM   345  C CD  . GLU A 1 74  ? 14.151  -6.756  -3.601  1.00 28.28 ? 74  GLU A CD  1 
ATOM   346  O OE1 . GLU A 1 74  ? 13.923  -6.750  -2.375  1.00 28.33 ? 74  GLU A OE1 1 
ATOM   347  O OE2 . GLU A 1 74  ? 13.492  -7.442  -4.415  1.00 27.85 ? 74  GLU A OE2 1 
ATOM   348  N N   . SER A 1 75  ? 16.795  -3.144  -4.786  1.00 23.18 ? 75  SER A N   1 
ATOM   349  C CA  . SER A 1 75  ? 16.277  -1.781  -4.848  1.00 22.40 ? 75  SER A CA  1 
ATOM   350  C C   . SER A 1 75  ? 14.844  -1.776  -4.326  1.00 22.23 ? 75  SER A C   1 
ATOM   351  O O   . SER A 1 75  ? 14.192  -2.816  -4.287  1.00 22.87 ? 75  SER A O   1 
ATOM   352  C CB  . SER A 1 75  ? 16.299  -1.252  -6.287  1.00 23.25 ? 75  SER A CB  1 
ATOM   353  O OG  . SER A 1 75  ? 15.332  -1.905  -7.093  1.00 23.95 ? 75  SER A OG  1 
ATOM   354  N N   . ASN A 1 76  ? 14.364  -0.607  -3.918  1.00 22.14 ? 76  ASN A N   1 
ATOM   355  C CA  . ASN A 1 76  ? 13.005  -0.484  -3.405  1.00 20.84 ? 76  ASN A CA  1 
ATOM   356  C C   . ASN A 1 76  ? 12.016  -0.820  -4.514  1.00 21.50 ? 76  ASN A C   1 
ATOM   357  O O   . ASN A 1 76  ? 11.000  -1.474  -4.277  1.00 19.94 ? 76  ASN A O   1 
ATOM   358  C CB  . ASN A 1 76  ? 12.758  0.941   -2.900  1.00 21.66 ? 76  ASN A CB  1 
ATOM   359  C CG  . ASN A 1 76  ? 13.519  1.253   -1.620  1.00 23.93 ? 76  ASN A CG  1 
ATOM   360  O OD1 . ASN A 1 76  ? 13.937  2.390   -1.395  1.00 25.79 ? 76  ASN A OD1 1 
ATOM   361  N ND2 . ASN A 1 76  ? 13.686  0.246   -0.767  1.00 24.51 ? 76  ASN A ND2 1 
ATOM   362  N N   . GLU A 1 77  ? 12.326  -0.370  -5.726  1.00 21.26 ? 77  GLU A N   1 
ATOM   363  C CA  . GLU A 1 77  ? 11.469  -0.618  -6.878  1.00 22.44 ? 77  GLU A CA  1 
ATOM   364  C C   . GLU A 1 77  ? 11.308  -2.114  -7.134  1.00 21.71 ? 77  GLU A C   1 
ATOM   365  O O   . GLU A 1 77  ? 10.200  -2.597  -7.372  1.00 21.36 ? 77  GLU A O   1 
ATOM   366  C CB  . GLU A 1 77  ? 12.046  0.060   -8.125  1.00 24.78 ? 77  GLU A CB  1 
ATOM   367  C CG  . GLU A 1 77  ? 12.108  1.582   -8.061  0.00 28.66 ? 77  GLU A CG  1 
ATOM   368  C CD  . GLU A 1 77  ? 12.970  2.088   -6.921  1.00 29.31 ? 77  GLU A CD  1 
ATOM   369  O OE1 . GLU A 1 77  ? 14.121  1.627   -6.795  1.00 29.51 ? 77  GLU A OE1 1 
ATOM   370  O OE2 . GLU A 1 77  ? 12.496  2.954   -6.151  1.00 31.32 ? 77  GLU A OE2 1 
ATOM   371  N N   . ASP A 1 78  ? 12.412  -2.854  -7.083  1.00 22.31 ? 78  ASP A N   1 
ATOM   372  C CA  . ASP A 1 78  ? 12.339  -4.289  -7.319  1.00 21.57 ? 78  ASP A CA  1 
ATOM   373  C C   . ASP A 1 78  ? 11.616  -5.011  -6.188  1.00 20.35 ? 78  ASP A C   1 
ATOM   374  O O   . ASP A 1 78  ? 10.983  -6.046  -6.411  1.00 19.76 ? 78  ASP A O   1 
ATOM   375  C CB  . ASP A 1 78  ? 13.738  -4.883  -7.516  1.00 23.78 ? 78  ASP A CB  1 
ATOM   376  C CG  . ASP A 1 78  ? 14.336  -4.521  -8.861  1.00 27.10 ? 78  ASP A CG  1 
ATOM   377  O OD1 . ASP A 1 78  ? 13.562  -4.309  -9.821  1.00 29.25 ? 78  ASP A OD1 1 
ATOM   378  O OD2 . ASP A 1 78  ? 15.578  -4.465  -8.969  1.00 29.55 ? 78  ASP A OD2 1 
ATOM   379  N N   . ALA A 1 79  ? 11.710  -4.464  -4.979  1.00 18.99 ? 79  ALA A N   1 
ATOM   380  C CA  . ALA A 1 79  ? 11.039  -5.056  -3.829  1.00 18.13 ? 79  ALA A CA  1 
ATOM   381  C C   . ALA A 1 79  ? 9.526   -4.921  -4.018  1.00 17.82 ? 79  ALA A C   1 
ATOM   382  O O   . ALA A 1 79  ? 8.771   -5.848  -3.724  1.00 17.92 ? 79  ALA A O   1 
ATOM   383  C CB  . ALA A 1 79  ? 11.480  -4.360  -2.545  1.00 19.13 ? 79  ALA A CB  1 
ATOM   384  N N   . VAL A 1 80  ? 9.087   -3.768  -4.517  1.00 17.55 ? 80  VAL A N   1 
ATOM   385  C CA  . VAL A 1 80  ? 7.664   -3.539  -4.760  1.00 16.23 ? 80  VAL A CA  1 
ATOM   386  C C   . VAL A 1 80  ? 7.173   -4.571  -5.772  1.00 16.48 ? 80  VAL A C   1 
ATOM   387  O O   . VAL A 1 80  ? 6.159   -5.230  -5.561  1.00 14.93 ? 80  VAL A O   1 
ATOM   388  C CB  . VAL A 1 80  ? 7.402   -2.120  -5.329  1.00 16.35 ? 80  VAL A CB  1 
ATOM   389  C CG1 . VAL A 1 80  ? 5.952   -1.994  -5.781  1.00 17.67 ? 80  VAL A CG1 1 
ATOM   390  C CG2 . VAL A 1 80  ? 7.714   -1.068  -4.270  1.00 18.78 ? 80  VAL A CG2 1 
ATOM   391  N N   . ILE A 1 81  ? 7.906   -4.704  -6.874  1.00 15.17 ? 81  ILE A N   1 
ATOM   392  C CA  . ILE A 1 81  ? 7.549   -5.655  -7.919  1.00 16.00 ? 81  ILE A CA  1 
ATOM   393  C C   . ILE A 1 81  ? 7.470   -7.078  -7.362  1.00 16.24 ? 81  ILE A C   1 
ATOM   394  O O   . ILE A 1 81  ? 6.527   -7.817  -7.648  1.00 16.19 ? 81  ILE A O   1 
ATOM   395  C CB  . ILE A 1 81  ? 8.575   -5.591  -9.075  1.00 15.43 ? 81  ILE A CB  1 
ATOM   396  C CG1 . ILE A 1 81  ? 8.424   -4.255  -9.805  1.00 16.91 ? 81  ILE A CG1 1 
ATOM   397  C CG2 . ILE A 1 81  ? 8.379   -6.756  -10.040 1.00 16.70 ? 81  ILE A CG2 1 
ATOM   398  C CD1 . ILE A 1 81  ? 9.547   -3.952  -10.786 1.00 18.73 ? 81  ILE A CD1 1 
ATOM   399  N N   . ARG A 1 82  ? 8.455   -7.448  -6.550  1.00 17.42 ? 82  ARG A N   1 
ATOM   400  C CA  . ARG A 1 82  ? 8.507   -8.779  -5.950  1.00 17.84 ? 82  ARG A CA  1 
ATOM   401  C C   . ARG A 1 82  ? 7.330   -9.070  -5.020  1.00 17.07 ? 82  ARG A C   1 
ATOM   402  O O   . ARG A 1 82  ? 6.730   -10.147 -5.090  1.00 18.00 ? 82  ARG A O   1 
ATOM   403  C CB  . ARG A 1 82  ? 9.825   -8.951  -5.183  1.00 20.24 ? 82  ARG A CB  1 
ATOM   404  C CG  . ARG A 1 82  ? 9.929   -10.235 -4.361  1.00 21.57 ? 82  ARG A CG  1 
ATOM   405  C CD  . ARG A 1 82  ? 11.328  -10.380 -3.771  1.00 23.01 ? 82  ARG A CD  1 
ATOM   406  N NE  . ARG A 1 82  ? 11.708  -9.209  -2.984  1.00 24.91 ? 82  ARG A NE  1 
ATOM   407  C CZ  . ARG A 1 82  ? 11.307  -8.974  -1.739  1.00 25.55 ? 82  ARG A CZ  1 
ATOM   408  N NH1 . ARG A 1 82  ? 11.704  -7.874  -1.115  1.00 27.82 ? 82  ARG A NH1 1 
ATOM   409  N NH2 . ARG A 1 82  ? 10.529  -9.845  -1.109  1.00 28.36 ? 82  ARG A NH2 1 
ATOM   410  N N   . ARG A 1 83  ? 6.999   -8.120  -4.151  1.00 16.16 ? 83  ARG A N   1 
ATOM   411  C CA  . ARG A 1 83  ? 5.893   -8.323  -3.220  1.00 17.27 ? 83  ARG A CA  1 
ATOM   412  C C   . ARG A 1 83  ? 4.526   -8.272  -3.902  1.00 16.52 ? 83  ARG A C   1 
ATOM   413  O O   . ARG A 1 83  ? 3.595   -8.954  -3.474  1.00 16.43 ? 83  ARG A O   1 
ATOM   414  C CB  . ARG A 1 83  ? 5.967   -7.312  -2.075  1.00 18.76 ? 83  ARG A CB  1 
ATOM   415  C CG  . ARG A 1 83  ? 7.186   -7.510  -1.175  1.00 22.06 ? 83  ARG A CG  1 
ATOM   416  C CD  . ARG A 1 83  ? 7.282   -8.943  -0.646  1.00 23.85 ? 83  ARG A CD  1 
ATOM   417  N NE  . ARG A 1 83  ? 6.151   -9.313  0.203   1.00 26.99 ? 83  ARG A NE  1 
ATOM   418  C CZ  . ARG A 1 83  ? 6.061   -10.465 0.863   1.00 29.55 ? 83  ARG A CZ  1 
ATOM   419  N NH1 . ARG A 1 83  ? 7.034   -11.364 0.772   1.00 30.71 ? 83  ARG A NH1 1 
ATOM   420  N NH2 . ARG A 1 83  ? 5.003   -10.719 1.622   1.00 30.54 ? 83  ARG A NH2 1 
ATOM   421  N N   . CYS A 1 84  ? 4.397   -7.472  -4.956  1.00 15.30 ? 84  CYS A N   1 
ATOM   422  C CA  . CYS A 1 84  ? 3.126   -7.425  -5.675  1.00 15.40 ? 84  CYS A CA  1 
ATOM   423  C C   . CYS A 1 84  ? 2.883   -8.804  -6.282  1.00 14.37 ? 84  CYS A C   1 
ATOM   424  O O   . CYS A 1 84  ? 1.759   -9.294  -6.311  1.00 14.68 ? 84  CYS A O   1 
ATOM   425  C CB  . CYS A 1 84  ? 3.158   -6.359  -6.775  1.00 15.35 ? 84  CYS A CB  1 
ATOM   426  S SG  . CYS A 1 84  ? 2.962   -4.698  -6.122  1.00 18.14 ? 84  CYS A SG  1 
ATOM   427  N N   . ARG A 1 85  ? 3.948   -9.438  -6.760  1.00 15.91 ? 85  ARG A N   1 
ATOM   428  C CA  . ARG A 1 85  ? 3.819   -10.777 -7.320  1.00 16.12 ? 85  ARG A CA  1 
ATOM   429  C C   . ARG A 1 85  ? 3.540   -11.802 -6.221  1.00 15.29 ? 85  ARG A C   1 
ATOM   430  O O   . ARG A 1 85  ? 2.712   -12.696 -6.388  1.00 18.57 ? 85  ARG A O   1 
ATOM   431  C CB  . ARG A 1 85  ? 5.100   -11.167 -8.058  1.00 17.93 ? 85  ARG A CB  1 
ATOM   432  C CG  . ARG A 1 85  ? 5.260   -10.488 -9.394  1.00 19.80 ? 85  ARG A CG  1 
ATOM   433  C CD  . ARG A 1 85  ? 6.676   -10.649 -9.930  1.00 22.14 ? 85  ARG A CD  1 
ATOM   434  N NE  . ARG A 1 85  ? 6.782   -10.129 -11.288 1.00 22.58 ? 85  ARG A NE  1 
ATOM   435  C CZ  . ARG A 1 85  ? 7.927   -9.904  -11.921 1.00 23.44 ? 85  ARG A CZ  1 
ATOM   436  N NH1 . ARG A 1 85  ? 9.081   -10.151 -11.318 1.00 24.62 ? 85  ARG A NH1 1 
ATOM   437  N NH2 . ARG A 1 85  ? 7.917   -9.432  -13.159 1.00 24.13 ? 85  ARG A NH2 1 
ATOM   438  N N   . TYR A 1 86  ? 4.222   -11.664 -5.090  1.00 16.63 ? 86  TYR A N   1 
ATOM   439  C CA  . TYR A 1 86  ? 4.057   -12.608 -3.990  1.00 17.13 ? 86  TYR A CA  1 
ATOM   440  C C   . TYR A 1 86  ? 2.707   -12.566 -3.277  1.00 17.60 ? 86  TYR A C   1 
ATOM   441  O O   . TYR A 1 86  ? 2.093   -13.607 -3.042  1.00 17.97 ? 86  TYR A O   1 
ATOM   442  C CB  . TYR A 1 86  ? 5.162   -12.403 -2.952  1.00 19.13 ? 86  TYR A CB  1 
ATOM   443  C CG  . TYR A 1 86  ? 5.162   -13.448 -1.858  1.00 22.32 ? 86  TYR A CG  1 
ATOM   444  C CD1 . TYR A 1 86  ? 5.657   -14.729 -2.096  1.00 25.48 ? 86  TYR A CD1 1 
ATOM   445  C CD2 . TYR A 1 86  ? 4.654   -13.161 -0.591  1.00 24.14 ? 86  TYR A CD2 1 
ATOM   446  C CE1 . TYR A 1 86  ? 5.649   -15.702 -1.094  1.00 27.15 ? 86  TYR A CE1 1 
ATOM   447  C CE2 . TYR A 1 86  ? 4.640   -14.129 0.416   1.00 25.56 ? 86  TYR A CE2 1 
ATOM   448  C CZ  . TYR A 1 86  ? 5.140   -15.394 0.157   1.00 26.98 ? 86  TYR A CZ  1 
ATOM   449  O OH  . TYR A 1 86  ? 5.132   -16.349 1.152   1.00 28.59 ? 86  TYR A OH  1 
ATOM   450  N N   . GLU A 1 87  ? 2.242   -11.373 -2.925  1.00 15.41 ? 87  GLU A N   1 
ATOM   451  C CA  . GLU A 1 87  ? 0.982   -11.257 -2.197  1.00 16.16 ? 87  GLU A CA  1 
ATOM   452  C C   . GLU A 1 87  ? -0.261  -11.181 -3.063  1.00 14.58 ? 87  GLU A C   1 
ATOM   453  O O   . GLU A 1 87  ? -1.320  -11.680 -2.681  1.00 14.87 ? 87  GLU A O   1 
ATOM   454  C CB  . GLU A 1 87  ? 0.996   -10.019 -1.293  1.00 18.46 ? 87  GLU A CB  1 
ATOM   455  C CG  . GLU A 1 87  ? 2.223   -9.884  -0.415  1.00 22.02 ? 87  GLU A CG  1 
ATOM   456  C CD  . GLU A 1 87  ? 1.986   -8.959  0.760   1.00 27.10 ? 87  GLU A CD  1 
ATOM   457  O OE1 . GLU A 1 87  ? 1.275   -7.949  0.586   1.00 28.46 ? 87  GLU A OE1 1 
ATOM   458  O OE2 . GLU A 1 87  ? 2.517   -9.236  1.860   1.00 30.30 ? 87  GLU A OE2 1 
ATOM   459  N N   . LEU A 1 88  ? -0.123  -10.565 -4.231  1.00 14.55 ? 88  LEU A N   1 
ATOM   460  C CA  . LEU A 1 88  ? -1.255  -10.352 -5.125  1.00 14.66 ? 88  LEU A CA  1 
ATOM   461  C C   . LEU A 1 88  ? -1.156  -11.023 -6.488  1.00 15.44 ? 88  LEU A C   1 
ATOM   462  O O   . LEU A 1 88  ? -2.067  -10.890 -7.311  1.00 15.24 ? 88  LEU A O   1 
ATOM   463  C CB  . LEU A 1 88  ? -1.447  -8.844  -5.314  1.00 15.80 ? 88  LEU A CB  1 
ATOM   464  C CG  . LEU A 1 88  ? -1.616  -8.026  -4.025  1.00 15.41 ? 88  LEU A CG  1 
ATOM   465  C CD1 . LEU A 1 88  ? -1.593  -6.533  -4.345  1.00 17.46 ? 88  LEU A CD1 1 
ATOM   466  C CD2 . LEU A 1 88  ? -2.925  -8.407  -3.346  1.00 17.50 ? 88  LEU A CD2 1 
ATOM   467  N N   . GLY A 1 89  ? -0.052  -11.731 -6.720  1.00 14.99 ? 89  GLY A N   1 
ATOM   468  C CA  . GLY A 1 89  ? 0.167   -12.416 -7.985  1.00 16.34 ? 89  GLY A CA  1 
ATOM   469  C C   . GLY A 1 89  ? -0.034  -11.538 -9.202  1.00 16.33 ? 89  GLY A C   1 
ATOM   470  O O   . GLY A 1 89  ? -0.419  -12.024 -10.266 1.00 19.42 ? 89  GLY A O   1 
ATOM   471  N N   . VAL A 1 90  ? 0.267   -10.251 -9.062  1.00 15.82 ? 90  VAL A N   1 
ATOM   472  C CA  . VAL A 1 90  ? 0.050   -9.303  -10.145 1.00 15.26 ? 90  VAL A CA  1 
ATOM   473  C C   . VAL A 1 90  ? 1.298   -8.620  -10.710 1.00 14.72 ? 90  VAL A C   1 
ATOM   474  O O   . VAL A 1 90  ? 2.296   -8.433  -10.012 1.00 16.47 ? 90  VAL A O   1 
ATOM   475  C CB  . VAL A 1 90  ? -0.965  -8.218  -9.679  1.00 16.11 ? 90  VAL A CB  1 
ATOM   476  C CG1 . VAL A 1 90  ? -0.292  -7.243  -8.713  1.00 16.30 ? 90  VAL A CG1 1 
ATOM   477  C CG2 . VAL A 1 90  ? -1.560  -7.494  -10.872 1.00 17.84 ? 90  VAL A CG2 1 
ATOM   478  N N   . GLU A 1 91  ? 1.224   -8.271  -11.991 1.00 15.08 ? 91  GLU A N   1 
ATOM   479  C CA  . GLU A 1 91  ? 2.292   -7.561  -12.684 1.00 15.17 ? 91  GLU A CA  1 
ATOM   480  C C   . GLU A 1 91  ? 1.916   -6.086  -12.633 1.00 14.82 ? 91  GLU A C   1 
ATOM   481  O O   . GLU A 1 91  ? 0.726   -5.747  -12.600 1.00 14.27 ? 91  GLU A O   1 
ATOM   482  C CB  . GLU A 1 91  ? 2.393   -8.021  -14.142 1.00 16.82 ? 91  GLU A CB  1 
ATOM   483  C CG  . GLU A 1 91  ? 2.858   -9.455  -14.311 1.00 19.65 ? 91  GLU A CG  1 
ATOM   484  C CD  . GLU A 1 91  ? 4.236   -9.689  -13.722 1.00 20.45 ? 91  GLU A CD  1 
ATOM   485  O OE1 . GLU A 1 91  ? 5.165   -8.909  -14.036 1.00 20.73 ? 91  GLU A OE1 1 
ATOM   486  O OE2 . GLU A 1 91  ? 4.391   -10.657 -12.948 1.00 22.98 ? 91  GLU A OE2 1 
ATOM   487  N N   . ILE A 1 92  ? 2.916   -5.211  -12.630 1.00 13.82 ? 92  ILE A N   1 
ATOM   488  C CA  . ILE A 1 92  ? 2.661   -3.775  -12.547 1.00 13.42 ? 92  ILE A CA  1 
ATOM   489  C C   . ILE A 1 92  ? 3.548   -2.939  -13.466 1.00 13.31 ? 92  ILE A C   1 
ATOM   490  O O   . ILE A 1 92  ? 4.550   -3.427  -13.999 1.00 15.32 ? 92  ILE A O   1 
ATOM   491  C CB  . ILE A 1 92  ? 2.880   -3.257  -11.094 1.00 14.36 ? 92  ILE A CB  1 
ATOM   492  C CG1 . ILE A 1 92  ? 4.335   -3.490  -10.662 1.00 14.55 ? 92  ILE A CG1 1 
ATOM   493  C CG2 . ILE A 1 92  ? 1.925   -3.957  -10.140 1.00 15.35 ? 92  ILE A CG2 1 
ATOM   494  C CD1 . ILE A 1 92  ? 4.664   -2.960  -9.268  1.00 15.39 ? 92  ILE A CD1 1 
ATOM   495  N N   . THR A 1 93  ? 3.161   -1.679  -13.655 1.00 13.40 ? 93  THR A N   1 
ATOM   496  C CA  . THR A 1 93  ? 3.938   -0.744  -14.465 1.00 14.53 ? 93  THR A CA  1 
ATOM   497  C C   . THR A 1 93  ? 5.090   -0.264  -13.576 1.00 14.17 ? 93  THR A C   1 
ATOM   498  O O   . THR A 1 93  ? 5.105   -0.537  -12.371 1.00 15.13 ? 93  THR A O   1 
ATOM   499  C CB  . THR A 1 93  ? 3.082   0.469   -14.908 1.00 15.06 ? 93  THR A CB  1 
ATOM   500  O OG1 . THR A 1 93  ? 2.469   1.075   -13.763 1.00 15.87 ? 93  THR A OG1 1 
ATOM   501  C CG2 . THR A 1 93  ? 1.987   0.024   -15.873 1.00 16.70 ? 93  THR A CG2 1 
ATOM   502  N N   . PRO A 1 94  ? 6.072   0.452   -14.147 1.00 14.97 ? 94  PRO A N   1 
ATOM   503  C CA  . PRO A 1 94  ? 7.193   0.922   -13.320 1.00 15.45 ? 94  PRO A CA  1 
ATOM   504  C C   . PRO A 1 94  ? 6.722   1.748   -12.124 1.00 14.64 ? 94  PRO A C   1 
ATOM   505  O O   . PRO A 1 94  ? 6.049   2.761   -12.290 1.00 16.95 ? 94  PRO A O   1 
ATOM   506  C CB  . PRO A 1 94  ? 8.026   1.740   -14.306 1.00 16.47 ? 94  PRO A CB  1 
ATOM   507  C CG  . PRO A 1 94  ? 7.762   1.038   -15.618 1.00 16.42 ? 94  PRO A CG  1 
ATOM   508  C CD  . PRO A 1 94  ? 6.267   0.829   -15.558 1.00 15.50 ? 94  PRO A CD  1 
ATOM   509  N N   . PRO A 1 95  ? 7.070   1.319   -10.899 1.00 15.50 ? 95  PRO A N   1 
ATOM   510  C CA  . PRO A 1 95  ? 6.657   2.051   -9.697  1.00 15.29 ? 95  PRO A CA  1 
ATOM   511  C C   . PRO A 1 95  ? 7.168   3.484   -9.668  1.00 13.79 ? 95  PRO A C   1 
ATOM   512  O O   . PRO A 1 95  ? 8.355   3.738   -9.907  1.00 14.11 ? 95  PRO A O   1 
ATOM   513  C CB  . PRO A 1 95  ? 7.253   1.221   -8.559  1.00 17.39 ? 95  PRO A CB  1 
ATOM   514  C CG  . PRO A 1 95  ? 7.293   -0.160  -9.125  1.00 19.56 ? 95  PRO A CG  1 
ATOM   515  C CD  . PRO A 1 95  ? 7.772   0.075   -10.539 1.00 16.78 ? 95  PRO A CD  1 
ATOM   516  N N   . GLU A 1 96  ? 6.263   4.412   -9.372  1.00 13.76 ? 96  GLU A N   1 
ATOM   517  C CA  . GLU A 1 96  ? 6.598   5.826   -9.281  1.00 13.65 ? 96  GLU A CA  1 
ATOM   518  C C   . GLU A 1 96  ? 6.781   6.181   -7.809  1.00 13.77 ? 96  GLU A C   1 
ATOM   519  O O   . GLU A 1 96  ? 5.987   5.765   -6.963  1.00 13.72 ? 96  GLU A O   1 
ATOM   520  C CB  . GLU A 1 96  ? 5.468   6.679   -9.869  1.00 15.66 ? 96  GLU A CB  1 
ATOM   521  C CG  . GLU A 1 96  ? 5.742   8.180   -9.830  1.00 17.65 ? 96  GLU A CG  1 
ATOM   522  C CD  . GLU A 1 96  ? 4.508   9.008   -10.137 1.00 18.70 ? 96  GLU A CD  1 
ATOM   523  O OE1 . GLU A 1 96  ? 3.893   8.792   -11.200 1.00 20.13 ? 96  GLU A OE1 1 
ATOM   524  O OE2 . GLU A 1 96  ? 4.151   9.877   -9.314  1.00 21.47 ? 96  GLU A OE2 1 
ATOM   525  N N   . SER A 1 97  ? 7.832   6.938   -7.506  1.00 12.65 ? 97  SER A N   1 
ATOM   526  C CA  . SER A 1 97  ? 8.104   7.367   -6.134  1.00 13.42 ? 97  SER A CA  1 
ATOM   527  C C   . SER A 1 97  ? 7.214   8.570   -5.828  1.00 15.04 ? 97  SER A C   1 
ATOM   528  O O   . SER A 1 97  ? 7.337   9.609   -6.478  1.00 16.94 ? 97  SER A O   1 
ATOM   529  C CB  . SER A 1 97  ? 9.582   7.753   -5.997  1.00 14.09 ? 97  SER A CB  1 
ATOM   530  O OG  . SER A 1 97  ? 9.844   8.380   -4.749  1.00 17.63 ? 97  SER A OG  1 
ATOM   531  N N   . ILE A 1 98  ? 6.317   8.440   -4.849  1.00 15.43 ? 98  ILE A N   1 
ATOM   532  C CA  . ILE A 1 98  ? 5.410   9.541   -4.521  1.00 16.79 ? 98  ILE A CA  1 
ATOM   533  C C   . ILE A 1 98  ? 5.580   10.168  -3.132  1.00 19.00 ? 98  ILE A C   1 
ATOM   534  O O   . ILE A 1 98  ? 4.972   11.197  -2.847  1.00 20.64 ? 98  ILE A O   1 
ATOM   535  C CB  . ILE A 1 98  ? 3.921   9.112   -4.657  1.00 16.45 ? 98  ILE A CB  1 
ATOM   536  C CG1 . ILE A 1 98  ? 3.562   8.087   -3.583  1.00 16.50 ? 98  ILE A CG1 1 
ATOM   537  C CG2 . ILE A 1 98  ? 3.666   8.522   -6.042  1.00 17.37 ? 98  ILE A CG2 1 
ATOM   538  C CD1 . ILE A 1 98  ? 2.075   7.763   -3.533  1.00 17.11 ? 98  ILE A CD1 1 
ATOM   539  N N   . TYR A 1 99  ? 6.400   9.556   -2.282  1.00 19.35 ? 99  TYR A N   1 
ATOM   540  C CA  . TYR A 1 99  ? 6.636   10.055  -0.917  1.00 20.21 ? 99  TYR A CA  1 
ATOM   541  C C   . TYR A 1 99  ? 7.923   9.373   -0.441  1.00 20.12 ? 99  TYR A C   1 
ATOM   542  O O   . TYR A 1 99  ? 7.897   8.489   0.413   1.00 20.50 ? 99  TYR A O   1 
ATOM   543  C CB  . TYR A 1 99  ? 5.462   9.649   -0.015  1.00 20.86 ? 99  TYR A CB  1 
ATOM   544  C CG  . TYR A 1 99  ? 5.343   10.393  1.305   1.00 22.12 ? 99  TYR A CG  1 
ATOM   545  C CD1 . TYR A 1 99  ? 6.378   11.196  1.787   1.00 22.57 ? 99  TYR A CD1 1 
ATOM   546  C CD2 . TYR A 1 99  ? 4.195   10.262  2.088   1.00 22.27 ? 99  TYR A CD2 1 
ATOM   547  C CE1 . TYR A 1 99  ? 6.268   11.849  3.021   1.00 24.40 ? 99  TYR A CE1 1 
ATOM   548  C CE2 . TYR A 1 99  ? 4.076   10.907  3.318   1.00 23.96 ? 99  TYR A CE2 1 
ATOM   549  C CZ  . TYR A 1 99  ? 5.113   11.698  3.778   1.00 24.72 ? 99  TYR A CZ  1 
ATOM   550  O OH  . TYR A 1 99  ? 4.984   12.336  4.996   1.00 26.57 ? 99  TYR A OH  1 
ATOM   551  N N   . PRO A 1 100 ? 9.072   9.794   -0.987  1.00 21.47 ? 100 PRO A N   1 
ATOM   552  C CA  . PRO A 1 100 ? 10.370  9.215   -0.633  1.00 22.63 ? 100 PRO A CA  1 
ATOM   553  C C   . PRO A 1 100 ? 10.844  9.374   0.803   1.00 23.04 ? 100 PRO A C   1 
ATOM   554  O O   . PRO A 1 100 ? 11.504  8.485   1.335   1.00 23.95 ? 100 PRO A O   1 
ATOM   555  C CB  . PRO A 1 100 ? 11.319  9.877   -1.628  1.00 22.83 ? 100 PRO A CB  1 
ATOM   556  C CG  . PRO A 1 100 ? 10.719  11.222  -1.800  1.00 22.65 ? 100 PRO A CG  1 
ATOM   557  C CD  . PRO A 1 100 ? 9.241   10.916  -1.926  1.00 22.55 ? 100 PRO A CD  1 
ATOM   558  N N   . ASP A 1 101 ? 10.494  10.493  1.422   1.00 24.98 ? 101 ASP A N   1 
ATOM   559  C CA  . ASP A 1 101 ? 10.925  10.787  2.784   1.00 27.00 ? 101 ASP A CA  1 
ATOM   560  C C   . ASP A 1 101 ? 9.977   10.342  3.891   1.00 26.02 ? 101 ASP A C   1 
ATOM   561  O O   . ASP A 1 101 ? 10.124  10.762  5.042   1.00 27.03 ? 101 ASP A O   1 
ATOM   562  C CB  . ASP A 1 101 ? 11.196  12.289  2.909   1.00 29.06 ? 101 ASP A CB  1 
ATOM   563  C CG  . ASP A 1 101 ? 10.005  13.137  2.496   1.00 32.11 ? 101 ASP A CG  1 
ATOM   564  O OD1 . ASP A 1 101 ? 9.436   12.890  1.408   1.00 32.46 ? 101 ASP A OD1 1 
ATOM   565  O OD2 . ASP A 1 101 ? 9.638   14.058  3.256   1.00 34.55 ? 101 ASP A OD2 1 
ATOM   566  N N   . PHE A 1 102 ? 9.016   9.485   3.565   1.00 23.66 ? 102 PHE A N   1 
ATOM   567  C CA  . PHE A 1 102 ? 8.082   9.024   4.580   1.00 22.81 ? 102 PHE A CA  1 
ATOM   568  C C   . PHE A 1 102 ? 8.762   8.128   5.608   1.00 22.43 ? 102 PHE A C   1 
ATOM   569  O O   . PHE A 1 102 ? 9.407   7.133   5.266   1.00 22.73 ? 102 PHE A O   1 
ATOM   570  C CB  . PHE A 1 102 ? 6.907   8.270   3.946   1.00 22.18 ? 102 PHE A CB  1 
ATOM   571  C CG  . PHE A 1 102 ? 5.920   7.739   4.954   1.00 22.14 ? 102 PHE A CG  1 
ATOM   572  C CD1 . PHE A 1 102 ? 5.193   8.612   5.758   1.00 22.48 ? 102 PHE A CD1 1 
ATOM   573  C CD2 . PHE A 1 102 ? 5.742   6.370   5.121   1.00 20.31 ? 102 PHE A CD2 1 
ATOM   574  C CE1 . PHE A 1 102 ? 4.305   8.128   6.715   1.00 22.34 ? 102 PHE A CE1 1 
ATOM   575  C CE2 . PHE A 1 102 ? 4.855   5.875   6.077   1.00 21.91 ? 102 PHE A CE2 1 
ATOM   576  C CZ  . PHE A 1 102 ? 4.136   6.761   6.876   1.00 20.76 ? 102 PHE A CZ  1 
ATOM   577  N N   . ARG A 1 103 ? 8.626   8.506   6.874   1.00 25.72 ? 103 ARG A N   1 
ATOM   578  C CA  . ARG A 1 103 ? 9.184   7.734   7.977   1.00 27.39 ? 103 ARG A CA  1 
ATOM   579  C C   . ARG A 1 103 ? 8.057   7.594   8.980   1.00 29.34 ? 103 ARG A C   1 
ATOM   580  O O   . ARG A 1 103 ? 7.211   8.484   9.097   1.00 31.47 ? 103 ARG A O   1 
ATOM   581  C CB  . ARG A 1 103 ? 10.347  8.467   8.657   1.00 29.11 ? 103 ARG A CB  1 
ATOM   582  C CG  . ARG A 1 103 ? 11.548  8.783   7.791   0.00 38.70 ? 103 ARG A CG  1 
ATOM   583  C CD  . ARG A 1 103 ? 12.756  9.031   8.686   0.00 38.12 ? 103 ARG A CD  1 
ATOM   584  N NE  . ARG A 1 103 ? 13.855  9.696   7.997   1.00 47.83 ? 103 ARG A NE  1 
ATOM   585  C CZ  . ARG A 1 103 ? 13.842  10.972  7.631   0.00 43.89 ? 103 ARG A CZ  1 
ATOM   586  N NH1 . ARG A 1 103 ? 14.886  11.498  7.006   0.00 46.63 ? 103 ARG A NH1 1 
ATOM   587  N NH2 . ARG A 1 103 ? 12.783  11.729  7.894   0.00 50.84 ? 103 ARG A NH2 1 
ATOM   588  N N   . TYR A 1 104 ? 8.032   6.488   9.710   1.00 29.63 ? 104 TYR A N   1 
ATOM   589  C CA  . TYR A 1 104 ? 6.975   6.316   10.687  1.00 31.06 ? 104 TYR A CA  1 
ATOM   590  C C   . TYR A 1 104 ? 7.327   5.368   11.817  1.00 30.32 ? 104 TYR A C   1 
ATOM   591  O O   . TYR A 1 104 ? 8.079   4.409   11.646  1.00 29.04 ? 104 TYR A O   1 
ATOM   592  C CB  . TYR A 1 104 ? 5.689   5.850   9.988   0.00 36.85 ? 104 TYR A CB  1 
ATOM   593  C CG  . TYR A 1 104 ? 5.569   4.352   9.796   1.00 35.05 ? 104 TYR A CG  1 
ATOM   594  C CD1 . TYR A 1 104 ? 5.009   3.546   10.787  1.00 35.89 ? 104 TYR A CD1 1 
ATOM   595  C CD2 . TYR A 1 104 ? 6.016   3.737   8.627   1.00 35.95 ? 104 TYR A CD2 1 
ATOM   596  C CE1 . TYR A 1 104 ? 4.894   2.167   10.620  1.00 35.76 ? 104 TYR A CE1 1 
ATOM   597  C CE2 . TYR A 1 104 ? 5.908   2.358   8.448   0.00 40.80 ? 104 TYR A CE2 1 
ATOM   598  C CZ  . TYR A 1 104 ? 5.347   1.580   9.449   0.00 41.27 ? 104 TYR A CZ  1 
ATOM   599  O OH  . TYR A 1 104 ? 5.234   0.219   9.277   0.00 43.61 ? 104 TYR A OH  1 
ATOM   600  N N   . ARG A 1 105 ? 6.781   5.674   12.985  1.00 30.31 ? 105 ARG A N   1 
ATOM   601  C CA  . ARG A 1 105 ? 6.963   4.857   14.170  1.00 30.21 ? 105 ARG A CA  1 
ATOM   602  C C   . ARG A 1 105 ? 5.550   4.711   14.700  1.00 30.30 ? 105 ARG A C   1 
ATOM   603  O O   . ARG A 1 105 ? 4.976   5.661   15.230  1.00 31.18 ? 105 ARG A O   1 
ATOM   604  C CB  . ARG A 1 105 ? 7.841   5.562   15.203  1.00 30.42 ? 105 ARG A CB  1 
ATOM   605  C CG  . ARG A 1 105 ? 8.118   4.709   16.436  0.00 35.58 ? 105 ARG A CG  1 
ATOM   606  C CD  . ARG A 1 105 ? 9.121   5.362   17.370  0.00 39.18 ? 105 ARG A CD  1 
ATOM   607  N NE  . ARG A 1 105 ? 9.414   4.514   18.522  0.00 42.37 ? 105 ARG A NE  1 
ATOM   608  C CZ  . ARG A 1 105 ? 10.303  4.811   19.465  0.00 44.75 ? 105 ARG A CZ  1 
ATOM   609  N NH1 . ARG A 1 105 ? 10.994  5.941   19.394  0.00 46.25 ? 105 ARG A NH1 1 
ATOM   610  N NH2 . ARG A 1 105 ? 10.503  3.978   20.477  0.00 45.62 ? 105 ARG A NH2 1 
ATOM   611  N N   . ALA A 1 106 ? 4.944   3.548   14.509  1.00 29.27 ? 106 ALA A N   1 
ATOM   612  C CA  . ALA A 1 106 ? 3.591   3.206   14.982  1.00 30.09 ? 106 ALA A CA  1 
ATOM   613  C C   . ALA A 1 106 ? 3.650   1.905   15.807  1.00 29.25 ? 106 ALA A C   1 
ATOM   614  O O   . ALA A 1 106 ? 4.560   1.083   15.639  1.00 29.14 ? 106 ALA A O   1 
ATOM   615  C CB  . ALA A 1 106 ? 2.660   3.025   13.783  0.00 30.33 ? 106 ALA A CB  1 
ATOM   616  N N   . THR A 1 107 ? 2.659   1.763   16.681  1.00 40.42 ? 107 THR A N   1 
ATOM   617  C CA  . THR A 1 107 ? 2.541   0.604   17.602  1.00 38.95 ? 107 THR A CA  1 
ATOM   618  C C   . THR A 1 107 ? 1.189   -0.116  17.413  1.00 38.69 ? 107 THR A C   1 
ATOM   619  O O   . THR A 1 107 ? 0.119   0.471   17.596  1.00 38.71 ? 107 THR A O   1 
ATOM   620  C CB  . THR A 1 107 ? 2.640   1.124   19.035  1.00 39.30 ? 107 THR A CB  1 
ATOM   621  O OG1 . THR A 1 107 ? 3.865   1.821   19.206  1.00 38.52 ? 107 THR A OG1 1 
ATOM   622  C CG2 . THR A 1 107 ? 2.587   0.018   20.084  1.00 38.53 ? 107 THR A CG2 1 
ATOM   623  N N   . ASP A 1 108 ? 1.272   -1.393  17.056  1.00 37.95 ? 108 ASP A N   1 
ATOM   624  C CA  . ASP A 1 108 ? 0.075   -2.237  16.805  1.00 37.85 ? 108 ASP A CA  1 
ATOM   625  C C   . ASP A 1 108 ? -0.670  -2.559  18.117  1.00 37.55 ? 108 ASP A C   1 
ATOM   626  O O   . ASP A 1 108 ? -0.234  -2.196  19.220  1.00 36.60 ? 108 ASP A O   1 
ATOM   627  C CB  . ASP A 1 108 ? 0.497   -3.551  16.123  1.00 37.76 ? 108 ASP A CB  1 
ATOM   628  C CG  . ASP A 1 108 ? 0.601   -4.753  17.068  1.00 37.73 ? 108 ASP A CG  1 
ATOM   629  O OD1 . ASP A 1 108 ? 0.597   -5.951  16.584  1.00 37.37 ? 108 ASP A OD1 1 
ATOM   630  O OD2 . ASP A 1 108 ? 0.694   -4.571  18.341  1.00 37.32 ? 108 ASP A OD2 1 
ATOM   631  N N   . PRO A 1 109 ? -1.930  -3.115  18.009  1.00 37.60 ? 109 PRO A N   1 
ATOM   632  C CA  . PRO A 1 109 ? -2.827  -3.366  19.155  1.00 37.99 ? 109 PRO A CA  1 
ATOM   633  C C   . PRO A 1 109 ? -2.257  -4.202  20.328  1.00 38.66 ? 109 PRO A C   1 
ATOM   634  O O   . PRO A 1 109 ? -2.871  -4.209  21.443  1.00 39.63 ? 109 PRO A O   1 
ATOM   635  C CB  . PRO A 1 109 ? -4.033  -4.049  18.536  1.00 38.44 ? 109 PRO A CB  1 
ATOM   636  C CG  . PRO A 1 109 ? -3.797  -4.147  17.029  1.00 38.36 ? 109 PRO A CG  1 
ATOM   637  C CD  . PRO A 1 109 ? -2.465  -3.550  16.705  1.00 37.98 ? 109 PRO A CD  1 
ATOM   638  N N   . SER A 1 110 ? -1.083  -4.945  20.173  1.00 38.33 ? 110 SER A N   1 
ATOM   639  C CA  . SER A 1 110 ? -0.618  -5.676  21.362  1.00 38.20 ? 110 SER A CA  1 
ATOM   640  C C   . SER A 1 110 ? 0.770   -5.174  21.808  1.00 39.29 ? 110 SER A C   1 
ATOM   641  O O   . SER A 1 110 ? 1.549   -5.906  22.435  1.00 40.62 ? 110 SER A O   1 
ATOM   642  C CB  . SER A 1 110 ? -0.526  -7.179  21.076  1.00 36.78 ? 110 SER A CB  1 
ATOM   643  O OG  . SER A 1 110 ? 0.311   -7.420  19.960  1.00 37.00 ? 110 SER A OG  1 
ATOM   644  N N   . GLY A 1 111 ? 1.053   -3.932  21.466  1.00 38.93 ? 111 GLY A N   1 
ATOM   645  C CA  . GLY A 1 111 ? 2.308   -3.266  21.871  1.00 38.16 ? 111 GLY A CA  1 
ATOM   646  C C   . GLY A 1 111 ? 3.487   -3.449  20.893  1.00 37.80 ? 111 GLY A C   1 
ATOM   647  O O   . GLY A 1 111 ? 4.579   -2.903  21.099  1.00 38.04 ? 111 GLY A O   1 
ATOM   648  N N   . ILE A 1 112 ? 3.315   -4.209  19.830  1.00 37.46 ? 112 ILE A N   1 
ATOM   649  C CA  . ILE A 1 112 ? 4.427   -4.371  18.866  1.00 38.00 ? 112 ILE A CA  1 
ATOM   650  C C   . ILE A 1 112 ? 4.677   -2.986  18.241  1.00 37.76 ? 112 ILE A C   1 
ATOM   651  O O   . ILE A 1 112 ? 3.753   -2.332  17.744  1.00 38.90 ? 112 ILE A O   1 
ATOM   652  C CB  . ILE A 1 112 ? 4.071   -5.409  17.793  1.00 38.40 ? 112 ILE A CB  1 
ATOM   653  C CG1 . ILE A 1 112 ? 3.861   -6.820  18.366  1.00 39.04 ? 112 ILE A CG1 1 
ATOM   654  C CG2 . ILE A 1 112 ? 5.158   -5.558  16.722  1.00 38.55 ? 112 ILE A CG2 1 
ATOM   655  C CD1 . ILE A 1 112 ? 5.163   -7.480  18.840  1.00 38.75 ? 112 ILE A CD1 1 
ATOM   656  N N   . VAL A 1 113 ? 5.928   -2.560  18.286  1.00 34.79 ? 113 VAL A N   1 
ATOM   657  C CA  . VAL A 1 113 ? 6.331   -1.231  17.768  0.00 48.35 ? 113 VAL A CA  1 
ATOM   658  C C   . VAL A 1 113 ? 7.182   -1.354  16.503  1.00 35.36 ? 113 VAL A C   1 
ATOM   659  O O   . VAL A 1 113 ? 8.047   -2.227  16.393  1.00 36.68 ? 113 VAL A O   1 
ATOM   660  C CB  . VAL A 1 113 ? 7.150   -0.503  18.835  0.00 48.09 ? 113 VAL A CB  1 
ATOM   661  C CG1 . VAL A 1 113 ? 7.483   0.939   18.454  0.00 53.67 ? 113 VAL A CG1 1 
ATOM   662  C CG2 . VAL A 1 113 ? 6.430   -0.424  20.183  0.00 47.83 ? 113 VAL A CG2 1 
ATOM   663  N N   . GLU A 1 114 ? 6.910   -0.457  15.569  1.00 34.27 ? 114 GLU A N   1 
ATOM   664  C CA  . GLU A 1 114 ? 7.625   -0.418  14.283  1.00 33.52 ? 114 GLU A CA  1 
ATOM   665  C C   . GLU A 1 114 ? 8.125   1.000   13.993  1.00 33.07 ? 114 GLU A C   1 
ATOM   666  O O   . GLU A 1 114 ? 7.370   1.977   14.079  1.00 32.17 ? 114 GLU A O   1 
ATOM   667  C CB  . GLU A 1 114 ? 6.694   -0.858  13.159  0.00 43.79 ? 114 GLU A CB  1 
ATOM   668  C CG  . GLU A 1 114 ? 6.300   -2.331  13.262  0.00 46.13 ? 114 GLU A CG  1 
ATOM   669  C CD  . GLU A 1 114 ? 5.620   -2.856  12.002  0.00 47.00 ? 114 GLU A CD  1 
ATOM   670  O OE1 . GLU A 1 114 ? 5.209   -4.076  11.953  0.00 48.20 ? 114 GLU A OE1 1 
ATOM   671  O OE2 . GLU A 1 114 ? 5.460   -2.076  10.987  0.00 48.03 ? 114 GLU A OE2 1 
ATOM   672  N N   . ASN A 1 115 ? 9.412   1.044   13.663  1.00 32.55 ? 115 ASN A N   1 
ATOM   673  C CA  . ASN A 1 115 ? 10.080  2.293   13.324  1.00 32.64 ? 115 ASN A CA  1 
ATOM   674  C C   . ASN A 1 115 ? 10.756  1.997   11.995  1.00 32.72 ? 115 ASN A C   1 
ATOM   675  O O   . ASN A 1 115 ? 11.636  1.138   11.924  1.00 33.51 ? 115 ASN A O   1 
ATOM   676  C CB  . ASN A 1 115 ? 11.134  2.637   14.379  1.00 33.23 ? 115 ASN A CB  1 
ATOM   677  C CG  . ASN A 1 115 ? 11.555  4.091   14.327  1.00 34.39 ? 115 ASN A CG  1 
ATOM   678  O OD1 . ASN A 1 115 ? 11.793  4.643   13.253  1.00 35.55 ? 115 ASN A OD1 1 
ATOM   679  N ND2 . ASN A 1 115 ? 11.657  4.719   15.493  0.00 42.08 ? 115 ASN A ND2 1 
ATOM   680  N N   . GLU A 1 116 ? 10.352  2.688   10.936  1.00 31.00 ? 116 GLU A N   1 
ATOM   681  C CA  . GLU A 1 116 ? 10.942  2.405   9.636   1.00 30.07 ? 116 GLU A CA  1 
ATOM   682  C C   . GLU A 1 116 ? 11.028  3.579   8.678   1.00 28.51 ? 116 GLU A C   1 
ATOM   683  O O   . GLU A 1 116 ? 10.310  4.569   8.809   1.00 28.73 ? 116 GLU A O   1 
ATOM   684  C CB  . GLU A 1 116 ? 10.147  1.294   8.940   1.00 31.04 ? 116 GLU A CB  1 
ATOM   685  C CG  . GLU A 1 116 ? 9.839   0.082   9.806   0.00 40.01 ? 116 GLU A CG  1 
ATOM   686  C CD  . GLU A 1 116 ? 8.900   -0.893  9.123   0.00 40.17 ? 116 GLU A CD  1 
ATOM   687  O OE1 . GLU A 1 116 ? 7.797   -0.471  8.716   0.00 44.10 ? 116 GLU A OE1 1 
ATOM   688  O OE2 . GLU A 1 116 ? 9.263   -2.080  8.998   0.00 44.05 ? 116 GLU A OE2 1 
ATOM   689  N N   . VAL A 1 117 ? 11.942  3.451   7.721   1.00 27.24 ? 117 VAL A N   1 
ATOM   690  C CA  . VAL A 1 117 ? 12.109  4.431   6.661   1.00 26.81 ? 117 VAL A CA  1 
ATOM   691  C C   . VAL A 1 117 ? 11.216  3.733   5.649   1.00 25.54 ? 117 VAL A C   1 
ATOM   692  O O   . VAL A 1 117 ? 11.464  2.576   5.308   1.00 26.93 ? 117 VAL A O   1 
ATOM   693  C CB  . VAL A 1 117 ? 13.559  4.467   6.137   1.00 28.52 ? 117 VAL A CB  1 
ATOM   694  C CG1 . VAL A 1 117 ? 13.694  5.516   5.047   0.00 32.50 ? 117 VAL A CG1 1 
ATOM   695  C CG2 . VAL A 1 117 ? 14.517  4.761   7.280   0.00 31.65 ? 117 VAL A CG2 1 
ATOM   696  N N   . CYS A 1 118 ? 10.178  4.410   5.176   1.00 22.80 ? 118 CYS A N   1 
ATOM   697  C CA  . CYS A 1 118 ? 9.242   3.755   4.279   1.00 21.18 ? 118 CYS A CA  1 
ATOM   698  C C   . CYS A 1 118 ? 8.845   4.524   3.020   1.00 19.45 ? 118 CYS A C   1 
ATOM   699  O O   . CYS A 1 118 ? 7.759   5.104   2.951   1.00 19.12 ? 118 CYS A O   1 
ATOM   700  C CB  . CYS A 1 118 ? 7.994   3.387   5.091   1.00 20.88 ? 118 CYS A CB  1 
ATOM   701  S SG  . CYS A 1 118 ? 6.744   2.426   4.229   1.00 23.00 ? 118 CYS A SG  1 
ATOM   702  N N   . PRO A 1 119 ? 9.724   4.542   2.001   1.00 19.00 ? 119 PRO A N   1 
ATOM   703  C CA  . PRO A 1 119 ? 9.380   5.260   0.771   1.00 17.67 ? 119 PRO A CA  1 
ATOM   704  C C   . PRO A 1 119 ? 8.091   4.688   0.186   1.00 15.90 ? 119 PRO A C   1 
ATOM   705  O O   . PRO A 1 119 ? 7.866   3.476   0.222   1.00 15.71 ? 119 PRO A O   1 
ATOM   706  C CB  . PRO A 1 119 ? 10.600  5.028   -0.125  1.00 19.43 ? 119 PRO A CB  1 
ATOM   707  C CG  . PRO A 1 119 ? 11.176  3.740   0.394   1.00 19.87 ? 119 PRO A CG  1 
ATOM   708  C CD  . PRO A 1 119 ? 11.047  3.908   1.886   1.00 19.81 ? 119 PRO A CD  1 
ATOM   709  N N   . VAL A 1 120 ? 7.255   5.568   -0.354  1.00 14.92 ? 120 VAL A N   1 
ATOM   710  C CA  . VAL A 1 120 ? 5.966   5.173   -0.908  1.00 14.65 ? 120 VAL A CA  1 
ATOM   711  C C   . VAL A 1 120 ? 5.944   5.235   -2.433  1.00 14.26 ? 120 VAL A C   1 
ATOM   712  O O   . VAL A 1 120 ? 6.496   6.157   -3.037  1.00 16.05 ? 120 VAL A O   1 
ATOM   713  C CB  . VAL A 1 120 ? 4.853   6.082   -0.345  1.00 14.70 ? 120 VAL A CB  1 
ATOM   714  C CG1 . VAL A 1 120 ? 3.477   5.552   -0.746  1.00 16.96 ? 120 VAL A CG1 1 
ATOM   715  C CG2 . VAL A 1 120 ? 4.988   6.170   1.174   1.00 16.85 ? 120 VAL A CG2 1 
ATOM   716  N N   . PHE A 1 121 ? 5.296   4.247   -3.043  1.00 13.69 ? 121 PHE A N   1 
ATOM   717  C CA  . PHE A 1 121 ? 5.199   4.165   -4.495  1.00 13.03 ? 121 PHE A CA  1 
ATOM   718  C C   . PHE A 1 121 ? 3.767   3.965   -4.970  1.00 13.24 ? 121 PHE A C   1 
ATOM   719  O O   . PHE A 1 121 ? 2.887   3.585   -4.195  1.00 14.22 ? 121 PHE A O   1 
ATOM   720  C CB  . PHE A 1 121 ? 6.044   2.996   -5.008  1.00 14.73 ? 121 PHE A CB  1 
ATOM   721  C CG  . PHE A 1 121 ? 7.490   3.087   -4.632  1.00 15.51 ? 121 PHE A CG  1 
ATOM   722  C CD1 . PHE A 1 121 ? 7.918   2.708   -3.362  1.00 15.62 ? 121 PHE A CD1 1 
ATOM   723  C CD2 . PHE A 1 121 ? 8.421   3.581   -5.539  1.00 16.91 ? 121 PHE A CD2 1 
ATOM   724  C CE1 . PHE A 1 121 ? 9.259   2.824   -2.999  1.00 17.45 ? 121 PHE A CE1 1 
ATOM   725  C CE2 . PHE A 1 121 ? 9.765   3.703   -5.184  1.00 17.85 ? 121 PHE A CE2 1 
ATOM   726  C CZ  . PHE A 1 121 ? 10.183  3.323   -3.914  1.00 18.27 ? 121 PHE A CZ  1 
ATOM   727  N N   . ALA A 1 122 ? 3.548   4.231   -6.254  1.00 13.31 ? 122 ALA A N   1 
ATOM   728  C CA  . ALA A 1 122 ? 2.246   4.037   -6.885  1.00 12.61 ? 122 ALA A CA  1 
ATOM   729  C C   . ALA A 1 122 ? 2.532   3.385   -8.231  1.00 12.12 ? 122 ALA A C   1 
ATOM   730  O O   . ALA A 1 122 ? 3.563   3.656   -8.849  1.00 12.60 ? 122 ALA A O   1 
ATOM   731  C CB  . ALA A 1 122 ? 1.527   5.383   -7.092  1.00 14.20 ? 122 ALA A CB  1 
ATOM   732  N N   . ALA A 1 123 ? 1.638   2.511   -8.674  1.00 12.28 ? 123 ALA A N   1 
ATOM   733  C CA  . ALA A 1 123 ? 1.804   1.855   -9.964  1.00 11.59 ? 123 ALA A CA  1 
ATOM   734  C C   . ALA A 1 123 ? 0.456   1.345   -10.441 1.00 13.31 ? 123 ALA A C   1 
ATOM   735  O O   . ALA A 1 123 ? -0.516  1.338   -9.688  1.00 11.75 ? 123 ALA A O   1 
ATOM   736  C CB  . ALA A 1 123 ? 2.789   0.689   -9.849  1.00 13.11 ? 123 ALA A CB  1 
ATOM   737  N N   . ARG A 1 124 ? 0.409   0.931   -11.703 1.00 13.19 ? 124 ARG A N   1 
ATOM   738  C CA  . ARG A 1 124 ? -0.808  0.390   -12.291 1.00 13.82 ? 124 ARG A CA  1 
ATOM   739  C C   . ARG A 1 124 ? -0.632  -1.111  -12.467 1.00 13.09 ? 124 ARG A C   1 
ATOM   740  O O   . ARG A 1 124 ? 0.456   -1.578  -12.795 1.00 14.33 ? 124 ARG A O   1 
ATOM   741  C CB  . ARG A 1 124 ? -1.057  1.002   -13.670 1.00 16.05 ? 124 ARG A CB  1 
ATOM   742  C CG  . ARG A 1 124 ? -1.179  2.510   -13.686 1.00 19.44 ? 124 ARG A CG  1 
ATOM   743  C CD  . ARG A 1 124 ? -2.620  2.948   -13.794 1.00 20.01 ? 124 ARG A CD  1 
ATOM   744  N NE  . ARG A 1 124 ? -2.712  4.392   -13.974 1.00 18.88 ? 124 ARG A NE  1 
ATOM   745  C CZ  . ARG A 1 124 ? -3.834  5.040   -14.254 1.00 18.70 ? 124 ARG A CZ  1 
ATOM   746  N NH1 . ARG A 1 124 ? -4.975  4.369   -14.384 1.00 16.45 ? 124 ARG A NH1 1 
ATOM   747  N NH2 . ARG A 1 124 ? -3.814  6.359   -14.408 1.00 17.30 ? 124 ARG A NH2 1 
ATOM   748  N N   . THR A 1 125 ? -1.697  -1.871  -12.248 1.00 13.75 ? 125 THR A N   1 
ATOM   749  C CA  . THR A 1 125 ? -1.614  -3.313  -12.449 1.00 13.97 ? 125 THR A CA  1 
ATOM   750  C C   . THR A 1 125 ? -1.721  -3.559  -13.951 1.00 14.47 ? 125 THR A C   1 
ATOM   751  O O   . THR A 1 125 ? -2.359  -2.790  -14.662 1.00 17.02 ? 125 THR A O   1 
ATOM   752  C CB  . THR A 1 125 ? -2.761  -4.060  -11.736 1.00 14.70 ? 125 THR A CB  1 
ATOM   753  O OG1 . THR A 1 125 ? -4.024  -3.529  -12.160 1.00 15.74 ? 125 THR A OG1 1 
ATOM   754  C CG2 . THR A 1 125 ? -2.627  -3.919  -10.222 1.00 15.70 ? 125 THR A CG2 1 
ATOM   755  N N   . THR A 1 126 ? -1.086  -4.623  -14.431 1.00 14.80 ? 126 THR A N   1 
ATOM   756  C CA  . THR A 1 126 ? -1.129  -4.946  -15.856 1.00 15.68 ? 126 THR A CA  1 
ATOM   757  C C   . THR A 1 126 ? -1.645  -6.358  -16.098 1.00 17.48 ? 126 THR A C   1 
ATOM   758  O O   . THR A 1 126 ? -1.682  -6.828  -17.238 1.00 19.83 ? 126 THR A O   1 
ATOM   759  C CB  . THR A 1 126 ? 0.259   -4.810  -16.505 1.00 16.42 ? 126 THR A CB  1 
ATOM   760  O OG1 . THR A 1 126 ? 1.177   -5.715  -15.879 1.00 19.14 ? 126 THR A OG1 1 
ATOM   761  C CG2 . THR A 1 126 ? 0.772   -3.385  -16.357 1.00 17.74 ? 126 THR A CG2 1 
ATOM   762  N N   . SER A 1 127 ? -2.045  -7.028  -15.023 1.00 15.13 ? 127 SER A N   1 
ATOM   763  C CA  . SER A 1 127 ? -2.573  -8.387  -15.119 1.00 15.87 ? 127 SER A CA  1 
ATOM   764  C C   . SER A 1 127 ? -3.631  -8.570  -14.037 1.00 15.44 ? 127 SER A C   1 
ATOM   765  O O   . SER A 1 127 ? -3.818  -7.691  -13.197 1.00 15.35 ? 127 SER A O   1 
ATOM   766  C CB  . SER A 1 127 ? -1.450  -9.411  -14.927 1.00 16.21 ? 127 SER A CB  1 
ATOM   767  O OG  . SER A 1 127 ? -1.004  -9.464  -13.580 1.00 18.02 ? 127 SER A OG  1 
ATOM   768  N N   . ALA A 1 128 ? -4.325  -9.704  -14.060 1.00 15.62 ? 128 ALA A N   1 
ATOM   769  C CA  . ALA A 1 128 ? -5.360  -9.968  -13.068 1.00 14.76 ? 128 ALA A CA  1 
ATOM   770  C C   . ALA A 1 128 ? -4.731  -10.357 -11.740 1.00 15.43 ? 128 ALA A C   1 
ATOM   771  O O   . ALA A 1 128 ? -3.620  -10.887 -11.698 1.00 17.41 ? 128 ALA A O   1 
ATOM   772  C CB  . ALA A 1 128 ? -6.278  -11.091 -13.546 1.00 17.22 ? 128 ALA A CB  1 
ATOM   773  N N   . LEU A 1 129 ? -5.443  -10.085 -10.653 1.00 14.23 ? 129 LEU A N   1 
ATOM   774  C CA  . LEU A 1 129 ? -4.948  -10.449 -9.333  1.00 13.37 ? 129 LEU A CA  1 
ATOM   775  C C   . LEU A 1 129 ? -5.084  -11.951 -9.110  1.00 14.43 ? 129 LEU A C   1 
ATOM   776  O O   . LEU A 1 129 ? -5.985  -12.590 -9.654  1.00 15.28 ? 129 LEU A O   1 
ATOM   777  C CB  . LEU A 1 129 ? -5.754  -9.741  -8.240  1.00 14.17 ? 129 LEU A CB  1 
ATOM   778  C CG  . LEU A 1 129 ? -5.800  -8.216  -8.221  1.00 13.59 ? 129 LEU A CG  1 
ATOM   779  C CD1 . LEU A 1 129 ? -6.749  -7.760  -7.130  1.00 14.63 ? 129 LEU A CD1 1 
ATOM   780  C CD2 . LEU A 1 129 ? -4.407  -7.647  -7.984  1.00 15.78 ? 129 LEU A CD2 1 
ATOM   781  N N   . GLN A 1 130 ? -4.159  -12.501 -8.330  1.00 14.45 ? 130 GLN A N   1 
ATOM   782  C CA  . GLN A 1 130 ? -4.185  -13.906 -7.930  1.00 15.39 ? 130 GLN A CA  1 
ATOM   783  C C   . GLN A 1 130 ? -3.781  -13.802 -6.467  1.00 15.97 ? 130 GLN A C   1 
ATOM   784  O O   . GLN A 1 130 ? -2.600  -13.730 -6.134  1.00 16.30 ? 130 GLN A O   1 
ATOM   785  C CB  . GLN A 1 130 ? -3.172  -14.756 -8.696  1.00 17.06 ? 130 GLN A CB  1 
ATOM   786  C CG  . GLN A 1 130 ? -3.441  -16.248 -8.513  1.00 18.81 ? 130 GLN A CG  1 
ATOM   787  C CD  . GLN A 1 130 ? -2.329  -17.133 -9.048  1.00 22.61 ? 130 GLN A CD  1 
ATOM   788  O OE1 . GLN A 1 130 ? -1.723  -16.843 -10.079 1.00 25.07 ? 130 GLN A OE1 1 
ATOM   789  N NE2 . GLN A 1 130 ? -2.072  -18.232 -8.356  1.00 25.28 ? 130 GLN A NE2 1 
ATOM   790  N N   . ILE A 1 131 ? -4.782  -13.792 -5.597  1.00 16.01 ? 131 ILE A N   1 
ATOM   791  C CA  . ILE A 1 131 ? -4.572  -13.611 -4.167  1.00 16.47 ? 131 ILE A CA  1 
ATOM   792  C C   . ILE A 1 131 ? -3.864  -14.710 -3.381  1.00 16.15 ? 131 ILE A C   1 
ATOM   793  O O   . ILE A 1 131 ? -4.179  -15.890 -3.511  1.00 18.26 ? 131 ILE A O   1 
ATOM   794  C CB  . ILE A 1 131 ? -5.925  -13.320 -3.475  1.00 16.83 ? 131 ILE A CB  1 
ATOM   795  C CG1 . ILE A 1 131 ? -6.645  -12.177 -4.202  1.00 18.72 ? 131 ILE A CG1 1 
ATOM   796  C CG2 . ILE A 1 131 ? -5.709  -12.990 -2.008  1.00 17.78 ? 131 ILE A CG2 1 
ATOM   797  C CD1 . ILE A 1 131 ? -5.889  -10.856 -4.228  1.00 19.02 ? 131 ILE A CD1 1 
ATOM   798  N N   . ASN A 1 132 ? -2.903  -14.296 -2.560  1.00 15.09 ? 132 ASN A N   1 
ATOM   799  C CA  . ASN A 1 132 ? -2.168  -15.208 -1.685  1.00 16.22 ? 132 ASN A CA  1 
ATOM   800  C C   . ASN A 1 132 ? -2.868  -15.043 -0.337  1.00 16.98 ? 132 ASN A C   1 
ATOM   801  O O   . ASN A 1 132 ? -2.643  -14.045 0.353   1.00 15.71 ? 132 ASN A O   1 
ATOM   802  C CB  . ASN A 1 132 ? -0.709  -14.769 -1.559  1.00 16.91 ? 132 ASN A CB  1 
ATOM   803  C CG  . ASN A 1 132 ? 0.085   -15.647 -0.608  1.00 18.68 ? 132 ASN A CG  1 
ATOM   804  O OD1 . ASN A 1 132 ? -0.485  -16.415 0.161   1.00 19.48 ? 132 ASN A OD1 1 
ATOM   805  N ND2 . ASN A 1 132 ? 1.405   -15.523 -0.649  1.00 19.07 ? 132 ASN A ND2 1 
ATOM   806  N N   . ASP A 1 133 ? -3.712  -16.002 0.043   1.00 18.25 ? 133 ASP A N   1 
ATOM   807  C CA  . ASP A 1 133 ? -4.442  -15.870 1.303   1.00 20.24 ? 133 ASP A CA  1 
ATOM   808  C C   . ASP A 1 133 ? -3.625  -15.965 2.587   1.00 20.40 ? 133 ASP A C   1 
ATOM   809  O O   . ASP A 1 133 ? -4.179  -15.849 3.685   1.00 21.60 ? 133 ASP A O   1 
ATOM   810  C CB  . ASP A 1 133 ? -5.633  -16.835 1.368   1.00 21.53 ? 133 ASP A CB  1 
ATOM   811  C CG  . ASP A 1 133 ? -5.226  -18.295 1.322   1.00 24.47 ? 133 ASP A CG  1 
ATOM   812  O OD1 . ASP A 1 133 ? -4.058  -18.613 1.621   1.00 26.02 ? 133 ASP A OD1 1 
ATOM   813  O OD2 . ASP A 1 133 ? -6.100  -19.127 0.999   1.00 27.36 ? 133 ASP A OD2 1 
ATOM   814  N N   . ASP A 1 134 ? -2.317  -16.167 2.468   1.00 21.31 ? 134 ASP A N   1 
ATOM   815  C CA  . ASP A 1 134 ? -1.472  -16.201 3.655   1.00 23.51 ? 134 ASP A CA  1 
ATOM   816  C C   . ASP A 1 134 ? -1.129  -14.757 4.006   1.00 22.13 ? 134 ASP A C   1 
ATOM   817  O O   . ASP A 1 134 ? -0.643  -14.470 5.099   1.00 23.37 ? 134 ASP A O   1 
ATOM   818  C CB  . ASP A 1 134 ? -0.171  -16.965 3.399   1.00 26.66 ? 134 ASP A CB  1 
ATOM   819  C CG  . ASP A 1 134 ? -0.378  -18.460 3.295   1.00 29.88 ? 134 ASP A CG  1 
ATOM   820  O OD1 . ASP A 1 134 ? -1.135  -19.019 4.115   1.00 32.62 ? 134 ASP A OD1 1 
ATOM   821  O OD2 . ASP A 1 134 ? 0.236   -19.079 2.400   1.00 32.51 ? 134 ASP A OD2 1 
ATOM   822  N N   . GLU A 1 135 ? -1.392  -13.849 3.068   1.00 18.73 ? 135 GLU A N   1 
ATOM   823  C CA  . GLU A 1 135 ? -1.083  -12.437 3.257   1.00 19.35 ? 135 GLU A CA  1 
ATOM   824  C C   . GLU A 1 135 ? -2.298  -11.515 3.211   1.00 17.54 ? 135 GLU A C   1 
ATOM   825  O O   . GLU A 1 135 ? -2.373  -10.550 3.971   1.00 18.06 ? 135 GLU A O   1 
ATOM   826  C CB  . GLU A 1 135 ? -0.102  -11.967 2.180   1.00 21.41 ? 135 GLU A CB  1 
ATOM   827  C CG  . GLU A 1 135 ? 1.217   -12.728 2.109   1.00 24.27 ? 135 GLU A CG  1 
ATOM   828  C CD  . GLU A 1 135 ? 2.055   -12.573 3.357   1.00 28.04 ? 135 GLU A CD  1 
ATOM   829  O OE1 . GLU A 1 135 ? 2.127   -11.445 3.887   1.00 30.21 ? 135 GLU A OE1 1 
ATOM   830  O OE2 . GLU A 1 135 ? 2.657   -13.577 3.802   1.00 30.83 ? 135 GLU A OE2 1 
ATOM   831  N N   . VAL A 1 136 ? -3.234  -11.821 2.314   1.00 16.70 ? 136 VAL A N   1 
ATOM   832  C CA  . VAL A 1 136 ? -4.433  -10.999 2.102   1.00 15.52 ? 136 VAL A CA  1 
ATOM   833  C C   . VAL A 1 136 ? -5.728  -11.786 2.296   1.00 15.65 ? 136 VAL A C   1 
ATOM   834  O O   . VAL A 1 136 ? -5.930  -12.815 1.655   1.00 15.94 ? 136 VAL A O   1 
ATOM   835  C CB  . VAL A 1 136 ? -4.409  -10.419 0.665   1.00 16.31 ? 136 VAL A CB  1 
ATOM   836  C CG1 . VAL A 1 136 ? -5.658  -9.575  0.401   1.00 16.82 ? 136 VAL A CG1 1 
ATOM   837  C CG2 . VAL A 1 136 ? -3.145  -9.598  0.465   1.00 17.66 ? 136 VAL A CG2 1 
ATOM   838  N N   . MET A 1 137 ? -6.609  -11.289 3.166   1.00 14.24 ? 137 MET A N   1 
ATOM   839  C CA  . MET A 1 137 ? -7.874  -11.965 3.441   1.00 14.49 ? 137 MET A CA  1 
ATOM   840  C C   . MET A 1 137 ? -9.090  -11.366 2.728   1.00 15.16 ? 137 MET A C   1 
ATOM   841  O O   . MET A 1 137 ? -10.161 -11.975 2.709   1.00 16.49 ? 137 MET A O   1 
ATOM   842  C CB  . MET A 1 137 ? -8.137  -12.013 4.962   1.00 14.25 ? 137 MET A CB  1 
ATOM   843  C CG  . MET A 1 137 ? -8.356  -10.658 5.649   1.00 14.71 ? 137 MET A CG  1 
ATOM   844  S SD  . MET A 1 137 ? -8.656  -10.797 7.467   1.00 6.86  ? 137 MET A SD  1 
ATOM   845  C CE  . MET A 1 137 ? -10.176 -11.694 7.460   1.00 18.19 ? 137 MET A CE  1 
ATOM   846  N N   . ASP A 1 138 ? -8.922  -10.188 2.134   1.00 14.35 ? 138 ASP A N   1 
ATOM   847  C CA  . ASP A 1 138 ? -10.023 -9.523  1.435   1.00 14.02 ? 138 ASP A CA  1 
ATOM   848  C C   . ASP A 1 138 ? -9.430  -8.346  0.662   1.00 13.77 ? 138 ASP A C   1 
ATOM   849  O O   . ASP A 1 138 ? -8.298  -7.939  0.911   1.00 13.40 ? 138 ASP A O   1 
ATOM   850  C CB  . ASP A 1 138 ? -11.042 -9.009  2.468   1.00 14.91 ? 138 ASP A CB  1 
ATOM   851  C CG  . ASP A 1 138 ? -12.417 -8.726  1.875   1.00 16.99 ? 138 ASP A CG  1 
ATOM   852  O OD1 . ASP A 1 138 ? -12.587 -8.805  0.641   1.00 16.93 ? 138 ASP A OD1 1 
ATOM   853  O OD2 . ASP A 1 138 ? -13.344 -8.417  2.661   1.00 17.98 ? 138 ASP A OD2 1 
ATOM   854  N N   . TYR A 1 139 ? -10.181 -7.812  -0.292  1.00 13.68 ? 139 TYR A N   1 
ATOM   855  C CA  . TYR A 1 139 ? -9.708  -6.656  -1.046  1.00 12.25 ? 139 TYR A CA  1 
ATOM   856  C C   . TYR A 1 139 ? -10.888 -6.008  -1.732  1.00 12.90 ? 139 TYR A C   1 
ATOM   857  O O   . TYR A 1 139 ? -11.968 -6.598  -1.834  1.00 14.31 ? 139 TYR A O   1 
ATOM   858  C CB  . TYR A 1 139 ? -8.622  -7.041  -2.068  1.00 13.03 ? 139 TYR A CB  1 
ATOM   859  C CG  . TYR A 1 139 ? -9.107  -7.816  -3.271  1.00 14.10 ? 139 TYR A CG  1 
ATOM   860  C CD1 . TYR A 1 139 ? -9.628  -7.160  -4.388  1.00 13.50 ? 139 TYR A CD1 1 
ATOM   861  C CD2 . TYR A 1 139 ? -9.050  -9.209  -3.292  1.00 15.65 ? 139 TYR A CD2 1 
ATOM   862  C CE1 . TYR A 1 139 ? -10.080 -7.871  -5.498  1.00 15.66 ? 139 TYR A CE1 1 
ATOM   863  C CE2 . TYR A 1 139 ? -9.501  -9.926  -4.396  1.00 16.01 ? 139 TYR A CE2 1 
ATOM   864  C CZ  . TYR A 1 139 ? -10.013 -9.250  -5.495  1.00 15.95 ? 139 TYR A CZ  1 
ATOM   865  O OH  . TYR A 1 139 ? -10.462 -9.962  -6.588  1.00 20.10 ? 139 TYR A OH  1 
ATOM   866  N N   . GLN A 1 140 ? -10.686 -4.781  -2.192  1.00 12.17 ? 140 GLN A N   1 
ATOM   867  C CA  . GLN A 1 140 ? -11.746 -4.039  -2.841  1.00 14.17 ? 140 GLN A CA  1 
ATOM   868  C C   . GLN A 1 140 ? -11.177 -3.053  -3.844  1.00 13.01 ? 140 GLN A C   1 
ATOM   869  O O   . GLN A 1 140 ? -10.178 -2.388  -3.570  1.00 14.36 ? 140 GLN A O   1 
ATOM   870  C CB  . GLN A 1 140 ? -12.550 -3.259  -1.791  1.00 16.81 ? 140 GLN A CB  1 
ATOM   871  C CG  . GLN A 1 140 ? -13.759 -2.521  -2.336  1.00 21.28 ? 140 GLN A CG  1 
ATOM   872  C CD  . GLN A 1 140 ? -15.002 -3.378  -2.332  1.00 23.79 ? 140 GLN A CD  1 
ATOM   873  O OE1 . GLN A 1 140 ? -14.931 -4.591  -2.141  1.00 26.74 ? 140 GLN A OE1 1 
ATOM   874  N NE2 . GLN A 1 140 ? -16.153 -2.753  -2.551  1.00 27.07 ? 140 GLN A NE2 1 
ATOM   875  N N   . TRP A 1 141 ? -11.803 -2.983  -5.013  1.00 13.58 ? 141 TRP A N   1 
ATOM   876  C CA  . TRP A 1 141 ? -11.406 -2.014  -6.026  1.00 14.23 ? 141 TRP A CA  1 
ATOM   877  C C   . TRP A 1 141 ? -12.360 -0.860  -5.753  1.00 14.78 ? 141 TRP A C   1 
ATOM   878  O O   . TRP A 1 141 ? -13.580 -1.039  -5.795  1.00 17.30 ? 141 TRP A O   1 
ATOM   879  C CB  . TRP A 1 141 ? -11.637 -2.554  -7.441  1.00 14.97 ? 141 TRP A CB  1 
ATOM   880  C CG  . TRP A 1 141 ? -10.618 -3.557  -7.881  1.00 14.04 ? 141 TRP A CG  1 
ATOM   881  C CD1 . TRP A 1 141 ? -10.789 -4.906  -8.005  1.00 14.72 ? 141 TRP A CD1 1 
ATOM   882  C CD2 . TRP A 1 141 ? -9.274  -3.281  -8.286  1.00 12.91 ? 141 TRP A CD2 1 
ATOM   883  N NE1 . TRP A 1 141 ? -9.633  -5.489  -8.469  1.00 15.21 ? 141 TRP A NE1 1 
ATOM   884  C CE2 . TRP A 1 141 ? -8.686  -4.515  -8.650  1.00 14.29 ? 141 TRP A CE2 1 
ATOM   885  C CE3 . TRP A 1 141 ? -8.508  -2.110  -8.379  1.00 13.30 ? 141 TRP A CE3 1 
ATOM   886  C CZ2 . TRP A 1 141 ? -7.362  -4.613  -9.101  1.00 15.11 ? 141 TRP A CZ2 1 
ATOM   887  C CZ3 . TRP A 1 141 ? -7.186  -2.204  -8.830  1.00 14.07 ? 141 TRP A CZ3 1 
ATOM   888  C CH2 . TRP A 1 141 ? -6.632  -3.452  -9.185  1.00 14.35 ? 141 TRP A CH2 1 
ATOM   889  N N   . CYS A 1 142 ? -11.817 0.313   -5.446  1.00 15.50 ? 142 CYS A N   1 
ATOM   890  C CA  . CYS A 1 142 ? -12.666 1.458   -5.128  1.00 17.23 ? 142 CYS A CA  1 
ATOM   891  C C   . CYS A 1 142 ? -12.238 2.732   -5.808  1.00 15.95 ? 142 CYS A C   1 
ATOM   892  O O   . CYS A 1 142 ? -11.187 2.809   -6.430  1.00 16.30 ? 142 CYS A O   1 
ATOM   893  C CB  . CYS A 1 142 ? -12.662 1.765   -3.627  1.00 20.82 ? 142 CYS A CB  1 
ATOM   894  S SG  . CYS A 1 142 ? -12.237 0.451   -2.516  1.00 24.09 ? 142 CYS A SG  1 
ATOM   895  N N   . ASP A 1 143 ? -13.075 3.748   -5.668  1.00 15.66 ? 143 ASP A N   1 
ATOM   896  C CA  . ASP A 1 143 ? -12.752 5.049   -6.215  1.00 16.34 ? 143 ASP A CA  1 
ATOM   897  C C   . ASP A 1 143 ? -11.931 5.733   -5.129  1.00 15.36 ? 143 ASP A C   1 
ATOM   898  O O   . ASP A 1 143 ? -12.304 5.716   -3.953  1.00 15.06 ? 143 ASP A O   1 
ATOM   899  C CB  . ASP A 1 143 ? -14.025 5.843   -6.516  1.00 19.22 ? 143 ASP A CB  1 
ATOM   900  C CG  . ASP A 1 143 ? -14.854 5.205   -7.609  1.00 24.78 ? 143 ASP A CG  1 
ATOM   901  O OD1 . ASP A 1 143 ? -14.258 4.732   -8.597  1.00 27.01 ? 143 ASP A OD1 1 
ATOM   902  O OD2 . ASP A 1 143 ? -16.099 5.183   -7.489  1.00 29.21 ? 143 ASP A OD2 1 
ATOM   903  N N   . LEU A 1 144 ? -10.803 6.314   -5.525  1.00 15.22 ? 144 LEU A N   1 
ATOM   904  C CA  . LEU A 1 144 ? -9.918  6.985   -4.582  1.00 15.39 ? 144 LEU A CA  1 
ATOM   905  C C   . LEU A 1 144 ? -10.638 8.041   -3.753  1.00 15.73 ? 144 LEU A C   1 
ATOM   906  O O   . LEU A 1 144 ? -10.410 8.150   -2.549  1.00 14.91 ? 144 LEU A O   1 
ATOM   907  C CB  . LEU A 1 144 ? -8.748  7.647   -5.320  1.00 15.50 ? 144 LEU A CB  1 
ATOM   908  C CG  . LEU A 1 144 ? -7.767  8.407   -4.417  1.00 15.08 ? 144 LEU A CG  1 
ATOM   909  C CD1 . LEU A 1 144 ? -7.062  7.423   -3.497  1.00 16.43 ? 144 LEU A CD1 1 
ATOM   910  C CD2 . LEU A 1 144 ? -6.755  9.167   -5.261  1.00 17.05 ? 144 LEU A CD2 1 
ATOM   911  N N   . ALA A 1 145 ? -11.504 8.816   -4.399  1.00 15.58 ? 145 ALA A N   1 
ATOM   912  C CA  . ALA A 1 145 ? -12.230 9.870   -3.702  1.00 16.42 ? 145 ALA A CA  1 
ATOM   913  C C   . ALA A 1 145 ? -12.960 9.338   -2.479  1.00 16.37 ? 145 ALA A C   1 
ATOM   914  O O   . ALA A 1 145 ? -12.965 9.983   -1.430  1.00 16.66 ? 145 ALA A O   1 
ATOM   915  C CB  . ALA A 1 145 ? -13.214 10.550  -4.646  1.00 18.44 ? 145 ALA A CB  1 
ATOM   916  N N   . ASP A 1 146 ? -13.569 8.164   -2.612  1.00 15.22 ? 146 ASP A N   1 
ATOM   917  C CA  . ASP A 1 146 ? -14.295 7.567   -1.496  1.00 16.40 ? 146 ASP A CA  1 
ATOM   918  C C   . ASP A 1 146 ? -13.338 7.095   -0.411  1.00 15.63 ? 146 ASP A C   1 
ATOM   919  O O   . ASP A 1 146 ? -13.605 7.276   0.778   1.00 14.66 ? 146 ASP A O   1 
ATOM   920  C CB  . ASP A 1 146 ? -15.146 6.383   -1.964  1.00 17.62 ? 146 ASP A CB  1 
ATOM   921  C CG  . ASP A 1 146 ? -16.212 6.784   -2.955  1.00 21.13 ? 146 ASP A CG  1 
ATOM   922  O OD1 . ASP A 1 146 ? -16.791 7.883   -2.805  1.00 22.69 ? 146 ASP A OD1 1 
ATOM   923  O OD2 . ASP A 1 146 ? -16.484 5.990   -3.880  1.00 22.15 ? 146 ASP A OD2 1 
ATOM   924  N N   . VAL A 1 147 ? -12.224 6.490   -0.812  1.00 13.96 ? 147 VAL A N   1 
ATOM   925  C CA  . VAL A 1 147 ? -11.250 6.005   0.164   1.00 14.19 ? 147 VAL A CA  1 
ATOM   926  C C   . VAL A 1 147 ? -10.694 7.174   0.965   1.00 14.67 ? 147 VAL A C   1 
ATOM   927  O O   . VAL A 1 147 ? -10.512 7.079   2.175   1.00 14.76 ? 147 VAL A O   1 
ATOM   928  C CB  . VAL A 1 147 ? -10.095 5.246   -0.527  1.00 14.61 ? 147 VAL A CB  1 
ATOM   929  C CG1 . VAL A 1 147 ? -9.049  4.820   0.496   1.00 17.37 ? 147 VAL A CG1 1 
ATOM   930  C CG2 . VAL A 1 147 ? -10.652 4.031   -1.250  1.00 15.92 ? 147 VAL A CG2 1 
ATOM   931  N N   . LEU A 1 148 ? -10.425 8.289   0.293   1.00 13.60 ? 148 LEU A N   1 
ATOM   932  C CA  . LEU A 1 148 ? -9.906  9.449   1.000   1.00 14.12 ? 148 LEU A CA  1 
ATOM   933  C C   . LEU A 1 148 ? -10.951 10.007  1.969   1.00 14.58 ? 148 LEU A C   1 
ATOM   934  O O   . LEU A 1 148 ? -10.604 10.471  3.055   1.00 15.16 ? 148 LEU A O   1 
ATOM   935  C CB  . LEU A 1 148 ? -9.463  10.530  0.006   1.00 15.56 ? 148 LEU A CB  1 
ATOM   936  C CG  . LEU A 1 148 ? -8.290  10.107  -0.886  1.00 16.91 ? 148 LEU A CG  1 
ATOM   937  C CD1 . LEU A 1 148 ? -7.925  11.244  -1.828  1.00 18.18 ? 148 LEU A CD1 1 
ATOM   938  C CD2 . LEU A 1 148 ? -7.093  9.722   -0.024  1.00 18.46 ? 148 LEU A CD2 1 
ATOM   939  N N   . HIS A 1 149 ? -12.224 9.957   1.587   1.00 14.57 ? 149 HIS A N   1 
ATOM   940  C CA  . HIS A 1 149 ? -13.274 10.450  2.477   1.00 15.90 ? 149 HIS A CA  1 
ATOM   941  C C   . HIS A 1 149 ? -13.359 9.557   3.711   1.00 16.21 ? 149 HIS A C   1 
ATOM   942  O O   . HIS A 1 149 ? -13.595 10.035  4.824   1.00 16.75 ? 149 HIS A O   1 
ATOM   943  C CB  . HIS A 1 149 ? -14.630 10.476  1.772   1.00 18.03 ? 149 HIS A CB  1 
ATOM   944  C CG  . HIS A 1 149 ? -14.742 11.527  0.710   1.00 22.06 ? 149 HIS A CG  1 
ATOM   945  N ND1 . HIS A 1 149 ? -14.136 12.760  0.816   1.00 25.52 ? 149 HIS A ND1 1 
ATOM   946  C CD2 . HIS A 1 149 ? -15.427 11.544  -0.458  1.00 24.56 ? 149 HIS A CD2 1 
ATOM   947  C CE1 . HIS A 1 149 ? -14.443 13.492  -0.241  1.00 26.09 ? 149 HIS A CE1 1 
ATOM   948  N NE2 . HIS A 1 149 ? -15.225 12.778  -1.029  1.00 27.45 ? 149 HIS A NE2 1 
ATOM   949  N N   . GLY A 1 150 ? -13.167 8.257   3.509   1.00 14.40 ? 150 GLY A N   1 
ATOM   950  C CA  . GLY A 1 150 ? -13.220 7.322   4.622   1.00 14.11 ? 150 GLY A CA  1 
ATOM   951  C C   . GLY A 1 150 ? -12.037 7.513   5.552   1.00 14.13 ? 150 GLY A C   1 
ATOM   952  O O   . GLY A 1 150 ? -12.177 7.489   6.776   1.00 14.66 ? 150 GLY A O   1 
ATOM   953  N N   . ILE A 1 151 ? -10.859 7.704   4.966   1.00 14.10 ? 151 ILE A N   1 
ATOM   954  C CA  . ILE A 1 151 ? -9.649  7.918   5.744   1.00 14.33 ? 151 ILE A CA  1 
ATOM   955  C C   . ILE A 1 151 ? -9.755  9.202   6.565   1.00 14.84 ? 151 ILE A C   1 
ATOM   956  O O   . ILE A 1 151 ? -9.310  9.254   7.711   1.00 16.77 ? 151 ILE A O   1 
ATOM   957  C CB  . ILE A 1 151 ? -8.409  7.986   4.812   1.00 14.81 ? 151 ILE A CB  1 
ATOM   958  C CG1 . ILE A 1 151 ? -8.069  6.578   4.320   1.00 15.37 ? 151 ILE A CG1 1 
ATOM   959  C CG2 . ILE A 1 151 ? -7.220  8.620   5.535   1.00 17.71 ? 151 ILE A CG2 1 
ATOM   960  C CD1 . ILE A 1 151 ? -6.975  6.535   3.258   1.00 16.32 ? 151 ILE A CD1 1 
ATOM   961  N N   . ASP A 1 152 ? -10.360 10.236  5.992   1.00 15.49 ? 152 ASP A N   1 
ATOM   962  C CA  . ASP A 1 152 ? -10.489 11.492  6.712   1.00 17.22 ? 152 ASP A CA  1 
ATOM   963  C C   . ASP A 1 152 ? -11.540 11.433  7.818   1.00 16.30 ? 152 ASP A C   1 
ATOM   964  O O   . ASP A 1 152 ? -11.372 12.051  8.871   1.00 18.38 ? 152 ASP A O   1 
ATOM   965  C CB  . ASP A 1 152 ? -10.807 12.635  5.741   1.00 19.90 ? 152 ASP A CB  1 
ATOM   966  C CG  . ASP A 1 152 ? -9.661  12.915  4.774   1.00 24.13 ? 152 ASP A CG  1 
ATOM   967  O OD1 . ASP A 1 152 ? -8.500  12.583  5.105   1.00 26.27 ? 152 ASP A OD1 1 
ATOM   968  O OD2 . ASP A 1 152 ? -9.917  13.478  3.687   1.00 27.33 ? 152 ASP A OD2 1 
ATOM   969  N N   . ALA A 1 153 ? -12.606 10.672  7.593   1.00 16.06 ? 153 ALA A N   1 
ATOM   970  C CA  . ALA A 1 153 ? -13.687 10.559  8.574   1.00 15.03 ? 153 ALA A CA  1 
ATOM   971  C C   . ALA A 1 153 ? -13.436 9.559   9.703   1.00 16.41 ? 153 ALA A C   1 
ATOM   972  O O   . ALA A 1 153 ? -13.699 9.853   10.871  1.00 16.38 ? 153 ALA A O   1 
ATOM   973  C CB  . ALA A 1 153 ? -14.992 10.202  7.863   1.00 15.96 ? 153 ALA A CB  1 
ATOM   974  N N   . THR A 1 154 ? -12.936 8.378   9.354   1.00 13.97 ? 154 THR A N   1 
ATOM   975  C CA  . THR A 1 154 ? -12.693 7.327   10.342  1.00 14.78 ? 154 THR A CA  1 
ATOM   976  C C   . THR A 1 154 ? -11.310 6.697   10.157  1.00 15.10 ? 154 THR A C   1 
ATOM   977  O O   . THR A 1 154 ? -11.192 5.523   9.794   1.00 15.03 ? 154 THR A O   1 
ATOM   978  C CB  . THR A 1 154 ? -13.769 6.224   10.225  1.00 15.02 ? 154 THR A CB  1 
ATOM   979  O OG1 . THR A 1 154 ? -13.794 5.720   8.883   1.00 15.60 ? 154 THR A OG1 1 
ATOM   980  C CG2 . THR A 1 154 ? -15.156 6.784   10.549  1.00 15.95 ? 154 THR A CG2 1 
ATOM   981  N N   . PRO A 1 155 ? -10.245 7.467   10.419  1.00 14.79 ? 155 PRO A N   1 
ATOM   982  C CA  . PRO A 1 155 ? -8.879  6.956   10.261  1.00 15.59 ? 155 PRO A CA  1 
ATOM   983  C C   . PRO A 1 155 ? -8.563  5.696   11.056  1.00 17.71 ? 155 PRO A C   1 
ATOM   984  O O   . PRO A 1 155 ? -7.708  4.906   10.655  1.00 19.21 ? 155 PRO A O   1 
ATOM   985  C CB  . PRO A 1 155 ? -8.010  8.149   10.661  1.00 16.58 ? 155 PRO A CB  1 
ATOM   986  C CG  . PRO A 1 155 ? -8.904  8.935   11.610  1.00 16.87 ? 155 PRO A CG  1 
ATOM   987  C CD  . PRO A 1 155 ? -10.244 8.849   10.935  1.00 16.27 ? 155 PRO A CD  1 
ATOM   988  N N   . TRP A 1 156 ? -9.258  5.506   12.173  1.00 18.37 ? 156 TRP A N   1 
ATOM   989  C CA  . TRP A 1 156 ? -9.052  4.339   13.026  1.00 19.34 ? 156 TRP A CA  1 
ATOM   990  C C   . TRP A 1 156 ? -9.440  3.008   12.382  1.00 18.31 ? 156 TRP A C   1 
ATOM   991  O O   . TRP A 1 156 ? -9.076  1.942   12.882  1.00 21.11 ? 156 TRP A O   1 
ATOM   992  C CB  . TRP A 1 156 ? -9.828  4.507   14.341  1.00 20.65 ? 156 TRP A CB  1 
ATOM   993  C CG  . TRP A 1 156 ? -11.223 5.064   14.177  1.00 19.49 ? 156 TRP A CG  1 
ATOM   994  C CD1 . TRP A 1 156 ? -11.602 6.369   14.312  1.00 21.69 ? 156 TRP A CD1 1 
ATOM   995  C CD2 . TRP A 1 156 ? -12.409 4.336   13.827  1.00 19.35 ? 156 TRP A CD2 1 
ATOM   996  N NE1 . TRP A 1 156 ? -12.947 6.498   14.068  1.00 19.92 ? 156 TRP A NE1 1 
ATOM   997  C CE2 . TRP A 1 156 ? -13.470 5.268   13.769  1.00 20.02 ? 156 TRP A CE2 1 
ATOM   998  C CE3 . TRP A 1 156 ? -12.680 2.987   13.557  1.00 19.48 ? 156 TRP A CE3 1 
ATOM   999  C CZ2 . TRP A 1 156 ? -14.781 4.897   13.447  1.00 18.65 ? 156 TRP A CZ2 1 
ATOM   1000 C CZ3 . TRP A 1 156 ? -13.986 2.613   13.236  1.00 19.34 ? 156 TRP A CZ3 1 
ATOM   1001 C CH2 . TRP A 1 156 ? -15.021 3.571   13.186  1.00 20.13 ? 156 TRP A CH2 1 
ATOM   1002 N N   . ALA A 1 157 ? -10.176 3.059   11.281  1.00 18.35 ? 157 ALA A N   1 
ATOM   1003 C CA  . ALA A 1 157 ? -10.607 1.842   10.604  1.00 18.49 ? 157 ALA A CA  1 
ATOM   1004 C C   . ALA A 1 157 ? -9.572  1.354   9.597   1.00 17.54 ? 157 ALA A C   1 
ATOM   1005 O O   . ALA A 1 157 ? -9.803  0.366   8.897   1.00 19.84 ? 157 ALA A O   1 
ATOM   1006 C CB  . ALA A 1 157 ? -11.935 2.087   9.902   1.00 19.70 ? 157 ALA A CB  1 
ATOM   1007 N N   . PHE A 1 158 ? -8.433  2.041   9.530   1.00 17.05 ? 158 PHE A N   1 
ATOM   1008 C CA  . PHE A 1 158 ? -7.381  1.688   8.575   1.00 16.04 ? 158 PHE A CA  1 
ATOM   1009 C C   . PHE A 1 158 ? -5.996  1.632   9.218   1.00 15.71 ? 158 PHE A C   1 
ATOM   1010 O O   . PHE A 1 158 ? -5.803  2.072   10.354  1.00 16.61 ? 158 PHE A O   1 
ATOM   1011 C CB  . PHE A 1 158 ? -7.370  2.717   7.440   1.00 15.88 ? 158 PHE A CB  1 
ATOM   1012 C CG  . PHE A 1 158 ? -8.715  2.935   6.814   1.00 15.68 ? 158 PHE A CG  1 
ATOM   1013 C CD1 . PHE A 1 158 ? -9.217  2.030   5.887   1.00 16.97 ? 158 PHE A CD1 1 
ATOM   1014 C CD2 . PHE A 1 158 ? -9.493  4.030   7.176   1.00 16.17 ? 158 PHE A CD2 1 
ATOM   1015 C CE1 . PHE A 1 158 ? -10.486 2.212   5.325   1.00 18.62 ? 158 PHE A CE1 1 
ATOM   1016 C CE2 . PHE A 1 158 ? -10.763 4.220   6.622   1.00 16.18 ? 158 PHE A CE2 1 
ATOM   1017 C CZ  . PHE A 1 158 ? -11.259 3.311   5.696   1.00 16.81 ? 158 PHE A CZ  1 
ATOM   1018 N N   . SER A 1 159 ? -5.027  1.082   8.493   1.00 15.41 ? 159 SER A N   1 
ATOM   1019 C CA  . SER A 1 159 ? -3.667  1.001   9.015   1.00 15.32 ? 159 SER A CA  1 
ATOM   1020 C C   . SER A 1 159 ? -3.156  2.424   9.188   1.00 15.44 ? 159 SER A C   1 
ATOM   1021 O O   . SER A 1 159 ? -3.479  3.315   8.403   1.00 14.39 ? 159 SER A O   1 
ATOM   1022 C CB  . SER A 1 159 ? -2.753  0.248   8.046   1.00 16.48 ? 159 SER A CB  1 
ATOM   1023 O OG  . SER A 1 159 ? -2.555  1.004   6.864   1.00 16.52 ? 159 SER A OG  1 
ATOM   1024 N N   . PRO A 1 160 ? -2.351  2.660   10.225  1.00 16.53 ? 160 PRO A N   1 
ATOM   1025 C CA  . PRO A 1 160 ? -1.838  4.015   10.432  1.00 17.59 ? 160 PRO A CA  1 
ATOM   1026 C C   . PRO A 1 160 ? -0.977  4.558   9.294   1.00 17.02 ? 160 PRO A C   1 
ATOM   1027 O O   . PRO A 1 160 ? -1.033  5.752   9.001   1.00 18.10 ? 160 PRO A O   1 
ATOM   1028 C CB  . PRO A 1 160 ? -1.086  3.898   11.763  1.00 19.41 ? 160 PRO A CB  1 
ATOM   1029 C CG  . PRO A 1 160 ? -0.649  2.464   11.786  1.00 19.84 ? 160 PRO A CG  1 
ATOM   1030 C CD  . PRO A 1 160 ? -1.863  1.736   11.263  1.00 18.60 ? 160 PRO A CD  1 
ATOM   1031 N N   . TRP A 1 161 ? -0.198  3.701   8.633   1.00 17.91 ? 161 TRP A N   1 
ATOM   1032 C CA  . TRP A 1 161 ? 0.640   4.192   7.545   1.00 17.14 ? 161 TRP A CA  1 
ATOM   1033 C C   . TRP A 1 161 ? -0.187  4.559   6.317   1.00 16.34 ? 161 TRP A C   1 
ATOM   1034 O O   . TRP A 1 161 ? 0.167   5.486   5.592   1.00 17.17 ? 161 TRP A O   1 
ATOM   1035 C CB  . TRP A 1 161 ? 1.745   3.182   7.201   1.00 17.76 ? 161 TRP A CB  1 
ATOM   1036 C CG  . TRP A 1 161 ? 1.273   1.865   6.706   1.00 17.87 ? 161 TRP A CG  1 
ATOM   1037 C CD1 . TRP A 1 161 ? 1.014   1.520   5.411   1.00 18.30 ? 161 TRP A CD1 1 
ATOM   1038 C CD2 . TRP A 1 161 ? 1.018   0.696   7.493   1.00 18.62 ? 161 TRP A CD2 1 
ATOM   1039 N NE1 . TRP A 1 161 ? 0.617   0.208   5.343   1.00 17.84 ? 161 TRP A NE1 1 
ATOM   1040 C CE2 . TRP A 1 161 ? 0.610   -0.322  6.605   1.00 18.55 ? 161 TRP A CE2 1 
ATOM   1041 C CE3 . TRP A 1 161 ? 1.096   0.411   8.865   1.00 20.11 ? 161 TRP A CE3 1 
ATOM   1042 C CZ2 . TRP A 1 161 ? 0.277   -1.609  7.041   1.00 19.24 ? 161 TRP A CZ2 1 
ATOM   1043 C CZ3 . TRP A 1 161 ? 0.765   -0.874  9.300   1.00 19.81 ? 161 TRP A CZ3 1 
ATOM   1044 C CH2 . TRP A 1 161 ? 0.361   -1.867  8.388   1.00 19.72 ? 161 TRP A CH2 1 
ATOM   1045 N N   . MET A 1 162 ? -1.290  3.852   6.083   1.00 15.63 ? 162 MET A N   1 
ATOM   1046 C CA  . MET A 1 162 ? -2.151  4.187   4.947   1.00 15.89 ? 162 MET A CA  1 
ATOM   1047 C C   . MET A 1 162 ? -2.684  5.607   5.174   1.00 15.51 ? 162 MET A C   1 
ATOM   1048 O O   . MET A 1 162 ? -2.686  6.440   4.268   1.00 15.76 ? 162 MET A O   1 
ATOM   1049 C CB  . MET A 1 162 ? -3.330  3.204   4.842   1.00 14.84 ? 162 MET A CB  1 
ATOM   1050 C CG  . MET A 1 162 ? -4.386  3.604   3.801   1.00 16.34 ? 162 MET A CG  1 
ATOM   1051 S SD  . MET A 1 162 ? -5.933  2.637   3.846   1.00 7.98  ? 162 MET A SD  1 
ATOM   1052 C CE  . MET A 1 162 ? -6.310  2.540   2.047   1.00 16.58 ? 162 MET A CE  1 
ATOM   1053 N N   . VAL A 1 163 ? -3.124  5.881   6.400   1.00 15.35 ? 163 VAL A N   1 
ATOM   1054 C CA  . VAL A 1 163 ? -3.661  7.195   6.742   1.00 15.55 ? 163 VAL A CA  1 
ATOM   1055 C C   . VAL A 1 163 ? -2.617  8.304   6.639   1.00 16.00 ? 163 VAL A C   1 
ATOM   1056 O O   . VAL A 1 163 ? -2.865  9.345   6.019   1.00 16.26 ? 163 VAL A O   1 
ATOM   1057 C CB  . VAL A 1 163 ? -4.252  7.187   8.171   1.00 15.50 ? 163 VAL A CB  1 
ATOM   1058 C CG1 . VAL A 1 163 ? -4.739  8.589   8.558   1.00 16.75 ? 163 VAL A CG1 1 
ATOM   1059 C CG2 . VAL A 1 163 ? -5.395  6.189   8.241   1.00 16.31 ? 163 VAL A CG2 1 
ATOM   1060 N N   . MET A 1 164 ? -1.457  8.087   7.251   1.00 17.43 ? 164 MET A N   1 
ATOM   1061 C CA  . MET A 1 164 ? -0.392  9.084   7.222   1.00 18.36 ? 164 MET A CA  1 
ATOM   1062 C C   . MET A 1 164 ? 0.071   9.379   5.797   1.00 18.46 ? 164 MET A C   1 
ATOM   1063 O O   . MET A 1 164 ? 0.329   10.527  5.447   1.00 19.59 ? 164 MET A O   1 
ATOM   1064 C CB  . MET A 1 164 ? 0.788   8.620   8.084   1.00 20.34 ? 164 MET A CB  1 
ATOM   1065 C CG  . MET A 1 164 ? 0.424   8.400   9.546   1.00 21.47 ? 164 MET A CG  1 
ATOM   1066 S SD  . MET A 1 164 ? 1.818   7.831   10.582  1.00 24.94 ? 164 MET A SD  1 
ATOM   1067 C CE  . MET A 1 164 ? 1.770   6.067   10.291  0.00 28.05 ? 164 MET A CE  1 
ATOM   1068 N N   . GLN A 1 165 ? 0.167   8.344   4.969   1.00 18.47 ? 165 GLN A N   1 
ATOM   1069 C CA  . GLN A 1 165 ? 0.593   8.532   3.589   1.00 18.37 ? 165 GLN A CA  1 
ATOM   1070 C C   . GLN A 1 165 ? -0.439  9.299   2.770   1.00 19.68 ? 165 GLN A C   1 
ATOM   1071 O O   . GLN A 1 165 ? -0.097  10.223  2.034   1.00 20.67 ? 165 GLN A O   1 
ATOM   1072 C CB  . GLN A 1 165 ? 0.867   7.175   2.939   1.00 18.14 ? 165 GLN A CB  1 
ATOM   1073 C CG  . GLN A 1 165 ? 2.146   6.522   3.436   1.00 18.33 ? 165 GLN A CG  1 
ATOM   1074 C CD  . GLN A 1 165 ? 2.225   5.051   3.101   1.00 18.60 ? 165 GLN A CD  1 
ATOM   1075 O OE1 . GLN A 1 165 ? 1.595   4.579   2.154   1.00 20.23 ? 165 GLN A OE1 1 
ATOM   1076 N NE2 . GLN A 1 165 ? 3.019   4.315   3.869   1.00 19.02 ? 165 GLN A NE2 1 
ATOM   1077 N N   . ALA A 1 166 ? -1.706  8.917   2.909   1.00 19.98 ? 166 ALA A N   1 
ATOM   1078 C CA  . ALA A 1 166 ? -2.789  9.555   2.170   1.00 20.40 ? 166 ALA A CA  1 
ATOM   1079 C C   . ALA A 1 166 ? -3.073  10.990  2.605   1.00 20.94 ? 166 ALA A C   1 
ATOM   1080 O O   . ALA A 1 166 ? -3.694  11.747  1.862   1.00 23.18 ? 166 ALA A O   1 
ATOM   1081 C CB  . ALA A 1 166 ? -4.063  8.717   2.296   1.00 19.75 ? 166 ALA A CB  1 
ATOM   1082 N N   . THR A 1 167 ? -2.626  11.365  3.801   1.00 22.77 ? 167 THR A N   1 
ATOM   1083 C CA  . THR A 1 167 ? -2.864  12.717  4.296   1.00 24.57 ? 167 THR A CA  1 
ATOM   1084 C C   . THR A 1 167 ? -1.763  13.706  3.914   1.00 24.52 ? 167 THR A C   1 
ATOM   1085 O O   . THR A 1 167 ? -1.913  14.917  4.102   1.00 25.67 ? 167 THR A O   1 
ATOM   1086 C CB  . THR A 1 167 ? -3.075  12.723  5.831   1.00 26.26 ? 167 THR A CB  1 
ATOM   1087 O OG1 . THR A 1 167 ? -1.971  12.084  6.480   1.00 29.09 ? 167 THR A OG1 1 
ATOM   1088 C CG2 . THR A 1 167 ? -4.357  11.986  6.187   1.00 26.64 ? 167 THR A CG2 1 
ATOM   1089 N N   . ASN A 1 168 ? -0.658  13.195  3.381   1.00 22.81 ? 168 ASN A N   1 
ATOM   1090 C CA  . ASN A 1 168 ? 0.436   14.056  2.936   1.00 22.42 ? 168 ASN A CA  1 
ATOM   1091 C C   . ASN A 1 168 ? -0.041  14.703  1.637   1.00 22.76 ? 168 ASN A C   1 
ATOM   1092 O O   . ASN A 1 168 ? -0.406  14.008  0.689   1.00 21.39 ? 168 ASN A O   1 
ATOM   1093 C CB  . ASN A 1 168 ? 1.701   13.232  2.689   1.00 22.60 ? 168 ASN A CB  1 
ATOM   1094 C CG  . ASN A 1 168 ? 2.827   14.055  2.097   1.00 24.28 ? 168 ASN A CG  1 
ATOM   1095 O OD1 . ASN A 1 168 ? 2.968   14.154  0.877   1.00 23.20 ? 168 ASN A OD1 1 
ATOM   1096 N ND2 . ASN A 1 168 ? 3.629   14.670  2.963   1.00 25.26 ? 168 ASN A ND2 1 
ATOM   1097 N N   . ARG A 1 169 ? -0.039  16.032  1.599   1.00 24.49 ? 169 ARG A N   1 
ATOM   1098 C CA  . ARG A 1 169 ? -0.513  16.774  0.434   1.00 25.30 ? 169 ARG A CA  1 
ATOM   1099 C C   . ARG A 1 169 ? 0.106   16.357  -0.900  1.00 24.07 ? 169 ARG A C   1 
ATOM   1100 O O   . ARG A 1 169 ? -0.608  16.144  -1.883  1.00 24.79 ? 169 ARG A O   1 
ATOM   1101 C CB  . ARG A 1 169 ? -0.288  18.275  0.642   1.00 27.19 ? 169 ARG A CB  1 
ATOM   1102 C CG  . ARG A 1 169 ? -1.088  19.148  -0.317  1.00 29.56 ? 169 ARG A CG  1 
ATOM   1103 C CD  . ARG A 1 169 ? -0.715  20.617  -0.190  0.00 34.95 ? 169 ARG A CD  1 
ATOM   1104 N NE  . ARG A 1 169 ? 0.585   20.907  -0.788  0.00 36.94 ? 169 ARG A NE  1 
ATOM   1105 C CZ  . ARG A 1 169 ? 0.846   20.808  -2.089  0.00 41.38 ? 169 ARG A CZ  1 
ATOM   1106 N NH1 . ARG A 1 169 ? -0.104  20.425  -2.931  0.00 46.43 ? 169 ARG A NH1 1 
ATOM   1107 N NH2 . ARG A 1 169 ? 2.056   21.093  -2.548  0.00 42.51 ? 169 ARG A NH2 1 
ATOM   1108 N N   . GLU A 1 170 ? 1.429   16.246  -0.934  1.00 24.37 ? 170 GLU A N   1 
ATOM   1109 C CA  . GLU A 1 170 ? 2.133   15.874  -2.158  1.00 24.49 ? 170 GLU A CA  1 
ATOM   1110 C C   . GLU A 1 170 ? 1.811   14.450  -2.601  1.00 23.07 ? 170 GLU A C   1 
ATOM   1111 O O   . GLU A 1 170 ? 1.584   14.197  -3.786  1.00 23.17 ? 170 GLU A O   1 
ATOM   1112 C CB  . GLU A 1 170 ? 3.646   16.027  -1.961  1.00 26.41 ? 170 GLU A CB  1 
ATOM   1113 C CG  . GLU A 1 170 ? 4.097   17.455  -1.668  1.00 31.22 ? 170 GLU A CG  1 
ATOM   1114 C CD  . GLU A 1 170 ? 3.410   18.060  -0.453  1.00 33.04 ? 170 GLU A CD  1 
ATOM   1115 O OE1 . GLU A 1 170 ? 3.528   17.493  0.657   1.00 35.46 ? 170 GLU A OE1 1 
ATOM   1116 O OE2 . GLU A 1 170 ? 2.749   19.108  -0.609  0.00 41.04 ? 170 GLU A OE2 1 
ATOM   1117 N N   . ALA A 1 171 ? 1.789   13.526  -1.649  1.00 20.16 ? 171 ALA A N   1 
ATOM   1118 C CA  . ALA A 1 171 ? 1.490   12.135  -1.959  1.00 20.28 ? 171 ALA A CA  1 
ATOM   1119 C C   . ALA A 1 171 ? 0.059   11.993  -2.470  1.00 19.92 ? 171 ALA A C   1 
ATOM   1120 O O   . ALA A 1 171 ? -0.195  11.250  -3.422  1.00 18.30 ? 171 ALA A O   1 
ATOM   1121 C CB  . ALA A 1 171 ? 1.691   11.263  -0.723  1.00 20.04 ? 171 ALA A CB  1 
ATOM   1122 N N   . ARG A 1 172 ? -0.868  12.714  -1.842  1.00 18.41 ? 172 ARG A N   1 
ATOM   1123 C CA  . ARG A 1 172 ? -2.274  12.655  -2.226  1.00 18.98 ? 172 ARG A CA  1 
ATOM   1124 C C   . ARG A 1 172 ? -2.462  13.122  -3.664  1.00 18.55 ? 172 ARG A C   1 
ATOM   1125 O O   . ARG A 1 172 ? -3.277  12.568  -4.396  1.00 17.58 ? 172 ARG A O   1 
ATOM   1126 C CB  . ARG A 1 172 ? -3.135  13.500  -1.270  1.00 20.21 ? 172 ARG A CB  1 
ATOM   1127 C CG  . ARG A 1 172 ? -4.633  13.378  -1.527  1.00 21.45 ? 172 ARG A CG  1 
ATOM   1128 C CD  . ARG A 1 172 ? -5.501  14.053  -0.457  1.00 24.37 ? 172 ARG A CD  1 
ATOM   1129 N NE  . ARG A 1 172 ? -5.474  13.337  0.818   1.00 26.39 ? 172 ARG A NE  1 
ATOM   1130 C CZ  . ARG A 1 172 ? -6.520  13.209  1.630   1.00 25.39 ? 172 ARG A CZ  1 
ATOM   1131 N NH1 . ARG A 1 172 ? -7.690  13.747  1.308   1.00 26.70 ? 172 ARG A NH1 1 
ATOM   1132 N NH2 . ARG A 1 172 ? -6.398  12.542  2.768   1.00 27.89 ? 172 ARG A NH2 1 
ATOM   1133 N N   . LYS A 1 173 ? -1.703  14.137  -4.069  1.00 18.79 ? 173 LYS A N   1 
ATOM   1134 C CA  . LYS A 1 173 ? -1.800  14.640  -5.436  1.00 19.17 ? 173 LYS A CA  1 
ATOM   1135 C C   . LYS A 1 173 ? -1.359  13.579  -6.437  1.00 18.11 ? 173 LYS A C   1 
ATOM   1136 O O   . LYS A 1 173 ? -1.931  13.473  -7.518  1.00 17.85 ? 173 LYS A O   1 
ATOM   1137 C CB  . LYS A 1 173 ? -0.944  15.893  -5.621  1.00 22.06 ? 173 LYS A CB  1 
ATOM   1138 C CG  . LYS A 1 173 ? -1.513  17.134  -4.963  1.00 23.46 ? 173 LYS A CG  1 
ATOM   1139 C CD  . LYS A 1 173 ? -0.638  18.352  -5.229  1.00 26.21 ? 173 LYS A CD  1 
ATOM   1140 C CE  . LYS A 1 173 ? -0.525  18.645  -6.718  0.00 30.32 ? 173 LYS A CE  1 
ATOM   1141 N NZ  . LYS A 1 173 ? -1.851  18.894  -7.346  0.00 36.35 ? 173 LYS A NZ  1 
ATOM   1142 N N   . ARG A 1 174 ? -0.336  12.804  -6.087  1.00 18.03 ? 174 ARG A N   1 
ATOM   1143 C CA  . ARG A 1 174 ? 0.133   11.754  -6.990  1.00 17.81 ? 174 ARG A CA  1 
ATOM   1144 C C   . ARG A 1 174 ? -0.907  10.637  -7.077  1.00 17.36 ? 174 ARG A C   1 
ATOM   1145 O O   . ARG A 1 174 ? -1.132  10.073  -8.148  1.00 16.93 ? 174 ARG A O   1 
ATOM   1146 C CB  . ARG A 1 174 ? 1.473   11.177  -6.518  1.00 18.42 ? 174 ARG A CB  1 
ATOM   1147 C CG  . ARG A 1 174 ? 2.620   12.187  -6.469  1.00 20.58 ? 174 ARG A CG  1 
ATOM   1148 C CD  . ARG A 1 174 ? 2.663   13.032  -7.729  1.00 22.81 ? 174 ARG A CD  1 
ATOM   1149 N NE  . ARG A 1 174 ? 2.717   12.214  -8.935  1.00 23.84 ? 174 ARG A NE  1 
ATOM   1150 C CZ  . ARG A 1 174 ? 2.515   12.687  -10.159 1.00 23.68 ? 174 ARG A CZ  1 
ATOM   1151 N NH1 . ARG A 1 174 ? 2.583   11.880  -11.209 1.00 23.02 ? 174 ARG A NH1 1 
ATOM   1152 N NH2 . ARG A 1 174 ? 2.236   13.973  -10.330 1.00 24.73 ? 174 ARG A NH2 1 
ATOM   1153 N N   . LEU A 1 175 ? -1.535  10.308  -5.950  1.00 15.21 ? 175 LEU A N   1 
ATOM   1154 C CA  . LEU A 1 175 ? -2.558  9.267   -5.963  1.00 16.01 ? 175 LEU A CA  1 
ATOM   1155 C C   . LEU A 1 175 ? -3.685  9.711   -6.886  1.00 14.98 ? 175 LEU A C   1 
ATOM   1156 O O   . LEU A 1 175 ? -4.221  8.915   -7.658  1.00 15.71 ? 175 LEU A O   1 
ATOM   1157 C CB  . LEU A 1 175 ? -3.104  9.017   -4.551  1.00 16.50 ? 175 LEU A CB  1 
ATOM   1158 C CG  . LEU A 1 175 ? -2.099  8.467   -3.535  1.00 17.01 ? 175 LEU A CG  1 
ATOM   1159 C CD1 . LEU A 1 175 ? -2.761  8.332   -2.170  1.00 18.41 ? 175 LEU A CD1 1 
ATOM   1160 C CD2 . LEU A 1 175 ? -1.577  7.119   -4.017  1.00 15.18 ? 175 LEU A CD2 1 
ATOM   1161 N N   . SER A 1 176 ? -4.033  10.991  -6.817  1.00 15.90 ? 176 SER A N   1 
ATOM   1162 C CA  . SER A 1 176 ? -5.100  11.524  -7.655  1.00 16.59 ? 176 SER A CA  1 
ATOM   1163 C C   . SER A 1 176 ? -4.752  11.370  -9.133  1.00 15.49 ? 176 SER A C   1 
ATOM   1164 O O   . SER A 1 176 ? -5.617  11.076  -9.951  1.00 16.20 ? 176 SER A O   1 
ATOM   1165 C CB  . SER A 1 176 ? -5.342  12.998  -7.333  0.50 19.34 ? 176 SER A CB  1 
ATOM   1166 O OG  . SER A 1 176 ? -6.393  13.514  -8.125  0.50 25.13 ? 176 SER A OG  1 
ATOM   1167 N N   . ALA A 1 177 ? -3.481  11.559  -9.472  1.00 16.06 ? 177 ALA A N   1 
ATOM   1168 C CA  . ALA A 1 177 ? -3.043  11.435  -10.859 1.00 16.27 ? 177 ALA A CA  1 
ATOM   1169 C C   . ALA A 1 177 ? -3.246  10.020  -11.414 1.00 17.25 ? 177 ALA A C   1 
ATOM   1170 O O   . ALA A 1 177 ? -3.488  9.841   -12.612 1.00 18.11 ? 177 ALA A O   1 
ATOM   1171 C CB  . ALA A 1 177 ? -1.572  11.843  -10.979 1.00 17.08 ? 177 ALA A CB  1 
ATOM   1172 N N   . PHE A 1 178 ? -3.161  9.017   -10.545 1.00 15.34 ? 178 PHE A N   1 
ATOM   1173 C CA  . PHE A 1 178 ? -3.338  7.629   -10.970 1.00 14.72 ? 178 PHE A CA  1 
ATOM   1174 C C   . PHE A 1 178 ? -4.797  7.206   -11.155 1.00 14.56 ? 178 PHE A C   1 
ATOM   1175 O O   . PHE A 1 178 ? -5.065  6.055   -11.492 1.00 15.69 ? 178 PHE A O   1 
ATOM   1176 C CB  . PHE A 1 178 ? -2.655  6.674   -9.982  1.00 14.30 ? 178 PHE A CB  1 
ATOM   1177 C CG  . PHE A 1 178 ? -1.182  6.501   -10.230 1.00 14.83 ? 178 PHE A CG  1 
ATOM   1178 C CD1 . PHE A 1 178 ? -0.277  7.487   -9.865  1.00 15.95 ? 178 PHE A CD1 1 
ATOM   1179 C CD2 . PHE A 1 178 ? -0.704  5.352   -10.858 1.00 15.79 ? 178 PHE A CD2 1 
ATOM   1180 C CE1 . PHE A 1 178 ? 1.088   7.339   -10.122 1.00 15.87 ? 178 PHE A CE1 1 
ATOM   1181 C CE2 . PHE A 1 178 ? 0.655   5.190   -11.122 1.00 15.54 ? 178 PHE A CE2 1 
ATOM   1182 C CZ  . PHE A 1 178 ? 1.555   6.185   -10.752 1.00 16.85 ? 178 PHE A CZ  1 
ATOM   1183 N N   . THR A 1 179 ? -5.735  8.125   -10.939 1.00 14.64 ? 179 THR A N   1 
ATOM   1184 C CA  . THR A 1 179 ? -7.148  7.792   -11.108 1.00 14.16 ? 179 THR A CA  1 
ATOM   1185 C C   . THR A 1 179 ? -7.600  8.043   -12.546 1.00 14.49 ? 179 THR A C   1 
ATOM   1186 O O   . THR A 1 179 ? -8.722  7.711   -12.923 1.00 15.54 ? 179 THR A O   1 
ATOM   1187 C CB  . THR A 1 179 ? -8.058  8.592   -10.134 1.00 15.52 ? 179 THR A CB  1 
ATOM   1188 O OG1 . THR A 1 179 ? -7.987  9.995   -10.423 1.00 16.64 ? 179 THR A OG1 1 
ATOM   1189 C CG2 . THR A 1 179 ? -7.626  8.342   -8.692  1.00 16.69 ? 179 THR A CG2 1 
ATOM   1190 N N   . GLN A 1 180 ? -6.704  8.611   -13.346 1.00 16.30 ? 180 GLN A N   1 
ATOM   1191 C CA  . GLN A 1 180 ? -7.001  8.891   -14.744 1.00 17.73 ? 180 GLN A CA  1 
ATOM   1192 C C   . GLN A 1 180 ? -7.187  7.585   -15.504 1.00 17.22 ? 180 GLN A C   1 
ATOM   1193 O O   . GLN A 1 180 ? -6.481  6.611   -15.258 1.00 17.60 ? 180 GLN A O   1 
ATOM   1194 C CB  . GLN A 1 180 ? -5.845  9.668   -15.386 1.00 20.86 ? 180 GLN A CB  1 
ATOM   1195 C CG  . GLN A 1 180 ? -6.125  10.141  -16.806 1.00 23.72 ? 180 GLN A CG  1 
ATOM   1196 C CD  . GLN A 1 180 ? -4.870  10.559  -17.560 1.00 25.26 ? 180 GLN A CD  1 
ATOM   1197 O OE1 . GLN A 1 180 ? -3.955  11.158  -16.994 1.00 27.16 ? 180 GLN A OE1 1 
ATOM   1198 N NE2 . GLN A 1 180 ? -4.834  10.256  -18.852 1.00 25.52 ? 180 GLN A NE2 1 
ATOM   1199 N N   . LEU A 1 181 ? -8.138  7.569   -16.430 1.00 17.95 ? 181 LEU A N   1 
ATOM   1200 C CA  . LEU A 1 181 ? -8.374  6.389   -17.245 1.00 18.21 ? 181 LEU A CA  1 
ATOM   1201 C C   . LEU A 1 181 ? -7.177  6.244   -18.184 1.00 18.13 ? 181 LEU A C   1 
ATOM   1202 O O   . LEU A 1 181 ? -6.803  7.195   -18.870 1.00 20.52 ? 181 LEU A O   1 
ATOM   1203 C CB  . LEU A 1 181 ? -9.655  6.569   -18.064 1.00 23.63 ? 181 LEU A CB  1 
ATOM   1204 C CG  . LEU A 1 181 ? -10.184 5.380   -18.867 1.00 24.09 ? 181 LEU A CG  1 
ATOM   1205 C CD1 . LEU A 1 181 ? -11.465 5.799   -19.571 0.00 36.13 ? 181 LEU A CD1 1 
ATOM   1206 C CD2 . LEU A 1 181 ? -9.160  4.898   -19.872 0.00 37.30 ? 181 LEU A CD2 1 
ATOM   1207 N N   . LYS A 1 182 ? -6.575  5.060   -18.215 1.00 17.89 ? 182 LYS A N   1 
ATOM   1208 C CA  . LYS A 1 182 ? -5.433  4.824   -19.090 1.00 20.15 ? 182 LYS A CA  1 
ATOM   1209 C C   . LYS A 1 182 ? -5.742  3.791   -20.163 1.00 21.44 ? 182 LYS A C   1 
ATOM   1210 O O   . LYS A 1 182 ? -5.920  2.611   -19.874 1.00 23.51 ? 182 LYS A O   1 
ATOM   1211 C CB  . LYS A 1 182 ? -4.216  4.380   -18.273 1.00 21.14 ? 182 LYS A CB  1 
ATOM   1212 C CG  . LYS A 1 182 ? -3.478  5.530   -17.604 1.00 22.35 ? 182 LYS A CG  1 
ATOM   1213 C CD  . LYS A 1 182 ? -3.124  6.611   -18.624 1.00 23.87 ? 182 LYS A CD  1 
ATOM   1214 C CE  . LYS A 1 182 ? -2.413  6.016   -19.833 0.00 33.07 ? 182 LYS A CE  1 
ATOM   1215 N NZ  . LYS A 1 182 ? -2.163  7.026   -20.896 0.00 41.63 ? 182 LYS A NZ  1 
ATOM   1216 N N   . LEU A 1 183 ? -5.814  4.246   -21.410 1.00 22.64 ? 183 LEU A N   1 
ATOM   1217 C CA  . LEU A 1 183 ? -6.098  3.347   -22.517 1.00 23.85 ? 183 LEU A CA  1 
ATOM   1218 C C   . LEU A 1 183 ? -4.794  2.896   -23.160 1.00 24.87 ? 183 LEU A C   1 
ATOM   1219 O O   . LEU A 1 183 ? -3.821  3.679   -23.147 1.00 26.14 ? 183 LEU A O   1 
ATOM   1220 C CB  . LEU A 1 183 ? -6.976  4.054   -23.556 1.00 23.58 ? 183 LEU A CB  1 
ATOM   1221 C CG  . LEU A 1 183 ? -8.341  4.522   -23.043 1.00 23.83 ? 183 LEU A CG  1 
ATOM   1222 C CD1 . LEU A 1 183 ? -9.039  5.356   -24.108 1.00 25.15 ? 183 LEU A CD1 1 
ATOM   1223 C CD2 . LEU A 1 183 ? -9.185  3.314   -22.668 1.00 25.73 ? 183 LEU A CD2 1 
HETATM 1224 O O   . HOH B 2 .   ? 4.777   -7.145  -9.860  1.00 15.04 ? 191 HOH A O   1 
HETATM 1225 O O   . HOH B 2 .   ? 5.541   -6.587  -12.503 1.00 15.72 ? 192 HOH A O   1 
HETATM 1226 O O   . HOH B 2 .   ? -9.027  -2.121  9.609   1.00 16.60 ? 193 HOH A O   1 
HETATM 1227 O O   . HOH B 2 .   ? 6.808   5.284   -13.341 1.00 15.23 ? 194 HOH A O   1 
HETATM 1228 O O   . HOH B 2 .   ? -10.328 6.120   -8.361  1.00 16.78 ? 195 HOH A O   1 
HETATM 1229 O O   . HOH B 2 .   ? -0.394  -4.807  3.887   1.00 17.67 ? 196 HOH A O   1 
HETATM 1230 O O   . HOH B 2 .   ? -13.309 -11.148 9.281   1.00 17.10 ? 197 HOH A O   1 
HETATM 1231 O O   . HOH B 2 .   ? 1.547   -6.095  2.407   1.00 22.20 ? 198 HOH A O   1 
HETATM 1232 O O   . HOH B 2 .   ? 9.305   5.107   -12.272 1.00 20.98 ? 199 HOH A O   1 
HETATM 1233 O O   . HOH B 2 .   ? -8.155  -14.086 0.615   1.00 21.11 ? 200 HOH A O   1 
HETATM 1234 O O   . HOH B 2 .   ? -6.990  -14.556 7.216   1.00 19.45 ? 201 HOH A O   1 
HETATM 1235 O O   . HOH B 2 .   ? -5.343  -6.088  -11.683 1.00 20.85 ? 202 HOH A O   1 
HETATM 1236 O O   . HOH B 2 .   ? 5.941   11.298  -8.078  1.00 19.33 ? 203 HOH A O   1 
HETATM 1237 O O   . HOH B 2 .   ? -15.499 3.509   -4.003  1.00 18.23 ? 204 HOH A O   1 
HETATM 1238 O O   . HOH B 2 .   ? -5.290  -2.779  -15.080 1.00 21.05 ? 205 HOH A O   1 
HETATM 1239 O O   . HOH B 2 .   ? -6.646  -15.057 4.519   1.00 21.59 ? 206 HOH A O   1 
HETATM 1240 O O   . HOH B 2 .   ? -0.381  -1.973  3.305   1.00 18.46 ? 207 HOH A O   1 
HETATM 1241 O O   . HOH B 2 .   ? 1.883   12.647  -13.924 1.00 21.76 ? 208 HOH A O   1 
HETATM 1242 O O   . HOH B 2 .   ? -8.229  12.172  13.035  1.00 26.61 ? 209 HOH A O   1 
HETATM 1243 O O   . HOH B 2 .   ? -14.061 9.116   13.594  1.00 22.27 ? 210 HOH A O   1 
HETATM 1244 O O   . HOH B 2 .   ? 11.670  -7.939  -8.222  1.00 23.05 ? 211 HOH A O   1 
HETATM 1245 O O   . HOH B 2 .   ? -2.441  -1.027  -16.793 1.00 26.48 ? 212 HOH A O   1 
HETATM 1246 O O   . HOH B 2 .   ? -14.128 -5.265  7.407   1.00 26.25 ? 213 HOH A O   1 
HETATM 1247 O O   . HOH B 2 .   ? -13.454 -8.190  5.324   1.00 22.66 ? 214 HOH A O   1 
HETATM 1248 O O   . HOH B 2 .   ? 3.509   3.255   -12.960 1.00 24.60 ? 215 HOH A O   1 
HETATM 1249 O O   . HOH B 2 .   ? -7.560  11.278  8.823   1.00 24.56 ? 216 HOH A O   1 
HETATM 1250 O O   . HOH B 2 .   ? -14.136 -2.330  -13.020 1.00 27.92 ? 217 HOH A O   1 
HETATM 1251 O O   . HOH B 2 .   ? -17.406 9.346   -0.630  1.00 25.90 ? 218 HOH A O   1 
HETATM 1252 O O   . HOH B 2 .   ? 14.451  4.929   -6.991  1.00 25.61 ? 219 HOH A O   1 
HETATM 1253 O O   . HOH B 2 .   ? -15.160 -2.444  -9.708  1.00 31.25 ? 220 HOH A O   1 
HETATM 1254 O O   . HOH B 2 .   ? 10.390  2.318   -11.200 1.00 26.43 ? 221 HOH A O   1 
HETATM 1255 O O   . HOH B 2 .   ? -14.011 -4.900  -5.595  1.00 29.55 ? 222 HOH A O   1 
HETATM 1256 O O   . HOH B 2 .   ? 9.146   7.009   -2.743  1.00 26.53 ? 223 HOH A O   1 
HETATM 1257 O O   . HOH B 2 .   ? -0.506  6.159   -14.636 1.00 31.15 ? 224 HOH A O   1 
HETATM 1258 O O   . HOH B 2 .   ? -5.059  4.508   11.857  1.00 25.57 ? 225 HOH A O   1 
HETATM 1259 O O   . HOH B 2 .   ? -8.614  -1.581  -15.536 1.00 25.11 ? 226 HOH A O   1 
HETATM 1260 O O   . HOH B 2 .   ? -7.798  -18.302 -0.882  1.00 29.55 ? 227 HOH A O   1 
HETATM 1261 O O   . HOH B 2 .   ? -14.675 12.530  5.024   1.00 28.38 ? 228 HOH A O   1 
HETATM 1262 O O   . HOH B 2 .   ? 7.816   -12.557 -5.849  1.00 25.71 ? 229 HOH A O   1 
HETATM 1263 O O   . HOH B 2 .   ? -12.330 -11.577 -0.784  1.00 26.49 ? 230 HOH A O   1 
HETATM 1264 O O   . HOH B 2 .   ? -2.791  15.403  -9.207  1.00 28.59 ? 231 HOH A O   1 
HETATM 1265 O O   . HOH B 2 .   ? -0.892  -8.258  3.881   1.00 29.22 ? 232 HOH A O   1 
HETATM 1266 O O   . HOH B 2 .   ? -2.320  -6.234  2.550   1.00 26.71 ? 233 HOH A O   1 
HETATM 1267 O O   . HOH B 2 .   ? -5.551  -17.451 -5.248  1.00 27.11 ? 234 HOH A O   1 
HETATM 1268 O O   . HOH B 2 .   ? -15.220 -3.042  -7.241  1.00 33.74 ? 235 HOH A O   1 
HETATM 1269 O O   . HOH B 2 .   ? -3.798  -18.193 -1.812  1.00 31.04 ? 236 HOH A O   1 
HETATM 1270 O O   . HOH B 2 .   ? 7.262   -2.885  -14.370 1.00 23.96 ? 237 HOH A O   1 
HETATM 1271 O O   . HOH B 2 .   ? 13.223  -2.083  -11.239 1.00 32.26 ? 238 HOH A O   1 
HETATM 1272 O O   . HOH B 2 .   ? -3.009  11.650  -14.406 1.00 27.11 ? 239 HOH A O   1 
HETATM 1273 O O   . HOH B 2 .   ? 1.321   -7.889  -17.922 1.00 29.25 ? 240 HOH A O   1 
HETATM 1274 O O   . HOH B 2 .   ? -0.818  -15.581 -5.505  1.00 31.63 ? 241 HOH A O   1 
HETATM 1275 O O   . HOH B 2 .   ? -2.334  -12.913 -12.796 1.00 37.17 ? 242 HOH A O   1 
HETATM 1276 O O   . HOH B 2 .   ? -3.392  17.112  -1.921  1.00 35.35 ? 243 HOH A O   1 
HETATM 1277 O O   . HOH B 2 .   ? 8.508   -7.774  2.346   1.00 29.63 ? 244 HOH A O   1 
HETATM 1278 O O   . HOH B 2 .   ? 13.910  -8.516  -6.776  1.00 34.05 ? 245 HOH A O   1 
HETATM 1279 O O   . HOH B 2 .   ? 12.272  9.606   -5.192  1.00 24.16 ? 246 HOH A O   1 
HETATM 1280 O O   . HOH B 2 .   ? -1.101  -6.905  0.123   1.00 23.66 ? 247 HOH A O   1 
HETATM 1281 O O   . HOH B 2 .   ? -12.010 8.862   -7.218  1.00 34.64 ? 248 HOH A O   1 
HETATM 1282 O O   . HOH B 2 .   ? -14.285 1.805   -8.330  1.00 32.50 ? 249 HOH A O   1 
HETATM 1283 O O   . HOH B 2 .   ? -9.230  13.832  9.430   1.00 31.90 ? 250 HOH A O   1 
HETATM 1284 O O   . HOH B 2 .   ? 15.768  -1.254  -9.673  1.00 32.75 ? 251 HOH A O   1 
HETATM 1285 O O   . HOH B 2 .   ? 5.310   -7.516  -16.263 1.00 29.66 ? 252 HOH A O   1 
HETATM 1286 O O   . HOH B 2 .   ? -14.526 -6.526  -0.333  1.00 40.47 ? 253 HOH A O   1 
HETATM 1287 O O   . HOH B 2 .   ? 14.505  1.902   -11.238 1.00 41.56 ? 254 HOH A O   1 
HETATM 1288 O O   . HOH B 2 .   ? -13.487 -7.874  -6.665  1.00 41.32 ? 255 HOH A O   1 
HETATM 1289 O O   . HOH B 2 .   ? -5.110  -16.030 8.334   1.00 29.00 ? 256 HOH A O   1 
HETATM 1290 O O   . HOH B 2 .   ? 3.254   -8.687  10.003  1.00 32.49 ? 257 HOH A O   1 
HETATM 1291 O O   . HOH B 2 .   ? 2.749   15.900  -5.788  1.00 35.84 ? 258 HOH A O   1 
HETATM 1292 O O   . HOH B 2 .   ? -1.940  -12.571 14.049  1.00 33.13 ? 259 HOH A O   1 
HETATM 1293 O O   . HOH B 2 .   ? 5.275   13.482  -0.636  1.00 33.84 ? 260 HOH A O   1 
HETATM 1294 O O   . HOH B 2 .   ? 2.399   14.761  5.930   1.00 34.62 ? 261 HOH A O   1 
HETATM 1295 O O   . HOH B 2 .   ? 2.443   -12.152 -11.779 1.00 30.80 ? 262 HOH A O   1 
HETATM 1296 O O   . HOH B 2 .   ? 13.442  1.048   2.001   1.00 28.02 ? 263 HOH A O   1 
HETATM 1297 O O   . HOH B 2 .   ? 16.565  -0.943  -0.965  1.00 40.49 ? 264 HOH A O   1 
HETATM 1298 O O   . HOH B 2 .   ? 11.805  7.442   3.630   1.00 31.58 ? 265 HOH A O   1 
HETATM 1299 O O   . HOH B 2 .   ? -2.737  -4.961  -19.150 1.00 40.06 ? 266 HOH A O   1 
HETATM 1300 O O   . HOH B 2 .   ? 3.676   -11.771 9.336   1.00 39.83 ? 267 HOH A O   1 
HETATM 1301 O O   . HOH B 2 .   ? 2.801   -17.593 0.986   1.00 35.17 ? 268 HOH A O   1 
HETATM 1302 O O   . HOH B 2 .   ? 15.069  3.031   1.398   1.00 35.40 ? 269 HOH A O   1 
HETATM 1303 O O   . HOH B 2 .   ? 13.671  4.180   -3.777  1.00 32.36 ? 270 HOH A O   1 
HETATM 1304 O O   . HOH B 2 .   ? 16.065  1.957   -4.537  1.00 32.57 ? 271 HOH A O   1 
HETATM 1305 O O   . HOH B 2 .   ? 10.085  -10.120 -8.385  1.00 31.36 ? 272 HOH A O   1 
HETATM 1306 O O   . HOH B 2 .   ? -5.188  0.038   12.234  1.00 39.77 ? 273 HOH A O   1 
HETATM 1307 O O   . HOH B 2 .   ? 9.186   -12.479 -1.500  1.00 36.26 ? 274 HOH A O   1 
HETATM 1308 O O   . HOH B 2 .   ? -1.971  3.031   -21.132 1.00 41.10 ? 275 HOH A O   1 
HETATM 1309 O O   . HOH B 2 .   ? 7.719   14.360  0.002   1.00 42.94 ? 276 HOH A O   1 
HETATM 1310 O O   . HOH B 2 .   ? 0.483   -14.602 7.520   1.00 46.26 ? 277 HOH A O   1 
HETATM 1311 O O   . HOH B 2 .   ? 3.519   6.795   17.000  1.00 45.85 ? 278 HOH A O   1 
HETATM 1312 O O   . HOH B 2 .   ? -3.526  1.222   -19.775 1.00 34.97 ? 279 HOH A O   1 
HETATM 1313 O O   . HOH B 2 .   ? 2.686   -16.242 -3.802  1.00 36.02 ? 280 HOH A O   1 
HETATM 1314 O O   . HOH B 2 .   ? 10.394  -9.533  1.895   1.00 37.79 ? 281 HOH A O   1 
HETATM 1315 O O   . HOH B 2 .   ? 1.464   17.500  3.620   1.00 42.53 ? 282 HOH A O   1 
HETATM 1316 O O   . HOH B 2 .   ? -3.801  -17.160 6.406   1.00 41.27 ? 283 HOH A O   1 
HETATM 1317 O O   . HOH B 2 .   ? -13.536 -7.737  -3.856  1.00 35.46 ? 284 HOH A O   1 
HETATM 1318 O O   . HOH B 2 .   ? 2.819   4.545   18.406  1.00 34.52 ? 285 HOH A O   1 
HETATM 1319 O O   . HOH B 2 .   ? -7.249  0.619   -20.654 1.00 37.14 ? 286 HOH A O   1 
HETATM 1320 O O   . HOH B 2 .   ? -11.268 -14.182 3.673   1.00 32.04 ? 287 HOH A O   1 
HETATM 1321 O O   . HOH B 2 .   ? 17.435  -4.822  -6.867  1.00 33.31 ? 288 HOH A O   1 
HETATM 1322 O O   . HOH B 2 .   ? -12.113 4.769   -11.891 1.00 41.32 ? 289 HOH A O   1 
HETATM 1323 O O   . HOH B 2 .   ? 1.584   9.685   -12.596 1.00 45.70 ? 290 HOH A O   1 
HETATM 1324 O O   . HOH B 2 .   ? -2.868  9.600   -20.652 1.00 34.24 ? 291 HOH A O   1 
HETATM 1325 O O   . HOH B 2 .   ? 12.195  -6.902  -10.600 1.00 38.39 ? 292 HOH A O   1 
HETATM 1326 O O   . HOH B 2 .   ? 11.274  7.474   14.851  1.00 45.83 ? 293 HOH A O   1 
HETATM 1327 O O   . HOH B 2 .   ? -11.843 13.759  2.125   1.00 44.94 ? 294 HOH A O   1 
HETATM 1328 O O   . HOH B 2 .   ? -10.217 11.138  -8.878  1.00 31.77 ? 295 HOH A O   1 
HETATM 1329 O O   . HOH B 2 .   ? -2.238  -8.999  -18.881 1.00 45.23 ? 296 HOH A O   1 
HETATM 1330 O O   . HOH B 2 .   ? 11.555  -8.768  -12.488 1.00 41.25 ? 297 HOH A O   1 
HETATM 1331 O O   . HOH B 2 .   ? 3.840   -5.159  -16.160 1.00 23.40 ? 298 HOH A O   1 
HETATM 1332 O O   . HOH B 2 .   ? 7.780   -5.429  -13.743 1.00 20.36 ? 299 HOH A O   1 
HETATM 1333 O O   . HOH B 2 .   ? 11.167  -0.600  -11.526 1.00 27.72 ? 300 HOH A O   1 
HETATM 1334 O O   . HOH B 2 .   ? -8.855  -15.700 2.985   1.00 28.14 ? 301 HOH A O   1 
HETATM 1335 O O   . HOH B 2 .   ? 9.762   -1.765  -13.826 1.00 24.90 ? 302 HOH A O   1 
HETATM 1336 O O   . HOH B 2 .   ? -13.151 -13.680 8.332   1.00 26.02 ? 303 HOH A O   1 
HETATM 1337 O O   . HOH B 2 .   ? -9.070  -4.052  -13.959 1.00 24.70 ? 304 HOH A O   1 
HETATM 1338 O O   . HOH B 2 .   ? 10.555  -6.381  -13.288 1.00 30.69 ? 305 HOH A O   1 
HETATM 1339 O O   . HOH B 2 .   ? -9.437  14.954  11.863  1.00 31.22 ? 306 HOH A O   1 
HETATM 1340 O O   . HOH B 2 .   ? 5.894   -14.710 -6.359  1.00 34.56 ? 307 HOH A O   1 
HETATM 1341 O O   . HOH B 2 .   ? 9.074   -13.809 -3.698  1.00 43.18 ? 308 HOH A O   1 
HETATM 1342 O O   . HOH B 2 .   ? 9.662   -12.498 -7.620  1.00 46.54 ? 309 HOH A O   1 
HETATM 1343 O O   . HOH B 2 .   ? 16.997  4.794   -6.505  1.00 38.92 ? 310 HOH A O   1 
HETATM 1344 O O   . HOH B 2 .   ? -11.591 9.843   14.793  1.00 34.85 ? 311 HOH A O   1 
HETATM 1345 O O   . HOH B 2 .   ? -5.497  5.077   14.507  1.00 34.40 ? 312 HOH A O   1 
HETATM 1346 O O   . HOH B 2 .   ? -9.539  -15.644 7.489   1.00 36.85 ? 313 HOH A O   1 
HETATM 1347 O O   . HOH B 2 .   ? -19.700 9.072   0.644   1.00 38.46 ? 314 HOH A O   1 
HETATM 1348 O O   . HOH B 2 .   ? 3.490   -6.298  5.499   1.00 42.35 ? 315 HOH A O   1 
HETATM 1349 O O   . HOH B 2 .   ? -7.741  -6.239  -12.618 1.00 39.94 ? 316 HOH A O   1 
HETATM 1350 O O   . HOH B 2 .   ? -5.945  11.413  10.896  1.00 34.17 ? 317 HOH A O   1 
HETATM 1351 O O   . HOH B 2 .   ? -11.882 12.846  12.239  1.00 38.87 ? 318 HOH A O   1 
HETATM 1352 O O   . HOH B 2 .   ? -6.800  -2.148  -19.834 1.00 41.43 ? 319 HOH A O   1 
HETATM 1353 O O   . HOH B 2 .   ? 7.787   -7.087  -15.935 1.00 42.08 ? 320 HOH A O   1 
HETATM 1354 O O   . HOH B 2 .   ? -1.556  -18.059 -4.017  1.00 48.45 ? 321 HOH A O   1 
HETATM 1355 O O   . HOH B 2 .   ? -16.831 1.854   -5.765  1.00 46.00 ? 322 HOH A O   1 
HETATM 1356 O O   . HOH B 2 .   ? -4.961  15.856  -4.270  1.00 47.76 ? 323 HOH A O   1 
HETATM 1357 O O   . HOH B 2 .   ? -5.640  -17.556 10.405  1.00 41.95 ? 324 HOH A O   1 
HETATM 1358 O O   . HOH B 2 .   ? 3.141   -13.817 -9.861  1.00 42.04 ? 325 HOH A O   1 
HETATM 1359 O O   . HOH B 2 .   ? 13.665  9.050   5.024   1.00 39.46 ? 326 HOH A O   1 
HETATM 1360 O O   . HOH B 2 .   ? -11.142 14.794  -0.297  1.00 45.02 ? 327 HOH A O   1 
HETATM 1361 O O   . HOH B 2 .   ? -9.161  -1.849  -18.107 1.00 33.03 ? 328 HOH A O   1 
HETATM 1362 O O   . HOH B 2 .   ? -11.887 12.755  -1.834  1.00 38.39 ? 329 HOH A O   1 
HETATM 1363 O O   . HOH B 2 .   ? -0.351  -14.788 -10.853 1.00 38.35 ? 330 HOH A O   1 
HETATM 1364 O O   . HOH B 2 .   ? -16.120 -6.746  -4.413  1.00 39.35 ? 331 HOH A O   1 
HETATM 1365 O O   . HOH B 2 .   ? 0.191   -11.839 -13.094 1.00 35.55 ? 332 HOH A O   1 
HETATM 1366 O O   . HOH B 2 .   ? -17.430 7.042   -6.289  1.00 40.59 ? 333 HOH A O   1 
HETATM 1367 O O   . HOH B 2 .   ? 5.248   -12.183 4.335   1.00 47.49 ? 334 HOH A O   1 
HETATM 1368 O O   . HOH B 2 .   ? -14.059 14.402  3.444   1.00 41.06 ? 335 HOH A O   1 
HETATM 1369 O O   . HOH B 2 .   ? -2.249  0.906   15.116  1.00 47.69 ? 336 HOH A O   1 
HETATM 1370 O O   . HOH B 2 .   ? -7.690  8.804   -20.608 1.00 46.56 ? 337 HOH A O   1 
HETATM 1371 O O   . HOH B 2 .   ? -4.181  1.098   -1.583  1.00 39.58 ? 338 HOH A O   1 
HETATM 1372 O O   . HOH B 2 .   ? -4.498  -5.102  -14.777 1.00 42.53 ? 339 HOH A O   1 
HETATM 1373 O O   . HOH B 2 .   ? -15.175 -9.490  -0.443  1.00 44.14 ? 340 HOH A O   1 
HETATM 1374 O O   . HOH B 2 .   ? -7.459  0.079   -23.275 1.00 43.17 ? 341 HOH A O   1 
HETATM 1375 O O   . HOH B 2 .   ? 14.433  9.913   -3.687  1.00 43.27 ? 342 HOH A O   1 
HETATM 1376 O O   . HOH B 2 .   ? -5.004  -19.415 -6.908  1.00 47.65 ? 343 HOH A O   1 
HETATM 1377 O O   . HOH B 2 .   ? 0.904   12.829  6.719   1.00 39.19 ? 344 HOH A O   1 
HETATM 1378 O O   . HOH B 2 .   ? -11.223 -3.464  -17.912 1.00 41.33 ? 345 HOH A O   1 
HETATM 1379 O O   . HOH B 2 .   ? 15.604  1.412   -8.945  1.00 49.00 ? 346 HOH A O   1 
HETATM 1380 O O   . HOH B 2 .   ? -10.696 13.022  -4.125  1.00 39.98 ? 347 HOH A O   1 
HETATM 1381 O O   . HOH B 2 .   ? 10.028  -11.678 3.347   1.00 47.46 ? 348 HOH A O   1 
HETATM 1382 O O   . HOH B 2 .   ? 11.620  -13.724 -5.490  1.00 46.60 ? 349 HOH A O   1 
HETATM 1383 O O   . HOH B 2 .   ? -10.570 16.999  10.139  1.00 42.26 ? 350 HOH A O   1 
HETATM 1384 O O   . HOH B 2 .   ? 7.504   11.320  7.250   1.00 45.42 ? 351 HOH A O   1 
HETATM 1385 O O   . HOH B 2 .   ? 3.157   11.446  7.014   1.00 43.36 ? 352 HOH A O   1 
HETATM 1386 O O   . HOH B 2 .   ? -3.899  -2.482  -18.593 1.00 42.47 ? 353 HOH A O   1 
HETATM 1387 O O   . HOH B 2 .   ? -11.691 -14.938 6.301   1.00 46.88 ? 354 HOH A O   1 
HETATM 1388 O O   . HOH B 2 .   ? -7.964  -17.305 12.103  1.00 45.64 ? 355 HOH A O   1 
# 
